data_7OK5
#
_entry.id   7OK5
#
_cell.length_a   77.604
_cell.length_b   96.273
_cell.length_c   238.607
_cell.angle_alpha   90.000
_cell.angle_beta   90.000
_cell.angle_gamma   90.000
#
_symmetry.space_group_name_H-M   'P 21 21 21'
#
loop_
_entity.id
_entity.type
_entity.pdbx_description
1 polymer 'Neurofascin 155'
2 branched alpha-D-mannopyranose-(1-2)-alpha-D-mannopyranose-(1-3)-[alpha-D-mannopyranose-(1-3)-alpha-D-mannopyranose-(1-6)]beta-D-mannopyranose-(1-4)-2-acetamido-2-deoxy-beta-D-glucopyranose-(1-4)-2-acetamido-2-deoxy-beta-D-glucopyranose
3 branched alpha-D-mannopyranose-(1-3)-beta-D-mannopyranose-(1-4)-2-acetamido-2-deoxy-beta-D-glucopyranose-(1-4)-2-acetamido-2-deoxy-beta-D-glucopyranose
4 branched beta-D-mannopyranose-(1-4)-2-acetamido-2-deoxy-beta-D-glucopyranose-(1-4)-2-acetamido-2-deoxy-beta-D-glucopyranose
5 branched alpha-D-mannopyranose-(1-3)-[alpha-D-mannopyranose-(1-6)]beta-D-mannopyranose-(1-4)-2-acetamido-2-deoxy-beta-D-glucopyranose-(1-4)-2-acetamido-2-deoxy-beta-D-glucopyranose
#
_entity_poly.entity_id   1
_entity_poly.type   'polypeptide(L)'
_entity_poly.pdbx_seq_one_letter_code
;GSIEIPMDLTQPPTITKQSVKDHIVDPRDNILIECEAKGNPAPSFHWTRNSRFFNIAKDPRVSMRRRSGTLVIDFRSGGR
PEEYEGEYQCFARNKFGTALSNRIRLQVSKSPLWPKENLDPVVVQEGAPLTLQCNPPPGLPSPVIFWMSSSMEPITQDKR
VSQGHNGDLYFSNVMLQDMQTDYSCNARFHFTHTIQQKNPFTLKVLTNNPYNDSSLRNHPDIYSARGVAERTPSFMYPQG
TSSSQMVLRGMDLLLECIASGVPTPDIAWYKKGGDLPSNKAKFENFNKALRITNVSEEDSGEYFCLASNKMGSIRHTISV
RVKAAPYWLDEPKNLILAPGEDGRLVCRANGNPKPTVQWMVNGEPLQSAPPNPNREVAGDTIIFRDTQISSRAVYQCNTS
NEHGYLLANAFVSVLDVPPRMLSARNQLIRVILYNRTRLDCPFFGSPIPTLRWFKNGQGSNLDGGNYHVYENGSLEIKMI
RKEDQGIYTCVATNILGKAENQVRLEVKDPTRIYRMPEDQVAKRGTTVQLECRVKHDPSLKLTVSWLKDDEPLYIGNRMK
KEDDSLTIFGVAERDQGSYTCMASTELDQDLAKAYLTVLADQATPTNRLAAHHHHHH
;
_entity_poly.pdbx_strand_id   B,A
#
loop_
_chem_comp.id
_chem_comp.type
_chem_comp.name
_chem_comp.formula
BMA D-saccharide, beta linking beta-D-mannopyranose 'C6 H12 O6'
MAN D-saccharide, alpha linking alpha-D-mannopyranose 'C6 H12 O6'
NAG D-saccharide, beta linking 2-acetamido-2-deoxy-beta-D-glucopyranose 'C8 H15 N O6'
#
# COMPACT_ATOMS: atom_id res chain seq x y z
N SER A 2 2.91 45.50 13.64
CA SER A 2 2.57 46.34 12.50
C SER A 2 1.27 47.09 12.73
N ILE A 3 0.99 48.08 11.89
CA ILE A 3 -0.21 48.90 11.98
C ILE A 3 -0.97 48.78 10.66
N GLU A 4 -2.24 48.39 10.73
CA GLU A 4 -3.06 48.26 9.54
C GLU A 4 -3.66 49.60 9.14
N ILE A 5 -4.00 49.71 7.87
CA ILE A 5 -4.62 50.90 7.30
C ILE A 5 -6.02 50.52 6.82
N PRO A 6 -7.05 51.30 7.13
CA PRO A 6 -8.39 50.99 6.61
C PRO A 6 -8.40 50.99 5.10
N MET A 7 -9.31 50.20 4.52
CA MET A 7 -9.33 49.99 3.08
C MET A 7 -9.87 51.18 2.31
N ASP A 8 -10.65 52.06 2.94
CA ASP A 8 -11.18 53.23 2.23
C ASP A 8 -10.08 54.24 1.93
N LEU A 9 -8.98 54.22 2.66
CA LEU A 9 -7.86 55.12 2.41
C LEU A 9 -6.88 54.47 1.44
N THR A 10 -6.28 55.30 0.57
CA THR A 10 -5.35 54.80 -0.42
C THR A 10 -4.13 54.19 0.25
N GLN A 11 -3.75 52.98 -0.19
CA GLN A 11 -2.66 52.25 0.42
C GLN A 11 -2.04 51.30 -0.59
N PRO A 12 -0.72 51.10 -0.54
CA PRO A 12 -0.07 50.10 -1.40
C PRO A 12 -0.53 48.69 -1.03
N PRO A 13 -0.27 47.70 -1.87
CA PRO A 13 -0.77 46.35 -1.59
C PRO A 13 -0.06 45.71 -0.40
N THR A 14 -0.75 44.77 0.22
CA THR A 14 -0.22 44.01 1.35
C THR A 14 -0.62 42.56 1.20
N ILE A 15 0.35 41.66 1.33
CA ILE A 15 0.08 40.23 1.11
C ILE A 15 -0.53 39.65 2.38
N THR A 16 -1.77 39.16 2.27
CA THR A 16 -2.54 38.62 3.38
C THR A 16 -2.27 37.13 3.59
N LYS A 17 -2.15 36.37 2.52
CA LYS A 17 -2.04 34.93 2.59
C LYS A 17 -1.18 34.43 1.42
N GLN A 18 -0.42 33.37 1.67
CA GLN A 18 0.40 32.78 0.63
C GLN A 18 0.68 31.33 0.99
N SER A 19 1.24 30.60 0.04
CA SER A 19 1.63 29.22 0.30
C SER A 19 2.94 29.19 1.09
N VAL A 20 3.22 28.01 1.65
CA VAL A 20 4.45 27.85 2.42
C VAL A 20 5.64 27.80 1.47
N LYS A 21 6.81 28.14 2.01
CA LYS A 21 8.04 28.09 1.21
C LYS A 21 8.28 26.69 0.66
N ASP A 22 8.06 25.66 1.48
CA ASP A 22 8.25 24.27 1.08
C ASP A 22 6.86 23.66 0.89
N HIS A 23 6.33 23.79 -0.32
CA HIS A 23 4.95 23.45 -0.64
C HIS A 23 4.92 22.06 -1.28
N ILE A 24 4.67 21.05 -0.46
CA ILE A 24 4.49 19.68 -0.96
C ILE A 24 3.02 19.46 -1.25
N VAL A 25 2.72 18.84 -2.39
CA VAL A 25 1.35 18.62 -2.81
C VAL A 25 1.14 17.15 -3.16
N ASP A 26 -0.09 16.69 -2.96
CA ASP A 26 -0.47 15.33 -3.32
C ASP A 26 -0.44 15.17 -4.84
N PRO A 27 0.02 14.02 -5.36
CA PRO A 27 0.06 13.84 -6.81
C PRO A 27 -1.29 13.62 -7.47
N ARG A 28 -2.37 13.57 -6.70
CA ARG A 28 -3.71 13.37 -7.25
C ARG A 28 -4.51 14.65 -7.33
N ASP A 29 -4.47 15.48 -6.29
CA ASP A 29 -5.32 16.66 -6.22
C ASP A 29 -4.89 17.71 -7.25
N ASN A 30 -5.78 18.67 -7.48
CA ASN A 30 -5.43 19.84 -8.26
C ASN A 30 -4.53 20.77 -7.46
N ILE A 31 -3.62 21.44 -8.13
CA ILE A 31 -2.60 22.23 -7.46
C ILE A 31 -3.15 23.62 -7.16
N LEU A 32 -2.87 24.12 -5.96
CA LEU A 32 -3.33 25.44 -5.54
C LEU A 32 -2.16 26.20 -4.95
N ILE A 33 -1.79 27.31 -5.58
CA ILE A 33 -0.69 28.16 -5.14
C ILE A 33 -1.30 29.48 -4.71
N GLU A 34 -1.49 29.65 -3.40
CA GLU A 34 -2.25 30.79 -2.89
C GLU A 34 -1.39 32.05 -2.80
N CYS A 35 -1.99 33.18 -3.17
CA CYS A 35 -1.36 34.49 -3.02
C CYS A 35 -2.48 35.53 -3.06
N GLU A 36 -2.89 36.01 -1.90
CA GLU A 36 -3.97 36.99 -1.80
C GLU A 36 -3.42 38.28 -1.19
N ALA A 37 -3.94 39.41 -1.65
CA ALA A 37 -3.42 40.69 -1.21
C ALA A 37 -4.55 41.72 -1.09
N LYS A 38 -4.24 42.81 -0.40
CA LYS A 38 -5.12 43.95 -0.23
C LYS A 38 -4.50 45.17 -0.89
N GLY A 39 -5.36 46.16 -1.16
CA GLY A 39 -4.95 47.43 -1.71
C GLY A 39 -6.16 48.28 -2.01
N ASN A 40 -6.13 49.56 -1.67
CA ASN A 40 -7.29 50.41 -1.91
C ASN A 40 -7.59 50.55 -3.39
N PRO A 41 -6.62 50.85 -4.26
CA PRO A 41 -6.79 50.44 -5.67
C PRO A 41 -6.60 48.92 -5.73
N ALA A 42 -7.65 48.22 -6.15
CA ALA A 42 -7.64 46.76 -6.18
C ALA A 42 -6.39 46.26 -6.89
N PRO A 43 -5.54 45.47 -6.23
CA PRO A 43 -4.27 45.09 -6.85
C PRO A 43 -4.45 44.08 -7.96
N SER A 44 -3.52 44.12 -8.91
CA SER A 44 -3.34 43.09 -9.91
C SER A 44 -2.25 42.13 -9.45
N PHE A 45 -2.19 40.97 -10.10
CA PHE A 45 -1.29 39.91 -9.67
C PHE A 45 -0.60 39.29 -10.88
N HIS A 46 0.66 38.93 -10.71
CA HIS A 46 1.33 38.08 -11.69
C HIS A 46 2.35 37.20 -10.99
N TRP A 47 2.88 36.22 -11.73
CA TRP A 47 3.78 35.22 -11.16
C TRP A 47 5.03 35.10 -12.01
N THR A 48 6.11 34.66 -11.36
CA THR A 48 7.33 34.25 -12.04
C THR A 48 7.63 32.81 -11.63
N ARG A 49 7.72 31.92 -12.62
CA ARG A 49 8.10 30.54 -12.41
C ARG A 49 9.57 30.37 -12.78
N ASN A 50 10.37 29.85 -11.83
CA ASN A 50 11.80 29.67 -12.03
C ASN A 50 12.48 30.98 -12.44
N SER A 51 12.09 32.06 -11.76
CA SER A 51 12.67 33.40 -11.93
C SER A 51 12.40 34.00 -13.31
N ARG A 52 11.37 33.52 -14.00
CA ARG A 52 10.99 34.08 -15.29
C ARG A 52 9.47 34.06 -15.42
N PHE A 53 8.95 35.03 -16.18
CA PHE A 53 7.51 35.30 -16.19
C PHE A 53 6.70 34.06 -16.53
N PHE A 54 5.59 33.87 -15.80
CA PHE A 54 4.74 32.70 -15.89
C PHE A 54 3.44 33.10 -16.59
N ASN A 55 3.29 32.68 -17.84
CA ASN A 55 2.20 33.15 -18.70
C ASN A 55 0.99 32.23 -18.53
N ILE A 56 0.02 32.67 -17.71
CA ILE A 56 -1.15 31.85 -17.43
C ILE A 56 -2.01 31.67 -18.66
N ALA A 57 -2.02 32.63 -19.57
CA ALA A 57 -2.87 32.54 -20.75
C ALA A 57 -2.49 31.37 -21.64
N LYS A 58 -1.18 31.16 -21.84
CA LYS A 58 -0.72 30.08 -22.70
C LYS A 58 -0.93 28.69 -22.10
N ASP A 59 -1.37 28.60 -20.85
CA ASP A 59 -1.62 27.30 -20.22
C ASP A 59 -3.10 27.19 -19.87
N PRO A 60 -3.84 26.27 -20.49
CA PRO A 60 -5.28 26.15 -20.19
C PRO A 60 -5.59 25.52 -18.85
N ARG A 61 -4.65 24.79 -18.24
CA ARG A 61 -4.90 24.21 -16.93
C ARG A 61 -4.78 25.26 -15.84
N VAL A 62 -3.83 26.17 -15.97
CA VAL A 62 -3.59 27.19 -14.95
C VAL A 62 -4.60 28.31 -15.11
N SER A 63 -5.29 28.64 -14.02
CA SER A 63 -6.20 29.78 -14.01
C SER A 63 -6.05 30.54 -12.71
N MET A 64 -6.21 31.86 -12.78
CA MET A 64 -6.01 32.74 -11.65
C MET A 64 -7.36 33.19 -11.10
N ARG A 65 -7.53 33.03 -9.78
CA ARG A 65 -8.78 33.42 -9.14
C ARG A 65 -8.99 34.93 -9.22
N ARG A 66 -10.26 35.33 -9.28
CA ARG A 66 -10.59 36.74 -9.31
C ARG A 66 -10.17 37.42 -8.01
N ARG A 67 -9.75 38.68 -8.14
CA ARG A 67 -9.37 39.53 -7.01
C ARG A 67 -8.19 38.97 -6.22
N SER A 68 -7.41 38.07 -6.83
CA SER A 68 -6.27 37.48 -6.16
C SER A 68 -5.32 36.93 -7.20
N GLY A 69 -4.14 36.52 -6.74
CA GLY A 69 -3.18 35.83 -7.56
C GLY A 69 -3.11 34.34 -7.33
N THR A 70 -4.03 33.79 -6.54
CA THR A 70 -4.05 32.36 -6.27
C THR A 70 -4.24 31.57 -7.55
N LEU A 71 -3.25 30.75 -7.88
CA LEU A 71 -3.31 29.92 -9.08
C LEU A 71 -3.92 28.57 -8.77
N VAL A 72 -4.83 28.12 -9.64
CA VAL A 72 -5.39 26.78 -9.56
C VAL A 72 -5.03 26.06 -10.85
N ILE A 73 -4.40 24.91 -10.71
CA ILE A 73 -4.00 24.06 -11.83
C ILE A 73 -4.87 22.81 -11.77
N ASP A 74 -5.73 22.66 -12.78
CA ASP A 74 -6.69 21.57 -12.87
C ASP A 74 -6.16 20.51 -13.84
N PHE A 75 -6.38 19.25 -13.49
CA PHE A 75 -5.85 18.12 -14.26
C PHE A 75 -6.95 17.18 -14.73
N ARG A 76 -8.20 17.64 -14.79
CA ARG A 76 -9.27 16.79 -15.31
C ARG A 76 -9.11 16.56 -16.81
N SER A 77 -8.68 17.58 -17.54
CA SER A 77 -8.45 17.44 -18.97
C SER A 77 -7.18 16.64 -19.28
N GLY A 78 -6.31 16.46 -18.29
CA GLY A 78 -5.06 15.75 -18.50
C GLY A 78 -3.90 16.45 -17.84
N GLY A 79 -2.75 15.78 -17.80
CA GLY A 79 -1.57 16.32 -17.15
C GLY A 79 -1.33 15.68 -15.78
N ARG A 80 -0.17 16.01 -15.21
CA ARG A 80 0.27 15.44 -13.95
C ARG A 80 0.91 16.53 -13.13
N PRO A 81 0.66 16.56 -11.81
CA PRO A 81 1.23 17.63 -10.97
C PRO A 81 2.74 17.73 -11.05
N GLU A 82 3.43 16.61 -11.23
CA GLU A 82 4.89 16.60 -11.21
C GLU A 82 5.49 17.50 -12.29
N GLU A 83 4.77 17.76 -13.37
CA GLU A 83 5.29 18.60 -14.45
C GLU A 83 5.11 20.10 -14.16
N TYR A 84 4.62 20.47 -12.98
CA TYR A 84 4.53 21.87 -12.58
C TYR A 84 5.41 22.19 -11.38
N GLU A 85 6.37 21.32 -11.06
CA GLU A 85 7.29 21.61 -9.96
C GLU A 85 8.18 22.79 -10.30
N GLY A 86 8.56 23.55 -9.28
CA GLY A 86 9.51 24.63 -9.49
C GLY A 86 9.33 25.73 -8.47
N GLU A 87 10.00 26.85 -8.73
CA GLU A 87 9.96 28.02 -7.86
C GLU A 87 8.96 29.03 -8.40
N TYR A 88 8.04 29.47 -7.55
CA TYR A 88 6.98 30.40 -7.92
C TYR A 88 7.03 31.61 -7.00
N GLN A 89 7.14 32.79 -7.60
CA GLN A 89 7.06 34.04 -6.85
C GLN A 89 5.84 34.82 -7.32
N CYS A 90 5.12 35.40 -6.37
CA CYS A 90 3.92 36.18 -6.61
C CYS A 90 4.21 37.67 -6.46
N PHE A 91 3.65 38.47 -7.36
CA PHE A 91 3.83 39.91 -7.37
C PHE A 91 2.45 40.55 -7.34
N ALA A 92 2.17 41.33 -6.30
CA ALA A 92 0.89 42.02 -6.13
C ALA A 92 1.15 43.51 -6.32
N ARG A 93 0.60 44.08 -7.39
CA ARG A 93 0.93 45.43 -7.82
C ARG A 93 -0.29 46.33 -7.79
N ASN A 94 -0.06 47.61 -7.55
CA ASN A 94 -1.06 48.65 -7.82
C ASN A 94 -0.32 49.96 -8.03
N LYS A 95 -1.10 51.01 -8.32
CA LYS A 95 -0.53 52.32 -8.64
C LYS A 95 0.42 52.83 -7.56
N PHE A 96 0.36 52.27 -6.35
CA PHE A 96 1.20 52.75 -5.25
C PHE A 96 2.40 51.87 -4.98
N GLY A 97 2.45 50.64 -5.49
CA GLY A 97 3.62 49.82 -5.27
C GLY A 97 3.36 48.36 -5.53
N THR A 98 4.44 47.58 -5.39
CA THR A 98 4.43 46.15 -5.67
C THR A 98 4.98 45.41 -4.45
N ALA A 99 4.22 44.42 -3.98
CA ALA A 99 4.61 43.59 -2.86
C ALA A 99 4.95 42.18 -3.35
N LEU A 100 6.00 41.61 -2.77
CA LEU A 100 6.51 40.30 -3.15
C LEU A 100 6.11 39.25 -2.13
N SER A 101 6.02 38.01 -2.59
CA SER A 101 5.78 36.86 -1.74
C SER A 101 7.05 36.05 -1.60
N ASN A 102 7.03 35.11 -0.65
CA ASN A 102 8.12 34.17 -0.53
C ASN A 102 8.20 33.29 -1.77
N ARG A 103 9.41 32.83 -2.09
CA ARG A 103 9.57 31.85 -3.15
C ARG A 103 8.94 30.53 -2.72
N ILE A 104 7.98 30.06 -3.49
CA ILE A 104 7.26 28.82 -3.21
C ILE A 104 7.93 27.71 -4.01
N ARG A 105 8.54 26.76 -3.32
CA ARG A 105 9.16 25.61 -3.98
C ARG A 105 8.13 24.49 -4.07
N LEU A 106 7.35 24.53 -5.15
CA LEU A 106 6.33 23.51 -5.39
C LEU A 106 7.00 22.20 -5.79
N GLN A 107 6.78 21.17 -4.97
CA GLN A 107 7.28 19.82 -5.20
C GLN A 107 6.17 18.83 -4.90
N VAL A 108 6.10 17.77 -5.69
CA VAL A 108 5.09 16.73 -5.49
C VAL A 108 5.67 15.65 -4.58
N SER A 109 4.84 15.16 -3.67
CA SER A 109 5.28 14.16 -2.70
C SER A 109 5.71 12.89 -3.42
N LYS A 110 6.60 12.14 -2.77
CA LYS A 110 7.17 10.93 -3.36
C LYS A 110 7.19 9.82 -2.33
N SER A 111 6.60 8.68 -2.69
CA SER A 111 6.61 7.47 -1.88
C SER A 111 7.22 6.35 -2.72
N PRO A 112 8.51 6.46 -3.05
CA PRO A 112 9.06 5.61 -4.12
C PRO A 112 9.13 4.14 -3.74
N LEU A 113 8.99 3.31 -4.76
CA LEU A 113 9.17 1.87 -4.61
C LEU A 113 10.63 1.54 -4.34
N TRP A 114 10.86 0.33 -3.87
CA TRP A 114 12.21 -0.20 -3.80
C TRP A 114 12.64 -0.69 -5.17
N PRO A 115 13.84 -0.36 -5.63
CA PRO A 115 14.31 -0.88 -6.92
C PRO A 115 14.39 -2.40 -6.90
N LYS A 116 14.12 -2.99 -8.06
CA LYS A 116 14.18 -4.44 -8.19
C LYS A 116 15.57 -4.96 -7.84
N GLU A 117 15.67 -5.65 -6.70
CA GLU A 117 16.94 -6.13 -6.20
C GLU A 117 16.80 -7.58 -5.75
N ASN A 118 17.86 -8.35 -5.93
CA ASN A 118 17.93 -9.75 -5.48
C ASN A 118 18.99 -9.82 -4.40
N LEU A 119 18.53 -9.90 -3.14
CA LEU A 119 19.43 -9.88 -2.00
C LEU A 119 19.99 -11.26 -1.72
N ASP A 120 21.31 -11.35 -1.58
CA ASP A 120 21.94 -12.61 -1.21
C ASP A 120 21.63 -12.93 0.25
N PRO A 121 21.54 -14.21 0.61
CA PRO A 121 21.37 -14.57 2.02
C PRO A 121 22.61 -14.17 2.83
N VAL A 122 22.39 -13.34 3.85
CA VAL A 122 23.49 -12.89 4.69
C VAL A 122 23.99 -14.06 5.52
N VAL A 123 25.31 -14.24 5.55
CA VAL A 123 25.96 -15.26 6.38
C VAL A 123 26.88 -14.55 7.34
N VAL A 124 26.84 -14.96 8.61
CA VAL A 124 27.62 -14.27 9.65
C VAL A 124 28.03 -15.28 10.72
N GLN A 125 29.20 -15.04 11.31
CA GLN A 125 29.66 -15.83 12.43
C GLN A 125 28.93 -15.40 13.70
N GLU A 126 28.61 -16.37 14.56
CA GLU A 126 27.92 -16.08 15.80
C GLU A 126 28.79 -15.24 16.72
N GLY A 127 28.26 -14.10 17.17
CA GLY A 127 28.99 -13.18 18.01
C GLY A 127 29.61 -12.01 17.30
N ALA A 128 29.59 -12.00 15.96
CA ALA A 128 30.18 -10.94 15.17
C ALA A 128 29.24 -9.76 15.04
N PRO A 129 29.76 -8.57 14.76
CA PRO A 129 28.89 -7.42 14.52
C PRO A 129 28.25 -7.49 13.14
N LEU A 130 27.04 -6.94 13.05
CA LEU A 130 26.30 -7.00 11.79
C LEU A 130 25.58 -5.68 11.54
N THR A 131 25.50 -5.28 10.28
CA THR A 131 24.76 -4.08 9.87
C THR A 131 23.93 -4.44 8.64
N LEU A 132 22.61 -4.45 8.79
CA LEU A 132 21.68 -4.64 7.68
C LEU A 132 21.28 -3.26 7.17
N GLN A 133 21.75 -2.92 5.98
CA GLN A 133 21.50 -1.60 5.40
C GLN A 133 20.11 -1.56 4.77
N CYS A 134 19.36 -0.50 5.06
CA CYS A 134 18.05 -0.30 4.46
C CYS A 134 18.16 0.44 3.13
N ASN A 135 18.80 1.62 3.14
CA ASN A 135 19.04 2.45 1.96
C ASN A 135 17.75 2.72 1.20
N PRO A 136 16.84 3.52 1.75
CA PRO A 136 15.58 3.78 1.06
C PRO A 136 15.74 4.83 -0.01
N PRO A 137 15.06 4.68 -1.14
CA PRO A 137 15.07 5.73 -2.17
C PRO A 137 14.42 7.00 -1.64
N PRO A 138 14.97 8.16 -1.98
CA PRO A 138 14.49 9.40 -1.35
C PRO A 138 13.04 9.71 -1.70
N GLY A 139 12.32 10.21 -0.70
CA GLY A 139 10.93 10.59 -0.89
C GLY A 139 10.59 11.80 -0.05
N LEU A 140 9.52 12.49 -0.44
CA LEU A 140 9.06 13.67 0.24
C LEU A 140 7.67 13.44 0.80
N PRO A 141 7.44 13.67 2.10
CA PRO A 141 8.47 13.93 3.12
C PRO A 141 9.18 12.65 3.54
N SER A 142 10.15 12.78 4.45
CA SER A 142 10.95 11.63 4.85
C SER A 142 10.07 10.56 5.48
N PRO A 143 10.20 9.29 5.10
CA PRO A 143 9.35 8.24 5.65
C PRO A 143 9.87 7.73 7.00
N VAL A 144 8.95 7.15 7.76
CA VAL A 144 9.29 6.46 9.00
C VAL A 144 9.76 5.05 8.65
N ILE A 145 10.97 4.72 9.06
CA ILE A 145 11.55 3.40 8.79
C ILE A 145 11.21 2.46 9.93
N PHE A 146 10.79 1.24 9.60
CA PHE A 146 10.57 0.22 10.61
C PHE A 146 10.81 -1.16 10.01
N TRP A 147 11.35 -2.06 10.81
CA TRP A 147 11.71 -3.40 10.36
C TRP A 147 10.65 -4.41 10.76
N MET A 148 10.46 -5.40 9.90
CA MET A 148 9.33 -6.32 10.04
C MET A 148 9.64 -7.58 9.25
N SER A 149 9.00 -8.68 9.64
CA SER A 149 9.12 -9.88 8.84
C SER A 149 8.32 -9.74 7.55
N SER A 150 8.65 -10.58 6.57
CA SER A 150 7.90 -10.57 5.32
C SER A 150 6.46 -11.02 5.55
N SER A 151 6.23 -11.88 6.53
CA SER A 151 4.89 -12.25 6.95
C SER A 151 4.25 -11.18 7.84
N MET A 152 4.89 -10.02 7.96
CA MET A 152 4.39 -8.87 8.72
C MET A 152 4.34 -9.14 10.21
N GLU A 153 5.20 -10.02 10.71
CA GLU A 153 5.36 -10.14 12.15
C GLU A 153 6.36 -9.11 12.67
N PRO A 154 6.17 -8.62 13.89
CA PRO A 154 7.07 -7.59 14.41
C PRO A 154 8.44 -8.15 14.76
N ILE A 155 9.45 -7.28 14.68
CA ILE A 155 10.82 -7.62 15.04
C ILE A 155 11.13 -6.98 16.38
N THR A 156 11.68 -7.77 17.30
CA THR A 156 11.97 -7.31 18.65
C THR A 156 13.31 -6.60 18.68
N GLN A 157 13.31 -5.34 19.11
CA GLN A 157 14.54 -4.58 19.29
C GLN A 157 14.86 -4.46 20.78
N ASP A 158 16.15 -4.44 21.09
CA ASP A 158 16.60 -4.34 22.48
C ASP A 158 17.95 -3.62 22.49
N LYS A 159 18.72 -3.84 23.55
CA LYS A 159 20.02 -3.18 23.67
C LYS A 159 21.04 -3.75 22.69
N ARG A 160 20.87 -5.01 22.29
CA ARG A 160 21.82 -5.67 21.40
C ARG A 160 21.53 -5.41 19.93
N VAL A 161 20.25 -5.44 19.55
CA VAL A 161 19.83 -5.28 18.16
C VAL A 161 18.83 -4.13 18.09
N SER A 162 19.14 -3.12 17.29
CA SER A 162 18.22 -1.99 17.14
C SER A 162 18.59 -1.22 15.88
N GLN A 163 17.73 -0.28 15.49
CA GLN A 163 17.95 0.48 14.27
C GLN A 163 18.37 1.90 14.60
N GLY A 164 19.23 2.46 13.74
CA GLY A 164 19.63 3.85 13.84
C GLY A 164 18.64 4.77 13.14
N HIS A 165 18.90 6.07 13.26
CA HIS A 165 18.04 7.06 12.61
C HIS A 165 18.07 6.91 11.09
N ASN A 166 19.22 6.52 10.54
CA ASN A 166 19.35 6.27 9.12
C ASN A 166 18.57 5.05 8.65
N GLY A 167 18.11 4.21 9.57
CA GLY A 167 17.27 3.08 9.24
C GLY A 167 17.97 1.73 9.19
N ASP A 168 19.30 1.70 9.22
CA ASP A 168 20.00 0.43 9.20
C ASP A 168 19.86 -0.28 10.53
N LEU A 169 19.75 -1.61 10.49
CA LEU A 169 19.61 -2.43 11.68
C LEU A 169 20.99 -2.89 12.13
N TYR A 170 21.35 -2.56 13.37
CA TYR A 170 22.64 -2.89 13.94
C TYR A 170 22.50 -4.06 14.93
N PHE A 171 23.36 -5.06 14.77
CA PHE A 171 23.54 -6.17 15.70
C PHE A 171 24.90 -5.99 16.35
N SER A 172 24.91 -5.71 17.66
CA SER A 172 26.17 -5.60 18.39
C SER A 172 26.89 -6.95 18.41
N ASN A 173 26.14 -8.03 18.60
CA ASN A 173 26.66 -9.39 18.48
C ASN A 173 25.53 -10.27 18.00
N VAL A 174 25.78 -11.03 16.94
CA VAL A 174 24.74 -11.88 16.37
C VAL A 174 24.63 -13.16 17.20
N MET A 175 23.39 -13.60 17.41
CA MET A 175 23.09 -14.82 18.15
C MET A 175 22.48 -15.86 17.21
N LEU A 176 22.28 -17.07 17.74
CA LEU A 176 21.66 -18.14 16.96
C LEU A 176 20.18 -17.91 16.75
N GLN A 177 19.52 -17.21 17.68
CA GLN A 177 18.08 -17.01 17.57
C GLN A 177 17.69 -16.04 16.46
N ASP A 178 18.65 -15.25 15.96
CA ASP A 178 18.32 -14.23 14.97
C ASP A 178 17.90 -14.82 13.61
N MET A 179 18.08 -16.12 13.40
CA MET A 179 17.54 -16.77 12.21
C MET A 179 16.06 -17.10 12.34
N GLN A 180 15.44 -16.79 13.49
CA GLN A 180 14.05 -17.17 13.71
C GLN A 180 13.11 -16.45 12.75
N THR A 181 13.49 -15.28 12.27
CA THR A 181 12.63 -14.48 11.41
C THR A 181 13.49 -13.76 10.39
N ASP A 182 12.88 -13.44 9.25
CA ASP A 182 13.55 -12.68 8.22
C ASP A 182 13.35 -11.19 8.44
N TYR A 183 14.25 -10.39 7.88
CA TYR A 183 14.31 -8.95 8.14
C TYR A 183 14.02 -8.19 6.86
N SER A 184 12.91 -7.46 6.85
CA SER A 184 12.53 -6.61 5.74
C SER A 184 12.34 -5.18 6.23
N CYS A 185 13.01 -4.24 5.58
CA CYS A 185 12.82 -2.83 5.88
C CYS A 185 11.49 -2.35 5.30
N ASN A 186 10.88 -1.38 5.97
CA ASN A 186 9.63 -0.79 5.52
C ASN A 186 9.68 0.71 5.72
N ALA A 187 9.20 1.45 4.72
CA ALA A 187 9.10 2.90 4.77
C ALA A 187 7.62 3.26 4.78
N ARG A 188 7.20 4.00 5.80
CA ARG A 188 5.84 4.51 5.89
C ARG A 188 5.82 5.99 5.53
N PHE A 189 4.94 6.36 4.62
CA PHE A 189 4.76 7.74 4.19
C PHE A 189 3.40 8.19 4.69
N HIS A 190 3.43 9.13 5.65
CA HIS A 190 2.19 9.61 6.26
C HIS A 190 1.42 10.54 5.33
N PHE A 191 2.13 11.27 4.47
CA PHE A 191 1.46 12.25 3.62
C PHE A 191 0.49 11.59 2.65
N THR A 192 0.84 10.42 2.14
CA THR A 192 -0.04 9.66 1.26
C THR A 192 -0.58 8.39 1.90
N HIS A 193 -0.13 8.05 3.12
CA HIS A 193 -0.53 6.83 3.81
C HIS A 193 -0.14 5.58 3.01
N THR A 194 1.16 5.49 2.68
CA THR A 194 1.64 4.42 1.82
C THR A 194 2.85 3.74 2.45
N ILE A 195 2.85 2.41 2.49
CA ILE A 195 3.94 1.63 3.06
C ILE A 195 4.65 0.89 1.92
N GLN A 196 5.95 1.10 1.82
CA GLN A 196 6.79 0.43 0.81
C GLN A 196 7.72 -0.55 1.51
N GLN A 197 7.70 -1.79 1.08
CA GLN A 197 8.42 -2.88 1.73
C GLN A 197 9.63 -3.29 0.90
N LYS A 198 10.79 -3.35 1.54
CA LYS A 198 12.00 -3.83 0.92
C LYS A 198 12.06 -5.35 0.97
N ASN A 199 12.71 -5.95 -0.02
CA ASN A 199 12.87 -7.39 -0.06
C ASN A 199 13.49 -7.88 1.26
N PRO A 200 13.02 -9.00 1.81
CA PRO A 200 13.50 -9.41 3.14
C PRO A 200 14.90 -10.00 3.09
N PHE A 201 15.67 -9.71 4.13
CA PHE A 201 16.97 -10.35 4.35
C PHE A 201 16.78 -11.69 5.06
N THR A 202 17.64 -12.64 4.74
CA THR A 202 17.67 -13.95 5.39
C THR A 202 19.02 -14.12 6.07
N LEU A 203 19.00 -14.53 7.33
CA LEU A 203 20.22 -14.68 8.11
C LEU A 203 20.62 -16.15 8.23
N LYS A 204 21.93 -16.39 8.15
CA LYS A 204 22.51 -17.72 8.32
C LYS A 204 23.72 -17.55 9.22
N VAL A 205 23.61 -17.99 10.45
CA VAL A 205 24.71 -17.87 11.42
C VAL A 205 25.51 -19.16 11.42
N LEU A 206 26.81 -19.04 11.66
CA LEU A 206 27.71 -20.17 11.70
C LEU A 206 28.32 -20.28 13.08
N THR A 207 28.31 -21.49 13.63
CA THR A 207 28.85 -21.75 14.96
C THR A 207 30.30 -22.22 14.85
N ASN A 208 31.14 -21.73 15.74
CA ASN A 208 32.55 -22.12 15.76
C ASN A 208 32.85 -22.99 16.97
N VAL A 228 31.06 -18.45 22.90
CA VAL A 228 32.09 -17.85 22.06
C VAL A 228 33.00 -16.95 22.90
N ALA A 229 34.23 -16.76 22.43
CA ALA A 229 35.19 -15.94 23.16
C ALA A 229 34.71 -14.51 23.28
N GLU A 230 35.20 -13.82 24.32
CA GLU A 230 34.80 -12.46 24.61
C GLU A 230 35.59 -11.47 23.76
N ARG A 231 35.10 -10.23 23.69
CA ARG A 231 35.69 -9.22 22.83
C ARG A 231 35.43 -7.83 23.41
N THR A 232 36.42 -6.95 23.25
CA THR A 232 36.28 -5.57 23.69
C THR A 232 35.29 -4.84 22.77
N PRO A 233 34.60 -3.82 23.29
CA PRO A 233 33.62 -3.10 22.45
C PRO A 233 34.31 -2.31 21.34
N SER A 234 33.56 -2.12 20.26
CA SER A 234 34.00 -1.34 19.11
C SER A 234 32.82 -0.60 18.52
N PHE A 235 33.07 0.59 17.99
CA PHE A 235 31.99 1.44 17.48
C PHE A 235 31.58 1.03 16.07
N MET A 236 30.27 1.03 15.82
CA MET A 236 29.71 0.63 14.53
C MET A 236 29.29 1.84 13.69
N TYR A 237 28.31 2.62 14.18
CA TYR A 237 27.78 3.71 13.39
C TYR A 237 28.75 4.90 13.32
N PRO A 238 29.10 5.56 14.43
CA PRO A 238 29.97 6.73 14.32
C PRO A 238 31.43 6.32 14.22
N GLN A 239 31.90 6.10 12.99
CA GLN A 239 33.25 5.60 12.77
C GLN A 239 34.28 6.61 13.21
N GLY A 240 35.42 6.10 13.69
CA GLY A 240 36.48 6.95 14.19
C GLY A 240 36.29 7.31 15.64
N THR A 241 37.32 7.98 16.17
CA THR A 241 37.26 8.43 17.57
C THR A 241 36.40 9.67 17.73
N SER A 242 36.37 10.54 16.72
CA SER A 242 35.63 11.80 16.80
C SER A 242 34.87 12.04 15.51
N SER A 243 33.71 12.67 15.64
CA SER A 243 32.91 13.10 14.49
C SER A 243 32.36 14.48 14.79
N SER A 244 31.72 15.09 13.78
CA SER A 244 31.17 16.42 13.91
C SER A 244 29.74 16.44 13.38
N GLN A 245 28.88 17.18 14.08
CA GLN A 245 27.51 17.41 13.65
C GLN A 245 27.18 18.88 13.76
N MET A 246 26.28 19.34 12.89
CA MET A 246 25.79 20.71 12.89
C MET A 246 24.27 20.67 12.86
N VAL A 247 23.64 21.34 13.83
CA VAL A 247 22.19 21.34 13.96
C VAL A 247 21.69 22.78 13.98
N LEU A 248 20.57 23.02 13.32
CA LEU A 248 19.99 24.36 13.26
C LEU A 248 19.23 24.69 14.53
N ARG A 249 19.27 25.97 14.90
CA ARG A 249 18.55 26.43 16.09
C ARG A 249 17.06 26.17 15.95
N GLY A 250 16.47 25.61 17.00
CA GLY A 250 15.06 25.27 17.00
C GLY A 250 14.76 23.82 16.65
N MET A 251 15.70 23.12 16.02
CA MET A 251 15.50 21.75 15.60
C MET A 251 15.86 20.78 16.74
N ASP A 252 15.71 19.49 16.47
CA ASP A 252 16.12 18.45 17.40
C ASP A 252 17.52 17.96 17.05
N LEU A 253 18.37 17.83 18.05
CA LEU A 253 19.71 17.28 17.87
C LEU A 253 19.71 15.81 18.29
N LEU A 254 20.02 14.93 17.34
CA LEU A 254 20.03 13.49 17.60
C LEU A 254 21.44 12.96 17.42
N LEU A 255 22.04 12.48 18.51
CA LEU A 255 23.33 11.82 18.48
C LEU A 255 23.13 10.33 18.66
N GLU A 256 23.92 9.54 17.93
CA GLU A 256 23.84 8.09 17.99
C GLU A 256 25.23 7.50 18.21
N CYS A 257 25.31 6.52 19.10
CA CYS A 257 26.51 5.71 19.27
C CYS A 257 26.09 4.25 19.31
N ILE A 258 26.62 3.44 18.39
CA ILE A 258 26.36 2.01 18.34
C ILE A 258 27.66 1.28 18.56
N ALA A 259 27.68 0.37 19.53
CA ALA A 259 28.87 -0.40 19.86
C ALA A 259 28.58 -1.89 19.65
N SER A 260 29.65 -2.64 19.46
CA SER A 260 29.58 -4.08 19.23
C SER A 260 30.55 -4.79 20.16
N GLY A 261 30.06 -5.81 20.87
CA GLY A 261 30.89 -6.60 21.75
C GLY A 261 30.23 -7.92 22.07
N VAL A 262 31.06 -8.88 22.48
CA VAL A 262 30.58 -10.22 22.80
C VAL A 262 29.70 -10.16 24.06
N PRO A 263 30.10 -9.44 25.13
CA PRO A 263 29.08 -9.02 26.09
C PRO A 263 28.46 -7.71 25.61
N THR A 264 27.15 -7.70 25.39
CA THR A 264 26.46 -6.54 24.83
C THR A 264 26.76 -5.30 25.64
N PRO A 265 27.46 -4.32 25.07
CA PRO A 265 27.90 -3.16 25.84
C PRO A 265 26.77 -2.17 26.09
N ASP A 266 27.03 -1.29 27.06
CA ASP A 266 26.08 -0.25 27.46
C ASP A 266 26.65 1.11 27.07
N ILE A 267 25.85 1.91 26.38
CA ILE A 267 26.26 3.25 25.97
C ILE A 267 25.82 4.24 27.04
N ALA A 268 26.72 5.15 27.40
CA ALA A 268 26.46 6.21 28.36
C ALA A 268 26.87 7.55 27.77
N TRP A 269 26.04 8.56 27.97
CA TRP A 269 26.21 9.87 27.34
C TRP A 269 26.64 10.90 28.35
N TYR A 270 27.64 11.71 27.99
CA TYR A 270 28.11 12.79 28.84
C TYR A 270 28.47 14.00 27.97
N LYS A 271 28.63 15.14 28.62
CA LYS A 271 29.02 16.38 27.96
C LYS A 271 30.22 16.97 28.67
N LYS A 272 31.20 17.42 27.87
CA LYS A 272 32.43 17.98 28.44
C LYS A 272 32.14 19.33 29.09
N GLY A 273 32.56 19.47 30.35
CA GLY A 273 32.41 20.73 31.06
C GLY A 273 30.97 21.18 31.25
N GLY A 274 30.06 20.24 31.47
CA GLY A 274 28.67 20.60 31.68
C GLY A 274 27.78 19.38 31.79
N ASP A 275 26.60 19.57 32.36
CA ASP A 275 25.61 18.52 32.52
C ASP A 275 24.52 18.66 31.47
N LEU A 276 23.93 17.52 31.10
CA LEU A 276 22.88 17.52 30.10
C LEU A 276 21.63 18.21 30.64
N PRO A 277 20.96 19.03 29.83
CA PRO A 277 19.74 19.72 30.31
C PRO A 277 18.63 18.73 30.57
N SER A 278 18.15 18.68 31.81
CA SER A 278 17.15 17.69 32.19
C SER A 278 15.81 17.94 31.50
N ASN A 279 15.52 19.18 31.13
CA ASN A 279 14.23 19.50 30.54
C ASN A 279 14.17 19.20 29.05
N LYS A 280 15.30 19.11 28.38
CA LYS A 280 15.34 18.93 26.93
C LYS A 280 15.99 17.64 26.48
N ALA A 281 16.94 17.08 27.25
CA ALA A 281 17.64 15.89 26.83
C ALA A 281 16.81 14.64 27.11
N LYS A 282 16.79 13.73 26.15
CA LYS A 282 16.09 12.46 26.27
C LYS A 282 17.00 11.34 25.78
N PHE A 283 16.90 10.19 26.44
CA PHE A 283 17.61 8.98 26.02
C PHE A 283 16.65 8.09 25.26
N GLU A 284 16.96 7.81 24.00
CA GLU A 284 16.14 6.97 23.14
C GLU A 284 16.99 5.81 22.62
N ASN A 285 16.29 4.82 22.06
CA ASN A 285 16.92 3.66 21.42
C ASN A 285 17.79 2.89 22.40
N PHE A 286 17.27 2.67 23.62
CA PHE A 286 17.97 1.90 24.66
C PHE A 286 19.30 2.56 25.02
N ASN A 287 19.25 3.86 25.30
CA ASN A 287 20.39 4.70 25.65
C ASN A 287 21.44 4.76 24.55
N LYS A 288 21.12 4.33 23.33
CA LYS A 288 22.02 4.45 22.19
C LYS A 288 21.81 5.72 21.40
N ALA A 289 20.88 6.58 21.82
CA ALA A 289 20.63 7.84 21.14
C ALA A 289 20.30 8.91 22.17
N LEU A 290 20.84 10.11 21.95
CA LEU A 290 20.55 11.27 22.76
C LEU A 290 19.81 12.29 21.90
N ARG A 291 18.73 12.86 22.44
CA ARG A 291 17.91 13.81 21.70
C ARG A 291 17.74 15.08 22.50
N ILE A 292 18.20 16.19 21.95
CA ILE A 292 17.95 17.52 22.51
C ILE A 292 16.78 18.11 21.73
N THR A 293 15.69 18.43 22.44
CA THR A 293 14.45 18.84 21.80
C THR A 293 14.55 20.22 21.18
N ASN A 294 14.56 21.27 22.01
CA ASN A 294 14.60 22.64 21.51
C ASN A 294 16.01 23.18 21.68
N VAL A 295 16.87 22.87 20.70
CA VAL A 295 18.27 23.24 20.80
C VAL A 295 18.44 24.75 20.72
N SER A 296 19.54 25.23 21.28
CA SER A 296 19.89 26.63 21.27
C SER A 296 21.39 26.76 21.16
N GLU A 297 21.88 28.00 21.15
CA GLU A 297 23.32 28.24 21.09
C GLU A 297 24.04 27.73 22.33
N GLU A 298 23.32 27.51 23.43
CA GLU A 298 23.93 27.00 24.66
C GLU A 298 24.23 25.51 24.57
N ASP A 299 23.40 24.75 23.86
CA ASP A 299 23.60 23.31 23.75
C ASP A 299 24.81 22.93 22.90
N SER A 300 25.41 23.89 22.20
CA SER A 300 26.60 23.59 21.40
C SER A 300 27.79 23.33 22.31
N GLY A 301 28.57 22.31 21.97
CA GLY A 301 29.75 21.96 22.73
C GLY A 301 30.35 20.64 22.30
N GLU A 302 30.76 19.82 23.27
CA GLU A 302 31.34 18.51 23.01
C GLU A 302 30.55 17.47 23.79
N TYR A 303 29.94 16.54 23.08
CA TYR A 303 29.22 15.42 23.70
C TYR A 303 29.96 14.13 23.41
N PHE A 304 30.28 13.38 24.44
CA PHE A 304 30.95 12.10 24.22
C PHE A 304 30.11 10.95 24.76
N CYS A 305 30.38 9.76 24.21
CA CYS A 305 29.65 8.56 24.54
C CYS A 305 30.64 7.45 24.87
N LEU A 306 30.39 6.76 25.98
CA LEU A 306 31.21 5.64 26.40
C LEU A 306 30.49 4.33 26.12
N ALA A 307 31.19 3.41 25.48
CA ALA A 307 30.66 2.07 25.21
C ALA A 307 31.21 1.10 26.25
N SER A 308 30.68 1.26 27.47
CA SER A 308 31.19 0.48 28.60
C SER A 308 30.86 -0.99 28.42
N ASN A 309 31.82 -1.84 28.79
CA ASN A 309 31.68 -3.27 28.61
C ASN A 309 32.54 -3.98 29.64
N LYS A 310 32.19 -5.24 29.93
CA LYS A 310 32.95 -6.03 30.90
C LYS A 310 34.41 -6.17 30.49
N MET A 311 34.70 -6.12 29.19
CA MET A 311 36.06 -6.27 28.69
C MET A 311 36.82 -4.95 28.63
N GLY A 312 36.14 -3.86 28.26
CA GLY A 312 36.81 -2.58 28.17
C GLY A 312 35.81 -1.46 27.98
N SER A 313 36.34 -0.24 27.85
CA SER A 313 35.53 0.94 27.66
C SER A 313 36.21 1.86 26.66
N ILE A 314 35.43 2.40 25.73
CA ILE A 314 35.95 3.30 24.70
C ILE A 314 35.01 4.49 24.56
N ARG A 315 35.58 5.62 24.18
CA ARG A 315 34.86 6.88 24.08
C ARG A 315 34.85 7.38 22.65
N HIS A 316 33.70 7.90 22.21
CA HIS A 316 33.58 8.60 20.94
C HIS A 316 33.08 10.01 21.21
N THR A 317 33.82 11.01 20.74
CA THR A 317 33.48 12.40 20.94
C THR A 317 32.78 12.95 19.70
N ILE A 318 31.89 13.91 19.92
CA ILE A 318 31.10 14.53 18.86
C ILE A 318 31.03 16.02 19.16
N SER A 319 31.56 16.83 18.24
CA SER A 319 31.51 18.28 18.36
C SER A 319 30.21 18.78 17.76
N VAL A 320 29.35 19.37 18.59
CA VAL A 320 28.05 19.86 18.18
C VAL A 320 28.12 21.38 18.09
N ARG A 321 27.97 21.92 16.89
CA ARG A 321 27.86 23.35 16.69
C ARG A 321 26.41 23.68 16.30
N VAL A 322 25.88 24.75 16.88
CA VAL A 322 24.48 25.12 16.70
C VAL A 322 24.46 26.40 15.87
N LYS A 323 24.12 26.27 14.60
CA LYS A 323 23.88 27.42 13.74
C LYS A 323 22.40 27.78 13.77
N ALA A 324 22.07 28.93 13.17
CA ALA A 324 20.71 29.45 13.26
C ALA A 324 20.29 30.08 11.94
N ALA A 325 19.09 29.75 11.50
CA ALA A 325 18.46 30.49 10.42
C ALA A 325 17.96 31.84 10.96
N PRO A 326 17.85 32.86 10.11
CA PRO A 326 17.51 34.19 10.60
C PRO A 326 16.15 34.22 11.29
N TYR A 327 16.10 34.91 12.43
CA TYR A 327 14.85 35.14 13.15
C TYR A 327 14.78 36.61 13.56
N TRP A 328 13.57 37.17 13.50
CA TRP A 328 13.40 38.60 13.70
C TRP A 328 13.69 39.01 15.13
N LEU A 329 14.53 40.03 15.30
CA LEU A 329 14.59 40.77 16.55
C LEU A 329 13.65 41.97 16.49
N ASP A 330 13.76 42.76 15.42
CA ASP A 330 12.81 43.81 15.10
C ASP A 330 12.34 43.57 13.66
N GLU A 331 11.06 43.23 13.51
CA GLU A 331 10.50 43.04 12.17
C GLU A 331 10.07 44.39 11.59
N PRO A 332 10.39 44.65 10.33
CA PRO A 332 10.01 45.94 9.73
C PRO A 332 8.50 46.12 9.69
N LYS A 333 8.04 47.23 10.26
CA LYS A 333 6.63 47.57 10.32
C LYS A 333 6.30 48.61 9.25
N ASN A 334 5.02 48.67 8.89
CA ASN A 334 4.56 49.68 7.95
C ASN A 334 4.80 51.07 8.51
N LEU A 335 5.36 51.95 7.68
CA LEU A 335 5.55 53.35 8.04
C LEU A 335 4.29 54.13 7.70
N ILE A 336 3.66 54.71 8.71
CA ILE A 336 2.50 55.58 8.54
C ILE A 336 2.93 56.99 8.93
N LEU A 337 2.89 57.91 7.97
CA LEU A 337 3.43 59.24 8.17
C LEU A 337 2.48 60.28 7.59
N ALA A 338 2.70 61.52 7.98
CA ALA A 338 2.10 62.69 7.39
C ALA A 338 3.13 63.42 6.55
N PRO A 339 2.70 64.23 5.57
CA PRO A 339 3.68 64.97 4.76
C PRO A 339 4.60 65.83 5.63
N GLY A 340 5.91 65.71 5.39
CA GLY A 340 6.89 66.44 6.15
C GLY A 340 7.39 65.76 7.40
N GLU A 341 6.99 64.51 7.63
CA GLU A 341 7.35 63.77 8.84
C GLU A 341 8.52 62.85 8.55
N ASP A 342 9.27 62.53 9.61
CA ASP A 342 10.41 61.63 9.53
C ASP A 342 10.05 60.26 10.08
N GLY A 343 10.70 59.22 9.55
CA GLY A 343 10.43 57.87 9.98
C GLY A 343 11.58 56.95 9.61
N ARG A 344 11.47 55.71 10.06
CA ARG A 344 12.53 54.75 9.80
C ARG A 344 11.95 53.35 9.65
N LEU A 345 12.58 52.57 8.77
CA LEU A 345 12.35 51.15 8.62
C LEU A 345 13.55 50.39 9.16
N VAL A 346 13.32 49.54 10.15
CA VAL A 346 14.36 48.76 10.80
C VAL A 346 14.13 47.30 10.46
N CYS A 347 15.18 46.63 9.96
CA CYS A 347 15.12 45.21 9.59
C CYS A 347 16.25 44.49 10.30
N ARG A 348 16.00 44.03 11.52
CA ARG A 348 17.00 43.37 12.35
C ARG A 348 16.66 41.89 12.49
N ALA A 349 17.54 41.03 11.97
CA ALA A 349 17.42 39.59 12.13
C ALA A 349 18.68 39.06 12.77
N ASN A 350 18.51 38.14 13.73
CA ASN A 350 19.62 37.48 14.38
C ASN A 350 19.75 36.06 13.83
N GLY A 351 20.98 35.61 13.66
CA GLY A 351 21.22 34.29 13.13
C GLY A 351 22.71 34.02 13.06
N ASN A 352 23.04 32.74 12.99
CA ASN A 352 24.44 32.30 12.90
C ASN A 352 24.64 31.53 11.60
N PRO A 353 25.40 32.05 10.63
CA PRO A 353 26.10 33.34 10.65
C PRO A 353 25.16 34.55 10.57
N LYS A 354 25.70 35.74 10.83
CA LYS A 354 24.88 36.94 10.86
C LYS A 354 24.20 37.15 9.50
N PRO A 355 22.90 37.41 9.48
CA PRO A 355 22.20 37.52 8.19
C PRO A 355 22.59 38.77 7.43
N THR A 356 22.80 38.60 6.12
CA THR A 356 23.03 39.72 5.23
C THR A 356 21.68 40.31 4.81
N VAL A 357 21.58 41.63 4.85
CA VAL A 357 20.35 42.35 4.55
C VAL A 357 20.41 42.86 3.11
N GLN A 358 19.34 42.62 2.35
CA GLN A 358 19.21 43.17 1.00
C GLN A 358 17.88 43.89 0.89
N TRP A 359 17.92 45.14 0.44
CA TRP A 359 16.74 45.99 0.33
C TRP A 359 16.26 46.05 -1.11
N MET A 360 14.93 46.06 -1.28
CA MET A 360 14.31 46.21 -2.58
C MET A 360 13.20 47.24 -2.49
N VAL A 361 13.00 47.98 -3.58
CA VAL A 361 11.93 48.97 -3.69
C VAL A 361 10.99 48.50 -4.79
N ASN A 362 9.76 48.15 -4.41
CA ASN A 362 8.75 47.66 -5.35
C ASN A 362 9.26 46.44 -6.11
N GLY A 363 9.95 45.54 -5.41
CA GLY A 363 10.49 44.36 -6.04
C GLY A 363 11.66 44.63 -6.97
N GLU A 364 12.34 45.75 -6.82
CA GLU A 364 13.50 46.11 -7.61
C GLU A 364 14.66 46.42 -6.67
N PRO A 365 15.85 45.90 -6.95
CA PRO A 365 16.99 46.12 -6.05
C PRO A 365 17.23 47.61 -5.79
N LEU A 366 17.57 47.93 -4.54
CA LEU A 366 17.76 49.32 -4.14
C LEU A 366 18.91 49.98 -4.90
N GLN A 367 19.89 49.21 -5.36
CA GLN A 367 20.99 49.79 -6.13
C GLN A 367 20.48 50.41 -7.43
N SER A 368 19.57 49.73 -8.12
CA SER A 368 19.05 50.18 -9.40
C SER A 368 17.72 50.92 -9.28
N ALA A 369 17.22 51.13 -8.07
CA ALA A 369 15.95 51.82 -7.89
C ALA A 369 16.10 53.30 -8.24
N PRO A 370 15.02 53.96 -8.63
CA PRO A 370 15.08 55.41 -8.89
C PRO A 370 15.51 56.15 -7.65
N PRO A 371 16.48 57.06 -7.77
CA PRO A 371 16.99 57.76 -6.58
C PRO A 371 15.92 58.64 -5.94
N ASN A 372 15.98 58.71 -4.61
CA ASN A 372 15.09 59.55 -3.83
C ASN A 372 15.91 60.34 -2.82
N PRO A 373 15.78 61.66 -2.77
CA PRO A 373 16.61 62.44 -1.84
C PRO A 373 16.20 62.30 -0.39
N ASN A 374 14.92 62.01 -0.11
CA ASN A 374 14.48 61.92 1.28
C ASN A 374 14.93 60.62 1.93
N ARG A 375 15.19 59.59 1.14
CA ARG A 375 15.53 58.28 1.66
C ARG A 375 17.05 58.12 1.77
N GLU A 376 17.51 57.67 2.93
CA GLU A 376 18.92 57.36 3.14
C GLU A 376 19.02 55.99 3.79
N VAL A 377 19.76 55.09 3.17
CA VAL A 377 19.94 53.74 3.67
C VAL A 377 21.26 53.67 4.41
N ALA A 378 21.31 52.84 5.46
CA ALA A 378 22.51 52.68 6.27
C ALA A 378 22.43 51.32 6.93
N GLY A 379 23.28 50.39 6.49
CA GLY A 379 23.27 49.04 7.01
C GLY A 379 21.93 48.35 6.84
N ASP A 380 21.19 48.19 7.93
CA ASP A 380 19.88 47.55 7.90
C ASP A 380 18.76 48.51 8.24
N THR A 381 19.01 49.81 8.19
CA THR A 381 18.01 50.81 8.55
C THR A 381 17.86 51.82 7.43
N ILE A 382 16.62 52.07 7.01
CA ILE A 382 16.30 53.11 6.04
C ILE A 382 15.63 54.25 6.78
N ILE A 383 16.07 55.48 6.51
CA ILE A 383 15.55 56.65 7.20
C ILE A 383 14.97 57.61 6.16
N PHE A 384 13.73 58.04 6.40
CA PHE A 384 13.06 59.03 5.57
C PHE A 384 12.97 60.33 6.35
N ARG A 385 13.56 61.39 5.80
CA ARG A 385 13.50 62.72 6.37
C ARG A 385 12.77 63.64 5.41
N ASP A 386 11.81 64.40 5.92
CA ASP A 386 10.96 65.28 5.10
C ASP A 386 10.23 64.47 4.02
N THR A 387 9.46 63.49 4.47
CA THR A 387 8.74 62.62 3.56
C THR A 387 7.59 63.36 2.91
N GLN A 388 7.42 63.14 1.60
CA GLN A 388 6.38 63.78 0.82
C GLN A 388 5.45 62.70 0.25
N ILE A 389 4.46 63.16 -0.53
CA ILE A 389 3.51 62.24 -1.15
C ILE A 389 4.23 61.32 -2.13
N SER A 390 5.30 61.82 -2.75
CA SER A 390 6.12 60.96 -3.60
C SER A 390 6.84 59.91 -2.75
N SER A 391 7.40 58.92 -3.42
CA SER A 391 8.16 57.82 -2.82
C SER A 391 7.29 56.93 -1.92
N ARG A 392 5.97 56.94 -2.13
CA ARG A 392 5.11 55.94 -1.50
C ARG A 392 5.28 54.62 -2.23
N ALA A 393 5.85 53.62 -1.56
CA ALA A 393 6.13 52.35 -2.20
C ALA A 393 6.26 51.27 -1.14
N VAL A 394 6.23 50.02 -1.60
CA VAL A 394 6.45 48.86 -0.75
C VAL A 394 7.93 48.50 -0.83
N TYR A 395 8.61 48.51 0.31
CA TYR A 395 9.99 48.05 0.42
C TYR A 395 10.00 46.62 0.92
N GLN A 396 10.94 45.83 0.38
CA GLN A 396 11.17 44.47 0.83
C GLN A 396 12.53 44.38 1.49
N CYS A 397 12.57 43.66 2.60
CA CYS A 397 13.82 43.30 3.25
C CYS A 397 14.02 41.80 3.14
N ASN A 398 15.19 41.38 2.67
CA ASN A 398 15.56 39.96 2.60
C ASN A 398 16.84 39.78 3.40
N THR A 399 16.70 39.17 4.58
CA THR A 399 17.84 38.87 5.44
C THR A 399 18.16 37.38 5.34
N SER A 400 19.33 37.06 4.82
CA SER A 400 19.64 35.69 4.47
C SER A 400 21.03 35.28 4.96
N ASN A 401 21.13 34.02 5.36
CA ASN A 401 22.40 33.31 5.50
C ASN A 401 22.26 31.96 4.83
N GLU A 402 23.38 31.22 4.77
CA GLU A 402 23.40 29.94 4.06
C GLU A 402 22.31 28.98 4.51
N HIS A 403 21.77 29.18 5.71
CA HIS A 403 20.77 28.27 6.25
C HIS A 403 19.33 28.69 5.96
N GLY A 404 19.09 29.97 5.67
CA GLY A 404 17.72 30.39 5.40
C GLY A 404 17.64 31.89 5.26
N TYR A 405 16.45 32.34 4.86
CA TYR A 405 16.20 33.75 4.63
C TYR A 405 14.85 34.14 5.22
N LEU A 406 14.72 35.45 5.48
CA LEU A 406 13.46 36.05 5.90
C LEU A 406 13.14 37.20 4.97
N LEU A 407 11.91 37.21 4.45
CA LEU A 407 11.43 38.22 3.52
C LEU A 407 10.28 38.98 4.16
N ALA A 408 10.36 40.31 4.12
CA ALA A 408 9.36 41.13 4.78
C ALA A 408 8.97 42.30 3.87
N ASN A 409 7.67 42.61 3.85
CA ASN A 409 7.12 43.72 3.09
C ASN A 409 6.66 44.81 4.05
N ALA A 410 7.01 46.06 3.74
CA ALA A 410 6.53 47.20 4.52
C ALA A 410 6.44 48.40 3.60
N PHE A 411 5.29 49.07 3.60
CA PHE A 411 5.09 50.21 2.72
C PHE A 411 5.15 51.51 3.49
N VAL A 412 5.54 52.58 2.79
CA VAL A 412 5.50 53.94 3.32
C VAL A 412 4.20 54.57 2.86
N SER A 413 3.38 55.01 3.83
CA SER A 413 2.08 55.61 3.55
C SER A 413 2.09 57.05 4.01
N VAL A 414 1.65 57.96 3.14
CA VAL A 414 1.60 59.39 3.43
C VAL A 414 0.17 59.83 3.22
N LEU A 415 -0.52 60.13 4.33
CA LEU A 415 -1.90 60.58 4.29
C LEU A 415 -2.06 61.75 5.24
N ASP A 416 -3.28 62.31 5.27
CA ASP A 416 -3.54 63.48 6.11
C ASP A 416 -4.96 63.43 6.65
N VAL A 417 -5.40 62.26 7.10
CA VAL A 417 -6.75 62.08 7.63
C VAL A 417 -6.75 62.22 9.14
N PRO A 418 -7.80 62.77 9.74
CA PRO A 418 -7.86 62.88 11.19
C PRO A 418 -8.02 61.52 11.84
N PRO A 419 -7.93 61.43 13.17
CA PRO A 419 -8.17 60.14 13.83
C PRO A 419 -9.58 59.64 13.60
N ARG A 420 -9.70 58.34 13.38
CA ARG A 420 -10.98 57.69 13.11
C ARG A 420 -11.18 56.54 14.09
N MET A 421 -12.43 56.34 14.49
CA MET A 421 -12.80 55.25 15.37
C MET A 421 -13.24 54.03 14.54
N LEU A 422 -12.63 52.89 14.82
CA LEU A 422 -12.87 51.67 14.05
C LEU A 422 -13.91 50.76 14.67
N SER A 423 -14.40 51.07 15.87
CA SER A 423 -15.43 50.28 16.52
C SER A 423 -16.75 51.05 16.55
N ALA A 424 -17.80 50.37 16.99
CA ALA A 424 -19.11 50.99 17.05
C ALA A 424 -19.18 52.00 18.20
N ARG A 425 -20.01 53.02 18.02
CA ARG A 425 -20.21 54.03 19.04
C ARG A 425 -21.23 53.54 20.07
N ASN A 426 -21.03 53.97 21.32
CA ASN A 426 -21.92 53.63 22.43
C ASN A 426 -22.06 52.12 22.59
N GLN A 427 -20.92 51.47 22.83
CA GLN A 427 -20.91 50.04 23.03
C GLN A 427 -21.43 49.69 24.43
N LEU A 428 -21.91 48.47 24.58
CA LEU A 428 -22.41 47.97 25.86
C LEU A 428 -21.71 46.67 26.20
N ILE A 429 -21.00 46.63 27.32
CA ILE A 429 -20.35 45.42 27.79
C ILE A 429 -20.88 45.11 29.19
N ARG A 430 -21.29 43.87 29.38
CA ARG A 430 -21.81 43.39 30.65
C ARG A 430 -20.89 42.30 31.18
N VAL A 431 -20.65 42.32 32.49
CA VAL A 431 -19.71 41.39 33.10
C VAL A 431 -20.12 41.14 34.54
N ILE A 432 -19.82 39.94 35.04
CA ILE A 432 -20.05 39.62 36.45
C ILE A 432 -19.02 40.35 37.29
N LEU A 433 -19.08 40.18 38.60
CA LEU A 433 -18.34 41.05 39.50
C LEU A 433 -16.84 40.87 39.36
N TYR A 434 -16.34 39.65 39.53
CA TYR A 434 -14.91 39.42 39.68
C TYR A 434 -14.25 38.84 38.42
N ASN A 435 -14.95 38.80 37.30
CA ASN A 435 -14.30 38.44 36.04
C ASN A 435 -13.39 39.58 35.60
N ARG A 436 -12.32 39.21 34.90
CA ARG A 436 -11.48 40.22 34.25
C ARG A 436 -12.10 40.60 32.91
N THR A 437 -11.94 41.85 32.52
CA THR A 437 -12.59 42.33 31.31
C THR A 437 -11.59 43.08 30.43
N ARG A 438 -11.98 43.24 29.17
CA ARG A 438 -11.17 43.98 28.20
C ARG A 438 -12.10 44.78 27.31
N LEU A 439 -11.79 46.05 27.13
CA LEU A 439 -12.54 46.95 26.26
C LEU A 439 -11.68 47.25 25.04
N ASP A 440 -12.23 47.00 23.85
CA ASP A 440 -11.51 47.22 22.60
C ASP A 440 -11.86 48.58 22.04
N CYS A 441 -10.82 49.35 21.69
CA CYS A 441 -10.98 50.67 21.08
C CYS A 441 -10.02 50.80 19.91
N PRO A 442 -10.32 50.11 18.79
CA PRO A 442 -9.44 50.22 17.62
C PRO A 442 -9.52 51.61 17.01
N PHE A 443 -8.37 52.10 16.57
CA PHE A 443 -8.27 53.48 16.10
C PHE A 443 -7.25 53.56 14.97
N PHE A 444 -7.25 54.71 14.29
CA PHE A 444 -6.30 54.97 13.22
C PHE A 444 -6.20 56.48 13.01
N GLY A 445 -5.02 56.93 12.59
CA GLY A 445 -4.80 58.33 12.30
C GLY A 445 -3.59 58.55 11.42
N SER A 446 -3.67 59.55 10.53
CA SER A 446 -2.59 59.76 9.56
C SER A 446 -1.24 60.00 10.23
N PRO A 447 -1.09 60.90 11.20
CA PRO A 447 0.00 60.73 12.16
C PRO A 447 -0.49 59.86 13.30
N ILE A 448 0.36 58.95 13.75
CA ILE A 448 -0.01 57.95 14.76
C ILE A 448 -0.57 58.66 15.99
N PRO A 449 -1.84 58.46 16.31
CA PRO A 449 -2.44 59.22 17.41
C PRO A 449 -2.12 58.61 18.76
N THR A 450 -2.13 59.47 19.78
CA THR A 450 -2.01 59.04 21.15
C THR A 450 -3.40 58.73 21.70
N LEU A 451 -3.53 57.58 22.35
CA LEU A 451 -4.81 57.13 22.88
C LEU A 451 -4.81 57.26 24.40
N ARG A 452 -6.00 57.55 24.95
CA ARG A 452 -6.14 57.75 26.38
C ARG A 452 -7.52 57.28 26.81
N TRP A 453 -7.59 56.79 28.04
CA TRP A 453 -8.83 56.28 28.60
C TRP A 453 -9.25 57.13 29.81
N PHE A 454 -10.55 57.30 29.97
CA PHE A 454 -11.11 58.05 31.10
C PHE A 454 -12.40 57.37 31.54
N LYS A 455 -12.84 57.70 32.75
CA LYS A 455 -14.04 57.09 33.31
C LYS A 455 -14.92 58.15 33.94
N ASN A 456 -16.21 58.15 33.60
CA ASN A 456 -17.23 59.02 34.21
C ASN A 456 -16.81 60.48 34.22
N GLY A 457 -15.97 60.87 33.26
CA GLY A 457 -15.45 62.22 33.22
C GLY A 457 -14.63 62.55 34.45
N GLN A 458 -13.75 61.64 34.86
CA GLN A 458 -12.81 61.91 35.94
C GLN A 458 -11.55 62.61 35.47
N GLY A 459 -11.32 62.70 34.16
CA GLY A 459 -10.22 63.45 33.61
C GLY A 459 -8.86 62.79 33.76
N SER A 460 -8.69 62.00 34.82
CA SER A 460 -7.43 61.32 35.06
C SER A 460 -7.29 60.13 34.12
N ASN A 461 -6.08 59.95 33.59
CA ASN A 461 -5.82 58.85 32.66
C ASN A 461 -5.84 57.52 33.39
N LEU A 462 -6.51 56.54 32.77
CA LEU A 462 -6.63 55.20 33.36
C LEU A 462 -5.39 54.40 33.00
N ASP A 463 -4.53 54.17 33.99
CA ASP A 463 -3.36 53.31 33.84
C ASP A 463 -2.75 53.08 35.21
N GLY A 464 -1.99 51.99 35.33
CA GLY A 464 -1.34 51.65 36.58
C GLY A 464 -1.86 50.37 37.19
N GLY A 465 -2.26 50.43 38.45
CA GLY A 465 -2.85 49.26 39.08
C GLY A 465 -4.25 48.98 38.54
N ASN A 466 -4.54 47.70 38.36
CA ASN A 466 -5.85 47.21 37.93
C ASN A 466 -6.17 47.60 36.49
N TYR A 467 -5.32 48.40 35.87
CA TYR A 467 -5.52 48.83 34.48
C TYR A 467 -4.29 48.52 33.66
N HIS A 468 -4.50 48.12 32.41
CA HIS A 468 -3.41 47.96 31.46
C HIS A 468 -3.86 48.42 30.09
N VAL A 469 -2.94 49.02 29.33
CA VAL A 469 -3.21 49.50 27.98
C VAL A 469 -2.27 48.80 27.02
N TYR A 470 -2.82 48.29 25.92
CA TYR A 470 -2.05 47.58 24.92
C TYR A 470 -1.72 48.49 23.74
N GLU A 471 -0.82 48.01 22.87
CA GLU A 471 -0.35 48.81 21.76
C GLU A 471 -1.45 49.14 20.77
N ASN A 472 -2.43 48.25 20.61
CA ASN A 472 -3.51 48.46 19.66
C ASN A 472 -4.66 49.30 20.23
N GLY A 473 -4.56 49.73 21.48
CA GLY A 473 -5.54 50.61 22.08
C GLY A 473 -6.50 49.97 23.06
N SER A 474 -6.45 48.65 23.21
CA SER A 474 -7.36 47.98 24.12
C SER A 474 -6.99 48.27 25.57
N LEU A 475 -7.99 48.15 26.45
CA LEU A 475 -7.83 48.44 27.87
C LEU A 475 -8.29 47.23 28.67
N GLU A 476 -7.38 46.64 29.43
CA GLU A 476 -7.68 45.47 30.25
C GLU A 476 -7.87 45.89 31.71
N ILE A 477 -8.99 45.48 32.29
CA ILE A 477 -9.28 45.65 33.71
C ILE A 477 -9.12 44.27 34.36
N LYS A 478 -8.16 44.17 35.27
CA LYS A 478 -7.75 42.88 35.81
C LYS A 478 -8.73 42.36 36.85
N MET A 479 -9.04 43.15 37.86
CA MET A 479 -10.08 42.82 38.83
C MET A 479 -11.12 43.93 38.81
N ILE A 480 -12.39 43.54 38.79
CA ILE A 480 -13.50 44.47 38.68
C ILE A 480 -14.20 44.56 40.03
N ARG A 481 -14.30 45.78 40.56
CA ARG A 481 -15.11 46.05 41.74
C ARG A 481 -16.43 46.66 41.30
N LYS A 482 -17.35 46.79 42.27
CA LYS A 482 -18.64 47.40 41.95
C LYS A 482 -18.52 48.88 41.62
N GLU A 483 -17.41 49.51 42.01
CA GLU A 483 -17.18 50.91 41.67
C GLU A 483 -16.76 51.11 40.22
N ASP A 484 -16.26 50.07 39.56
CA ASP A 484 -15.77 50.20 38.20
C ASP A 484 -16.87 50.27 37.16
N GLN A 485 -18.12 50.02 37.55
CA GLN A 485 -19.23 50.13 36.61
C GLN A 485 -19.44 51.58 36.18
N GLY A 486 -19.77 51.79 34.91
CA GLY A 486 -20.06 53.11 34.43
C GLY A 486 -19.61 53.28 32.99
N ILE A 487 -19.40 54.54 32.61
CA ILE A 487 -19.07 54.89 31.23
C ILE A 487 -17.56 55.07 31.13
N TYR A 488 -16.96 54.47 30.10
CA TYR A 488 -15.54 54.59 29.82
C TYR A 488 -15.36 55.24 28.45
N THR A 489 -14.53 56.27 28.40
CA THR A 489 -14.33 57.07 27.20
C THR A 489 -12.92 56.85 26.68
N CYS A 490 -12.82 56.57 25.38
CA CYS A 490 -11.56 56.36 24.68
C CYS A 490 -11.33 57.54 23.74
N VAL A 491 -10.17 58.18 23.85
CA VAL A 491 -9.87 59.41 23.12
C VAL A 491 -8.56 59.23 22.37
N ALA A 492 -8.63 59.30 21.04
CA ALA A 492 -7.46 59.20 20.17
C ALA A 492 -7.21 60.56 19.52
N THR A 493 -6.02 61.11 19.72
CA THR A 493 -5.75 62.49 19.34
C THR A 493 -4.42 62.59 18.59
N ASN A 494 -4.40 63.45 17.56
CA ASN A 494 -3.18 63.84 16.86
C ASN A 494 -3.32 65.30 16.44
N ILE A 495 -2.28 65.82 15.77
CA ILE A 495 -2.25 67.22 15.41
C ILE A 495 -3.38 67.61 14.46
N LEU A 496 -4.01 66.65 13.79
CA LEU A 496 -5.11 66.94 12.90
C LEU A 496 -6.46 66.96 13.61
N GLY A 497 -6.55 66.47 14.83
CA GLY A 497 -7.80 66.47 15.56
C GLY A 497 -7.88 65.25 16.47
N LYS A 498 -9.08 65.05 17.02
CA LYS A 498 -9.29 63.98 17.99
C LYS A 498 -10.64 63.32 17.74
N ALA A 499 -10.73 62.04 18.12
CA ALA A 499 -11.95 61.27 18.06
C ALA A 499 -12.16 60.56 19.41
N GLU A 500 -13.42 60.22 19.69
CA GLU A 500 -13.78 59.65 20.98
C GLU A 500 -14.74 58.49 20.77
N ASN A 501 -14.86 57.66 21.81
CA ASN A 501 -15.77 56.53 21.81
C ASN A 501 -16.22 56.23 23.23
N GLN A 502 -17.43 55.70 23.36
CA GLN A 502 -18.07 55.48 24.65
C GLN A 502 -18.42 54.00 24.80
N VAL A 503 -18.10 53.43 25.97
CA VAL A 503 -18.48 52.06 26.29
C VAL A 503 -19.06 52.02 27.69
N ARG A 504 -20.27 51.46 27.80
CA ARG A 504 -20.98 51.35 29.08
C ARG A 504 -20.71 49.97 29.66
N LEU A 505 -20.00 49.91 30.78
CA LEU A 505 -19.65 48.69 31.48
C LEU A 505 -20.61 48.48 32.63
N GLU A 506 -21.35 47.37 32.59
CA GLU A 506 -22.36 47.04 33.60
C GLU A 506 -21.91 45.82 34.39
N VAL A 507 -21.78 45.98 35.70
CA VAL A 507 -21.34 44.91 36.60
C VAL A 507 -22.57 44.28 37.23
N LYS A 508 -22.70 42.96 37.06
CA LYS A 508 -23.80 42.20 37.63
C LYS A 508 -23.32 41.42 38.84
N ASP A 509 -24.26 41.14 39.75
CA ASP A 509 -23.92 40.40 40.96
C ASP A 509 -23.62 38.94 40.62
N PRO A 510 -22.60 38.34 41.23
CA PRO A 510 -22.27 36.96 40.92
C PRO A 510 -23.35 36.00 41.41
N THR A 511 -23.58 34.96 40.62
CA THR A 511 -24.56 33.94 40.96
C THR A 511 -23.94 32.98 41.96
N ARG A 512 -24.46 32.97 43.18
CA ARG A 512 -23.95 32.12 44.26
C ARG A 512 -25.02 31.16 44.71
N ILE A 513 -24.66 29.88 44.83
CA ILE A 513 -25.54 28.89 45.45
C ILE A 513 -25.30 28.99 46.96
N TYR A 514 -26.23 29.62 47.67
CA TYR A 514 -26.01 29.86 49.10
C TYR A 514 -26.57 28.75 49.98
N ARG A 515 -27.40 27.86 49.43
CA ARG A 515 -27.85 26.65 50.12
C ARG A 515 -27.48 25.47 49.23
N MET A 516 -26.31 24.90 49.48
CA MET A 516 -25.78 23.83 48.65
C MET A 516 -26.34 22.48 49.09
N PRO A 517 -26.46 21.53 48.18
CA PRO A 517 -26.93 20.19 48.55
C PRO A 517 -25.85 19.42 49.31
N GLU A 518 -26.25 18.83 50.44
CA GLU A 518 -25.33 18.08 51.29
C GLU A 518 -25.50 16.59 51.04
N ASP A 519 -24.39 15.85 51.20
CA ASP A 519 -24.41 14.40 51.03
C ASP A 519 -25.40 13.77 51.99
N GLN A 520 -26.11 12.74 51.54
CA GLN A 520 -27.12 12.13 52.38
C GLN A 520 -27.26 10.64 52.08
N VAL A 521 -27.87 9.95 53.03
CA VAL A 521 -28.06 8.51 53.01
C VAL A 521 -29.54 8.25 53.26
N ALA A 522 -30.24 7.74 52.25
CA ALA A 522 -31.68 7.54 52.34
C ALA A 522 -32.05 6.19 51.77
N LYS A 523 -33.05 5.56 52.37
CA LYS A 523 -33.41 4.18 52.03
C LYS A 523 -34.51 4.15 50.97
N ARG A 524 -34.96 2.94 50.65
CA ARG A 524 -35.92 2.72 49.58
C ARG A 524 -37.25 3.40 49.88
N GLY A 525 -37.91 3.84 48.80
CA GLY A 525 -39.25 4.38 48.91
C GLY A 525 -39.38 5.68 49.68
N THR A 526 -38.29 6.43 49.83
CA THR A 526 -38.30 7.69 50.56
C THR A 526 -38.18 8.85 49.60
N THR A 527 -38.96 9.90 49.85
CA THR A 527 -38.91 11.12 49.04
C THR A 527 -37.64 11.89 49.41
N VAL A 528 -36.60 11.74 48.60
CA VAL A 528 -35.33 12.41 48.88
C VAL A 528 -35.33 13.76 48.18
N GLN A 529 -34.66 14.73 48.80
CA GLN A 529 -34.62 16.08 48.27
C GLN A 529 -33.22 16.67 48.44
N LEU A 530 -32.71 17.25 47.36
CA LEU A 530 -31.43 17.97 47.37
C LEU A 530 -31.72 19.43 47.06
N GLU A 531 -31.40 20.31 48.00
CA GLU A 531 -31.67 21.73 47.84
C GLU A 531 -30.52 22.41 47.12
N CYS A 532 -30.87 23.43 46.30
CA CYS A 532 -29.90 24.18 45.52
C CYS A 532 -30.47 25.60 45.31
N ARG A 533 -30.36 26.42 46.34
CA ARG A 533 -30.86 27.80 46.30
C ARG A 533 -29.77 28.71 45.74
N VAL A 534 -30.11 29.42 44.66
CA VAL A 534 -29.17 30.25 43.92
C VAL A 534 -29.67 31.69 43.96
N LYS A 535 -28.76 32.61 44.31
CA LYS A 535 -29.00 34.04 44.22
C LYS A 535 -28.22 34.59 43.04
N HIS A 536 -28.91 35.30 42.14
CA HIS A 536 -28.31 35.89 40.97
C HIS A 536 -28.78 37.33 40.84
N ASP A 537 -28.16 38.05 39.93
CA ASP A 537 -28.58 39.42 39.66
C ASP A 537 -29.97 39.42 39.05
N PRO A 538 -30.88 40.28 39.51
CA PRO A 538 -32.26 40.25 38.97
C PRO A 538 -32.33 40.49 37.48
N SER A 539 -31.41 41.24 36.91
CA SER A 539 -31.41 41.53 35.48
C SER A 539 -30.56 40.51 34.72
N LEU A 540 -30.90 39.24 34.92
CA LEU A 540 -30.18 38.14 34.28
C LEU A 540 -31.10 36.93 34.18
N LYS A 541 -30.92 36.17 33.11
CA LYS A 541 -31.66 34.93 32.90
C LYS A 541 -30.93 33.78 33.58
N LEU A 542 -31.59 33.14 34.54
CA LEU A 542 -30.99 32.05 35.30
C LEU A 542 -31.43 30.71 34.74
N THR A 543 -30.48 29.79 34.58
CA THR A 543 -30.75 28.43 34.13
C THR A 543 -30.15 27.46 35.13
N VAL A 544 -31.02 26.66 35.76
CA VAL A 544 -30.62 25.70 36.77
C VAL A 544 -30.83 24.30 36.22
N SER A 545 -29.78 23.49 36.23
CA SER A 545 -29.84 22.11 35.77
C SER A 545 -29.15 21.20 36.79
N TRP A 546 -29.36 19.90 36.62
CA TRP A 546 -28.74 18.89 37.47
C TRP A 546 -27.96 17.91 36.59
N LEU A 547 -26.96 17.29 37.21
CA LEU A 547 -26.08 16.34 36.52
C LEU A 547 -25.93 15.11 37.41
N LYS A 548 -26.48 13.98 36.96
CA LYS A 548 -26.23 12.70 37.63
C LYS A 548 -24.84 12.22 37.26
N ASP A 549 -24.05 11.87 38.27
CA ASP A 549 -22.64 11.55 38.08
C ASP A 549 -21.94 12.67 37.32
N ASP A 550 -21.81 12.51 36.00
CA ASP A 550 -21.18 13.53 35.16
C ASP A 550 -21.90 13.72 33.83
N GLU A 551 -23.14 13.26 33.71
CA GLU A 551 -23.92 13.41 32.49
C GLU A 551 -25.09 14.38 32.71
N PRO A 552 -25.61 14.99 31.65
CA PRO A 552 -26.73 15.92 31.81
C PRO A 552 -27.97 15.23 32.35
N LEU A 553 -28.95 16.06 32.72
CA LEU A 553 -30.16 15.56 33.34
C LEU A 553 -31.10 14.95 32.32
N TYR A 554 -31.95 14.04 32.79
CA TYR A 554 -33.15 13.62 32.06
C TYR A 554 -34.34 14.04 32.90
N ILE A 555 -35.20 14.86 32.34
CA ILE A 555 -36.33 15.42 33.09
C ILE A 555 -37.52 14.49 32.95
N GLY A 556 -38.33 14.43 34.00
CA GLY A 556 -39.44 13.51 34.05
C GLY A 556 -39.07 12.20 34.71
N ASN A 557 -40.04 11.29 34.70
CA ASN A 557 -39.89 9.96 35.29
C ASN A 557 -39.54 10.06 36.77
N ARG A 558 -40.56 10.24 37.62
CA ARG A 558 -40.47 10.25 39.08
C ARG A 558 -39.37 11.19 39.62
N MET A 559 -38.97 12.19 38.82
CA MET A 559 -37.99 13.18 39.27
C MET A 559 -38.57 14.56 39.04
N LYS A 560 -38.71 15.33 40.12
CA LYS A 560 -39.33 16.66 40.07
C LYS A 560 -38.27 17.73 40.28
N LYS A 561 -38.13 18.62 39.32
CA LYS A 561 -37.15 19.70 39.37
C LYS A 561 -37.87 20.98 39.81
N GLU A 562 -37.69 21.35 41.07
CA GLU A 562 -38.19 22.62 41.56
C GLU A 562 -37.22 23.73 41.22
N ASP A 563 -37.68 24.97 41.35
CA ASP A 563 -36.83 26.11 41.00
C ASP A 563 -35.64 26.22 41.94
N ASP A 564 -35.78 25.78 43.19
CA ASP A 564 -34.71 25.89 44.18
C ASP A 564 -34.31 24.56 44.79
N SER A 565 -34.88 23.44 44.33
CA SER A 565 -34.53 22.13 44.87
C SER A 565 -34.86 21.06 43.84
N LEU A 566 -34.48 19.83 44.15
CA LEU A 566 -34.78 18.66 43.33
C LEU A 566 -35.28 17.55 44.23
N THR A 567 -36.32 16.85 43.79
CA THR A 567 -36.88 15.76 44.56
C THR A 567 -36.91 14.48 43.71
N ILE A 568 -36.50 13.38 44.34
CA ILE A 568 -36.48 12.07 43.69
C ILE A 568 -37.26 11.10 44.57
N PHE A 569 -38.13 10.32 43.93
CA PHE A 569 -38.94 9.32 44.61
C PHE A 569 -38.59 7.92 44.07
N GLY A 570 -38.87 6.91 44.89
CA GLY A 570 -38.57 5.55 44.52
C GLY A 570 -37.11 5.33 44.22
N VAL A 571 -36.24 5.75 45.15
CA VAL A 571 -34.80 5.65 44.93
C VAL A 571 -34.39 4.17 44.88
N ALA A 572 -33.37 3.90 44.09
CA ALA A 572 -32.90 2.53 43.89
C ALA A 572 -31.38 2.57 43.71
N GLU A 573 -30.83 1.50 43.13
CA GLU A 573 -29.38 1.41 42.95
C GLU A 573 -28.88 2.43 41.94
N ARG A 574 -29.70 2.80 40.95
CA ARG A 574 -29.25 3.74 39.94
C ARG A 574 -29.12 5.16 40.49
N ASP A 575 -29.86 5.48 41.57
CA ASP A 575 -29.80 6.82 42.13
C ASP A 575 -28.55 7.08 42.94
N GLN A 576 -27.87 6.04 43.40
CA GLN A 576 -26.68 6.22 44.22
C GLN A 576 -25.53 6.76 43.37
N GLY A 577 -24.88 7.77 43.88
CA GLY A 577 -23.76 8.35 43.16
C GLY A 577 -23.50 9.78 43.62
N SER A 578 -23.13 10.63 42.66
CA SER A 578 -22.79 12.02 42.92
C SER A 578 -23.62 12.92 42.01
N TYR A 579 -24.41 13.82 42.61
CA TYR A 579 -25.21 14.79 41.89
C TYR A 579 -24.49 16.14 41.85
N THR A 580 -24.70 16.87 40.76
CA THR A 580 -24.06 18.18 40.56
C THR A 580 -25.12 19.18 40.11
N CYS A 581 -25.45 20.12 40.98
CA CYS A 581 -26.31 21.24 40.61
C CYS A 581 -25.48 22.28 39.87
N MET A 582 -25.92 22.66 38.68
CA MET A 582 -25.24 23.65 37.85
C MET A 582 -26.17 24.84 37.65
N ALA A 583 -25.77 26.00 38.16
CA ALA A 583 -26.52 27.24 37.98
C ALA A 583 -25.73 28.16 37.07
N SER A 584 -26.27 28.46 35.89
CA SER A 584 -25.55 29.22 34.90
C SER A 584 -26.39 30.36 34.37
N THR A 585 -25.71 31.45 34.00
CA THR A 585 -26.30 32.56 33.28
C THR A 585 -25.29 32.99 32.22
N GLU A 586 -25.75 33.84 31.30
CA GLU A 586 -24.96 34.27 30.14
C GLU A 586 -23.51 34.61 30.49
N LEU A 587 -23.27 35.07 31.71
CA LEU A 587 -21.96 35.53 32.12
C LEU A 587 -21.34 34.75 33.27
N ASP A 588 -22.07 33.84 33.91
CA ASP A 588 -21.60 33.23 35.14
C ASP A 588 -21.95 31.74 35.17
N GLN A 589 -21.20 31.00 35.97
CA GLN A 589 -21.41 29.58 36.18
C GLN A 589 -21.07 29.22 37.62
N ASP A 590 -21.86 28.34 38.22
CA ASP A 590 -21.64 27.90 39.58
C ASP A 590 -22.00 26.43 39.71
N LEU A 591 -21.16 25.68 40.42
CA LEU A 591 -21.32 24.24 40.58
C LEU A 591 -21.44 23.89 42.05
N ALA A 592 -22.28 22.90 42.34
CA ALA A 592 -22.40 22.34 43.68
C ALA A 592 -22.48 20.83 43.57
N LYS A 593 -21.75 20.12 44.41
CA LYS A 593 -21.68 18.66 44.33
C LYS A 593 -22.10 18.02 45.64
N ALA A 594 -22.86 16.94 45.53
CA ALA A 594 -23.31 16.16 46.68
C ALA A 594 -23.23 14.68 46.36
N TYR A 595 -23.19 13.86 47.40
CA TYR A 595 -23.15 12.41 47.26
C TYR A 595 -24.38 11.80 47.91
N LEU A 596 -25.08 10.95 47.16
CA LEU A 596 -26.30 10.30 47.62
C LEU A 596 -26.09 8.80 47.69
N THR A 597 -26.39 8.21 48.84
CA THR A 597 -26.31 6.77 49.04
C THR A 597 -27.71 6.23 49.37
N VAL A 598 -28.01 5.05 48.84
CA VAL A 598 -29.33 4.44 48.96
C VAL A 598 -29.19 3.08 49.64
N LEU A 599 -30.12 2.79 50.55
CA LEU A 599 -30.15 1.48 51.22
C LEU A 599 -31.05 0.51 50.46
N SER B 2 -1.50 -32.89 -33.81
CA SER B 2 -1.16 -32.19 -35.04
C SER B 2 0.06 -32.81 -35.71
N ILE B 3 0.32 -32.43 -36.96
CA ILE B 3 1.47 -32.88 -37.72
C ILE B 3 2.26 -31.65 -38.15
N GLU B 4 3.54 -31.63 -37.81
CA GLU B 4 4.44 -30.57 -38.24
C GLU B 4 5.04 -30.90 -39.60
N ILE B 5 5.69 -29.90 -40.19
CA ILE B 5 6.32 -30.01 -41.50
C ILE B 5 7.79 -29.61 -41.35
N PRO B 6 8.73 -30.41 -41.86
CA PRO B 6 10.14 -30.02 -41.76
C PRO B 6 10.39 -28.66 -42.40
N MET B 7 11.37 -27.94 -41.83
CA MET B 7 11.59 -26.55 -42.21
C MET B 7 12.17 -26.40 -43.61
N ASP B 8 12.86 -27.41 -44.13
CA ASP B 8 13.40 -27.30 -45.49
C ASP B 8 12.29 -27.23 -46.54
N LEU B 9 11.11 -27.74 -46.24
CA LEU B 9 9.98 -27.69 -47.16
C LEU B 9 9.17 -26.41 -46.94
N THR B 10 8.65 -25.87 -48.04
CA THR B 10 7.91 -24.62 -47.98
C THR B 10 6.72 -24.74 -47.03
N GLN B 11 6.55 -23.74 -46.18
CA GLN B 11 5.65 -23.85 -45.04
C GLN B 11 5.09 -22.49 -44.68
N PRO B 12 3.79 -22.40 -44.39
CA PRO B 12 3.22 -21.18 -43.83
C PRO B 12 3.66 -20.99 -42.38
N PRO B 13 3.53 -19.79 -41.83
CA PRO B 13 4.07 -19.54 -40.48
C PRO B 13 3.24 -20.21 -39.40
N THR B 14 3.94 -20.72 -38.38
CA THR B 14 3.33 -21.30 -37.19
C THR B 14 3.84 -20.57 -35.96
N ILE B 15 2.93 -20.11 -35.12
CA ILE B 15 3.34 -19.37 -33.93
C ILE B 15 3.75 -20.36 -32.83
N THR B 16 4.96 -20.21 -32.32
CA THR B 16 5.54 -21.09 -31.33
C THR B 16 5.29 -20.61 -29.91
N LYS B 17 5.64 -19.37 -29.62
CA LYS B 17 5.52 -18.80 -28.28
C LYS B 17 4.90 -17.42 -28.37
N GLN B 18 4.03 -17.11 -27.41
CA GLN B 18 3.40 -15.80 -27.35
C GLN B 18 3.02 -15.50 -25.91
N SER B 19 2.79 -14.22 -25.62
CA SER B 19 2.43 -13.80 -24.29
C SER B 19 1.03 -14.27 -23.92
N VAL B 20 0.72 -14.20 -22.62
CA VAL B 20 -0.59 -14.64 -22.15
C VAL B 20 -1.66 -13.61 -22.54
N LYS B 21 -2.91 -14.06 -22.55
CA LYS B 21 -4.02 -13.16 -22.84
C LYS B 21 -4.07 -12.03 -21.82
N ASP B 22 -3.98 -12.36 -20.53
CA ASP B 22 -4.08 -11.39 -19.45
C ASP B 22 -2.66 -11.12 -18.93
N HIS B 23 -1.97 -10.24 -19.64
CA HIS B 23 -0.54 -9.98 -19.40
C HIS B 23 -0.40 -8.79 -18.45
N ILE B 24 -0.27 -9.08 -17.16
CA ILE B 24 -0.06 -8.07 -16.13
C ILE B 24 1.43 -7.90 -15.90
N VAL B 25 1.89 -6.66 -15.76
CA VAL B 25 3.31 -6.36 -15.66
C VAL B 25 3.59 -5.49 -14.44
N ASP B 26 4.85 -5.49 -14.03
CA ASP B 26 5.31 -4.71 -12.88
C ASP B 26 5.62 -3.28 -13.33
N PRO B 27 5.24 -2.26 -12.57
CA PRO B 27 5.46 -0.87 -13.02
C PRO B 27 6.92 -0.46 -13.04
N ARG B 28 7.82 -1.39 -12.70
CA ARG B 28 9.26 -1.09 -12.67
C ARG B 28 10.01 -1.72 -13.83
N ASP B 29 9.71 -2.98 -14.15
CA ASP B 29 10.49 -3.71 -15.15
C ASP B 29 10.21 -3.20 -16.56
N ASN B 30 11.20 -3.33 -17.43
CA ASN B 30 10.96 -3.19 -18.87
C ASN B 30 9.92 -4.22 -19.31
N ILE B 31 9.30 -3.97 -20.45
CA ILE B 31 8.14 -4.77 -20.84
C ILE B 31 8.47 -5.57 -22.10
N LEU B 32 8.00 -6.82 -22.13
CA LEU B 32 8.31 -7.77 -23.18
C LEU B 32 7.01 -8.42 -23.65
N ILE B 33 6.68 -8.22 -24.93
CA ILE B 33 5.52 -8.85 -25.55
C ILE B 33 6.05 -9.89 -26.54
N GLU B 34 5.97 -11.17 -26.17
CA GLU B 34 6.60 -12.22 -26.95
C GLU B 34 5.72 -12.64 -28.11
N CYS B 35 6.34 -12.83 -29.28
CA CYS B 35 5.66 -13.41 -30.44
C CYS B 35 6.74 -14.00 -31.36
N GLU B 36 6.91 -15.31 -31.31
CA GLU B 36 7.88 -16.01 -32.13
C GLU B 36 7.16 -17.00 -33.04
N ALA B 37 7.65 -17.15 -34.27
CA ALA B 37 6.99 -18.01 -35.23
C ALA B 37 8.00 -18.59 -36.20
N LYS B 38 7.69 -19.79 -36.69
CA LYS B 38 8.47 -20.49 -37.70
C LYS B 38 7.84 -20.32 -39.08
N GLY B 39 8.66 -20.55 -40.10
CA GLY B 39 8.22 -20.50 -41.48
C GLY B 39 9.37 -20.76 -42.43
N ASN B 40 9.13 -21.54 -43.48
CA ASN B 40 10.21 -21.87 -44.41
C ASN B 40 10.75 -20.63 -45.13
N PRO B 41 9.93 -19.74 -45.69
CA PRO B 41 10.43 -18.41 -46.03
C PRO B 41 10.43 -17.54 -44.77
N ALA B 42 11.44 -16.68 -44.67
CA ALA B 42 11.65 -15.84 -43.49
C ALA B 42 10.40 -15.06 -43.15
N PRO B 43 9.73 -15.38 -42.04
CA PRO B 43 8.46 -14.69 -41.71
C PRO B 43 8.71 -13.32 -41.09
N SER B 44 7.90 -12.36 -41.52
CA SER B 44 7.96 -10.98 -41.03
C SER B 44 6.78 -10.73 -40.10
N PHE B 45 7.01 -9.93 -39.07
CA PHE B 45 6.02 -9.72 -38.03
C PHE B 45 5.58 -8.26 -37.98
N HIS B 46 4.31 -8.05 -37.66
CA HIS B 46 3.80 -6.69 -37.44
C HIS B 46 2.65 -6.74 -36.45
N TRP B 47 2.46 -5.62 -35.74
CA TRP B 47 1.58 -5.57 -34.59
C TRP B 47 0.40 -4.62 -34.82
N THR B 48 -0.67 -4.86 -34.08
CA THR B 48 -1.80 -3.94 -34.01
C THR B 48 -2.12 -3.66 -32.54
N ARG B 49 -2.09 -2.39 -32.15
CA ARG B 49 -2.46 -1.95 -30.82
C ARG B 49 -3.84 -1.32 -30.88
N ASN B 50 -4.78 -1.86 -30.10
CA ASN B 50 -6.15 -1.36 -30.04
C ASN B 50 -6.80 -1.35 -31.42
N SER B 51 -6.69 -2.49 -32.11
CA SER B 51 -7.30 -2.72 -33.42
C SER B 51 -6.80 -1.74 -34.48
N ARG B 52 -5.62 -1.17 -34.30
CA ARG B 52 -5.02 -0.28 -35.29
C ARG B 52 -3.52 -0.57 -35.36
N PHE B 53 -2.94 -0.33 -36.53
CA PHE B 53 -1.54 -0.63 -36.78
C PHE B 53 -0.65 0.04 -35.74
N PHE B 54 0.42 -0.65 -35.36
CA PHE B 54 1.35 -0.21 -34.32
C PHE B 54 2.72 -0.03 -34.94
N ASN B 55 3.15 1.21 -35.12
CA ASN B 55 4.37 1.53 -35.84
C ASN B 55 5.56 1.51 -34.88
N ILE B 56 6.38 0.47 -34.99
CA ILE B 56 7.55 0.35 -34.13
C ILE B 56 8.60 1.39 -34.49
N ALA B 57 8.67 1.78 -35.76
CA ALA B 57 9.74 2.67 -36.21
C ALA B 57 9.59 4.09 -35.67
N LYS B 58 8.36 4.52 -35.40
CA LYS B 58 8.12 5.87 -34.89
C LYS B 58 8.30 5.98 -33.38
N ASP B 59 8.41 4.85 -32.67
CA ASP B 59 8.61 4.85 -31.23
C ASP B 59 10.01 4.34 -30.93
N PRO B 60 10.89 5.16 -30.35
CA PRO B 60 12.27 4.67 -30.09
C PRO B 60 12.35 3.67 -28.96
N ARG B 61 11.48 3.75 -27.96
CA ARG B 61 11.55 2.82 -26.83
C ARG B 61 11.23 1.39 -27.26
N VAL B 62 10.33 1.23 -28.22
CA VAL B 62 9.91 -0.10 -28.65
C VAL B 62 10.90 -0.61 -29.69
N SER B 63 11.36 -1.85 -29.52
CA SER B 63 12.21 -2.50 -30.51
C SER B 63 11.77 -3.94 -30.66
N MET B 64 12.04 -4.51 -31.85
CA MET B 64 11.63 -5.86 -32.17
C MET B 64 12.86 -6.75 -32.27
N ARG B 65 12.77 -7.94 -31.69
CA ARG B 65 13.89 -8.88 -31.71
C ARG B 65 14.09 -9.43 -33.13
N ARG B 66 15.21 -10.12 -33.31
CA ARG B 66 15.60 -10.63 -34.62
C ARG B 66 14.94 -11.98 -34.89
N ARG B 67 14.52 -12.18 -36.13
CA ARG B 67 13.87 -13.41 -36.59
C ARG B 67 12.64 -13.74 -35.75
N SER B 68 12.04 -12.74 -35.11
CA SER B 68 10.85 -12.94 -34.30
C SER B 68 10.08 -11.63 -34.24
N GLY B 69 8.90 -11.70 -33.64
CA GLY B 69 8.08 -10.52 -33.41
C GLY B 69 8.05 -10.02 -31.99
N THR B 70 8.86 -10.59 -31.09
CA THR B 70 8.90 -10.15 -29.71
C THR B 70 9.29 -8.68 -29.63
N LEU B 71 8.52 -7.90 -28.89
CA LEU B 71 8.79 -6.49 -28.66
C LEU B 71 9.35 -6.30 -27.25
N VAL B 72 10.39 -5.48 -27.15
CA VAL B 72 10.92 -5.04 -25.87
C VAL B 72 10.80 -3.51 -25.82
N ILE B 73 10.16 -3.02 -24.78
CA ILE B 73 10.06 -1.59 -24.52
C ILE B 73 10.89 -1.30 -23.28
N ASP B 74 11.84 -0.38 -23.43
CA ASP B 74 12.85 -0.05 -22.44
C ASP B 74 12.62 1.38 -21.96
N PHE B 75 12.60 1.55 -20.63
CA PHE B 75 12.30 2.84 -20.03
C PHE B 75 13.54 3.51 -19.44
N ARG B 76 14.73 3.01 -19.74
CA ARG B 76 15.94 3.63 -19.21
C ARG B 76 16.08 5.06 -19.70
N SER B 77 15.68 5.33 -20.94
CA SER B 77 15.72 6.70 -21.44
C SER B 77 14.63 7.56 -20.82
N GLY B 78 13.53 6.95 -20.41
CA GLY B 78 12.43 7.66 -19.81
C GLY B 78 11.12 6.94 -20.08
N GLY B 79 10.03 7.58 -19.67
CA GLY B 79 8.71 7.05 -19.88
C GLY B 79 8.26 6.12 -18.76
N ARG B 80 6.97 5.78 -18.80
CA ARG B 80 6.34 4.95 -17.80
C ARG B 80 5.50 3.88 -18.50
N PRO B 81 5.49 2.64 -17.98
CA PRO B 81 4.70 1.58 -18.64
C PRO B 81 3.21 1.86 -18.71
N GLU B 82 2.68 2.71 -17.83
CA GLU B 82 1.24 2.92 -17.77
C GLU B 82 0.65 3.36 -19.11
N GLU B 83 1.42 4.05 -19.93
CA GLU B 83 0.91 4.56 -21.19
C GLU B 83 0.84 3.52 -22.29
N TYR B 84 1.28 2.28 -22.03
CA TYR B 84 1.27 1.24 -23.04
C TYR B 84 0.18 0.20 -22.82
N GLU B 85 -0.65 0.37 -21.80
CA GLU B 85 -1.78 -0.55 -21.58
C GLU B 85 -2.68 -0.60 -22.81
N GLY B 86 -3.28 -1.76 -23.03
CA GLY B 86 -4.17 -1.93 -24.18
C GLY B 86 -4.07 -3.30 -24.80
N GLU B 87 -4.81 -3.53 -25.88
CA GLU B 87 -4.80 -4.82 -26.55
C GLU B 87 -3.78 -4.79 -27.69
N TYR B 88 -2.95 -5.83 -27.75
CA TYR B 88 -1.95 -5.98 -28.79
C TYR B 88 -2.16 -7.30 -29.52
N GLN B 89 -1.94 -7.30 -30.83
CA GLN B 89 -2.10 -8.52 -31.60
C GLN B 89 -0.97 -8.65 -32.60
N CYS B 90 -0.37 -9.82 -32.66
CA CYS B 90 0.80 -10.10 -33.49
C CYS B 90 0.36 -10.77 -34.79
N PHE B 91 1.05 -10.45 -35.88
CA PHE B 91 0.75 -11.00 -37.19
C PHE B 91 2.07 -11.47 -37.81
N ALA B 92 2.14 -12.75 -38.16
CA ALA B 92 3.34 -13.36 -38.71
C ALA B 92 3.04 -13.79 -40.14
N ARG B 93 3.72 -13.16 -41.10
CA ARG B 93 3.40 -13.32 -42.52
C ARG B 93 4.57 -13.91 -43.29
N ASN B 94 4.23 -14.68 -44.32
CA ASN B 94 5.17 -15.02 -45.38
C ASN B 94 4.37 -15.17 -46.66
N LYS B 95 5.08 -15.44 -47.76
CA LYS B 95 4.45 -15.53 -49.07
C LYS B 95 3.32 -16.56 -49.13
N PHE B 96 3.23 -17.45 -48.14
CA PHE B 96 2.22 -18.49 -48.13
C PHE B 96 1.08 -18.25 -47.15
N GLY B 97 1.12 -17.19 -46.37
CA GLY B 97 0.00 -16.89 -45.50
C GLY B 97 0.43 -16.14 -44.26
N THR B 98 -0.58 -15.83 -43.44
CA THR B 98 -0.39 -15.03 -42.23
C THR B 98 -1.08 -15.72 -41.05
N ALA B 99 -0.36 -15.82 -39.94
CA ALA B 99 -0.86 -16.40 -38.71
C ALA B 99 -1.05 -15.30 -37.66
N LEU B 100 -2.11 -15.44 -36.87
CA LEU B 100 -2.45 -14.48 -35.83
C LEU B 100 -2.13 -15.06 -34.45
N SER B 101 -1.90 -14.16 -33.50
CA SER B 101 -1.76 -14.52 -32.10
C SER B 101 -3.06 -14.17 -31.36
N ASN B 102 -3.11 -14.55 -30.09
CA ASN B 102 -4.20 -14.11 -29.25
C ASN B 102 -4.09 -12.60 -29.00
N ARG B 103 -5.18 -12.01 -28.54
CA ARG B 103 -5.18 -10.60 -28.18
C ARG B 103 -4.61 -10.46 -26.77
N ILE B 104 -3.43 -9.85 -26.68
CA ILE B 104 -2.72 -9.67 -25.42
C ILE B 104 -3.27 -8.40 -24.76
N ARG B 105 -4.05 -8.57 -23.70
CA ARG B 105 -4.55 -7.44 -22.92
C ARG B 105 -3.46 -7.04 -21.92
N LEU B 106 -2.61 -6.12 -22.33
CA LEU B 106 -1.50 -5.69 -21.49
C LEU B 106 -1.94 -4.64 -20.50
N GLN B 107 -1.85 -4.96 -19.21
CA GLN B 107 -2.16 -4.04 -18.12
C GLN B 107 -0.99 -3.99 -17.16
N VAL B 108 -0.80 -2.83 -16.53
CA VAL B 108 0.26 -2.63 -15.56
C VAL B 108 -0.35 -2.67 -14.16
N SER B 109 0.30 -3.40 -13.26
CA SER B 109 -0.19 -3.57 -11.89
C SER B 109 0.07 -2.30 -11.10
N LYS B 110 -0.99 -1.58 -10.76
CA LYS B 110 -0.89 -0.28 -10.12
C LYS B 110 -1.24 -0.37 -8.64
N SER B 111 -0.74 0.59 -7.87
CA SER B 111 -1.06 0.74 -6.45
C SER B 111 -1.56 2.16 -6.23
N PRO B 112 -2.81 2.44 -6.59
CA PRO B 112 -3.35 3.78 -6.39
C PRO B 112 -3.60 4.08 -4.92
N LEU B 113 -3.42 5.34 -4.56
CA LEU B 113 -3.61 5.77 -3.18
C LEU B 113 -5.09 5.70 -2.80
N TRP B 114 -5.35 5.79 -1.50
CA TRP B 114 -6.72 5.83 -1.02
C TRP B 114 -7.33 7.19 -1.33
N PRO B 115 -8.54 7.25 -1.88
CA PRO B 115 -9.19 8.55 -2.10
C PRO B 115 -9.32 9.31 -0.78
N LYS B 116 -8.93 10.58 -0.81
CA LYS B 116 -8.99 11.41 0.38
C LYS B 116 -10.43 11.53 0.88
N GLU B 117 -10.66 11.07 2.11
CA GLU B 117 -11.99 11.11 2.72
C GLU B 117 -11.84 11.36 4.20
N ASN B 118 -12.72 12.21 4.74
CA ASN B 118 -12.74 12.54 6.15
C ASN B 118 -13.85 11.73 6.82
N LEU B 119 -13.47 10.84 7.73
CA LEU B 119 -14.41 9.92 8.38
C LEU B 119 -14.83 10.48 9.74
N ASP B 120 -16.13 10.52 9.98
CA ASP B 120 -16.66 10.96 11.26
C ASP B 120 -16.60 9.83 12.27
N PRO B 121 -16.51 10.14 13.56
CA PRO B 121 -16.45 9.08 14.59
C PRO B 121 -17.75 8.30 14.65
N VAL B 122 -17.65 6.98 14.47
CA VAL B 122 -18.82 6.11 14.47
C VAL B 122 -19.38 6.01 15.88
N VAL B 123 -20.70 6.02 15.99
CA VAL B 123 -21.40 5.83 17.26
C VAL B 123 -22.39 4.70 17.09
N VAL B 124 -22.43 3.79 18.07
CA VAL B 124 -23.27 2.59 17.97
C VAL B 124 -23.71 2.18 19.36
N GLN B 125 -24.91 1.59 19.42
CA GLN B 125 -25.42 1.03 20.67
C GLN B 125 -24.75 -0.31 20.95
N GLU B 126 -24.59 -0.61 22.24
CA GLU B 126 -24.01 -1.89 22.65
C GLU B 126 -24.93 -3.03 22.25
N GLY B 127 -24.36 -4.05 21.59
CA GLY B 127 -25.13 -5.18 21.11
C GLY B 127 -25.70 -5.01 19.71
N ALA B 128 -25.62 -3.83 19.12
CA ALA B 128 -26.11 -3.60 17.79
C ALA B 128 -25.14 -4.14 16.74
N PRO B 129 -25.63 -4.54 15.57
CA PRO B 129 -24.73 -4.93 14.49
C PRO B 129 -24.12 -3.72 13.80
N LEU B 130 -22.88 -3.90 13.32
CA LEU B 130 -22.17 -2.80 12.68
C LEU B 130 -21.47 -3.31 11.43
N THR B 131 -21.30 -2.42 10.46
CA THR B 131 -20.56 -2.73 9.23
C THR B 131 -19.66 -1.55 8.91
N LEU B 132 -18.34 -1.77 8.98
CA LEU B 132 -17.35 -0.77 8.58
C LEU B 132 -16.92 -1.13 7.16
N GLN B 133 -17.41 -0.37 6.18
CA GLN B 133 -17.07 -0.64 4.79
C GLN B 133 -15.65 -0.17 4.50
N CYS B 134 -14.90 -1.01 3.78
CA CYS B 134 -13.54 -0.67 3.39
C CYS B 134 -13.52 0.11 2.07
N ASN B 135 -14.06 -0.50 1.00
CA ASN B 135 -14.08 0.06 -0.34
C ASN B 135 -12.65 0.31 -0.82
N PRO B 136 -11.87 -0.73 -1.06
CA PRO B 136 -10.45 -0.56 -1.38
C PRO B 136 -10.28 -0.02 -2.79
N PRO B 137 -9.15 0.60 -3.09
CA PRO B 137 -8.85 0.99 -4.47
C PRO B 137 -8.65 -0.24 -5.33
N PRO B 138 -8.87 -0.13 -6.64
CA PRO B 138 -8.74 -1.31 -7.51
C PRO B 138 -7.28 -1.61 -7.85
N GLY B 139 -6.97 -2.90 -7.95
CA GLY B 139 -5.67 -3.34 -8.37
C GLY B 139 -5.77 -4.61 -9.18
N LEU B 140 -4.70 -4.92 -9.89
CA LEU B 140 -4.64 -6.11 -10.75
C LEU B 140 -3.45 -6.98 -10.37
N PRO B 141 -3.66 -8.11 -9.69
CA PRO B 141 -4.95 -8.62 -9.21
C PRO B 141 -5.47 -7.82 -8.04
N SER B 142 -6.66 -8.17 -7.55
CA SER B 142 -7.24 -7.45 -6.42
C SER B 142 -6.29 -7.52 -5.22
N PRO B 143 -6.08 -6.42 -4.52
CA PRO B 143 -5.16 -6.44 -3.37
C PRO B 143 -5.73 -7.24 -2.21
N VAL B 144 -4.82 -7.66 -1.34
CA VAL B 144 -5.20 -8.37 -0.12
C VAL B 144 -5.57 -7.33 0.93
N ILE B 145 -6.75 -7.49 1.53
CA ILE B 145 -7.29 -6.51 2.48
C ILE B 145 -7.18 -7.07 3.89
N PHE B 146 -6.53 -6.33 4.78
CA PHE B 146 -6.45 -6.70 6.18
C PHE B 146 -6.64 -5.46 7.05
N TRP B 147 -7.21 -5.67 8.25
CA TRP B 147 -7.52 -4.58 9.16
C TRP B 147 -6.47 -4.50 10.26
N MET B 148 -5.98 -3.29 10.52
CA MET B 148 -5.03 -3.06 11.60
C MET B 148 -5.39 -1.74 12.29
N SER B 149 -4.85 -1.56 13.48
CA SER B 149 -4.95 -0.24 14.10
C SER B 149 -4.07 0.75 13.34
N SER B 150 -4.41 2.03 13.45
CA SER B 150 -3.59 3.06 12.80
C SER B 150 -2.17 3.07 13.33
N SER B 151 -1.94 2.54 14.53
CA SER B 151 -0.60 2.30 15.04
C SER B 151 0.00 0.99 14.54
N MET B 152 -0.75 0.24 13.73
CA MET B 152 -0.30 -1.04 13.15
C MET B 152 -0.18 -2.14 14.19
N GLU B 153 -0.97 -2.07 15.26
CA GLU B 153 -1.15 -3.19 16.16
C GLU B 153 -2.25 -4.11 15.61
N PRO B 154 -2.15 -5.41 15.86
CA PRO B 154 -3.09 -6.35 15.21
C PRO B 154 -4.51 -6.24 15.74
N ILE B 155 -5.47 -6.37 14.84
CA ILE B 155 -6.87 -6.56 15.20
C ILE B 155 -7.16 -8.05 15.14
N THR B 156 -7.76 -8.59 16.19
CA THR B 156 -8.12 -9.99 16.22
C THR B 156 -9.53 -10.18 15.68
N GLN B 157 -9.65 -11.07 14.69
CA GLN B 157 -10.94 -11.42 14.13
C GLN B 157 -11.42 -12.76 14.67
N ASP B 158 -12.73 -12.90 14.78
CA ASP B 158 -13.33 -14.10 15.34
C ASP B 158 -14.73 -14.25 14.75
N LYS B 159 -15.49 -15.23 15.27
CA LYS B 159 -16.83 -15.51 14.80
C LYS B 159 -17.76 -14.31 14.97
N ARG B 160 -17.49 -13.44 15.96
CA ARG B 160 -18.33 -12.27 16.20
C ARG B 160 -17.97 -11.08 15.31
N VAL B 161 -16.69 -10.90 15.00
CA VAL B 161 -16.21 -9.76 14.23
C VAL B 161 -15.22 -10.27 13.20
N SER B 162 -15.54 -10.06 11.92
CA SER B 162 -14.64 -10.54 10.87
C SER B 162 -14.93 -9.80 9.57
N GLN B 163 -14.00 -9.91 8.62
CA GLN B 163 -14.14 -9.26 7.33
C GLN B 163 -14.59 -10.27 6.28
N GLY B 164 -15.31 -9.75 5.27
CA GLY B 164 -15.70 -10.56 4.13
C GLY B 164 -14.66 -10.52 3.03
N HIS B 165 -15.03 -11.14 1.90
CA HIS B 165 -14.11 -11.15 0.76
C HIS B 165 -13.96 -9.76 0.16
N ASN B 166 -15.02 -8.97 0.18
CA ASN B 166 -14.94 -7.59 -0.29
C ASN B 166 -14.05 -6.73 0.59
N GLY B 167 -13.85 -7.11 1.85
CA GLY B 167 -12.96 -6.41 2.76
C GLY B 167 -13.66 -5.73 3.92
N ASP B 168 -14.97 -5.49 3.82
CA ASP B 168 -15.67 -4.78 4.88
C ASP B 168 -15.68 -5.61 6.17
N LEU B 169 -15.65 -4.91 7.30
CA LEU B 169 -15.57 -5.54 8.61
C LEU B 169 -16.95 -5.55 9.25
N TYR B 170 -17.47 -6.75 9.52
CA TYR B 170 -18.80 -6.93 10.08
C TYR B 170 -18.68 -7.30 11.55
N PHE B 171 -19.44 -6.59 12.39
CA PHE B 171 -19.62 -6.85 13.81
C PHE B 171 -21.04 -7.40 13.99
N SER B 172 -21.14 -8.70 14.29
CA SER B 172 -22.44 -9.30 14.57
C SER B 172 -23.15 -8.56 15.69
N ASN B 173 -22.44 -8.33 16.79
CA ASN B 173 -22.93 -7.52 17.89
C ASN B 173 -21.73 -6.77 18.47
N VAL B 174 -21.85 -5.46 18.60
CA VAL B 174 -20.75 -4.64 19.09
C VAL B 174 -20.67 -4.74 20.61
N MET B 175 -19.46 -4.90 21.12
CA MET B 175 -19.20 -4.96 22.55
C MET B 175 -18.41 -3.73 22.99
N LEU B 176 -18.24 -3.61 24.32
CA LEU B 176 -17.43 -2.52 24.85
C LEU B 176 -15.98 -2.66 24.47
N GLN B 177 -15.45 -3.90 24.49
CA GLN B 177 -14.04 -4.12 24.23
C GLN B 177 -13.63 -3.72 22.82
N ASP B 178 -14.59 -3.60 21.89
CA ASP B 178 -14.26 -3.18 20.54
C ASP B 178 -13.70 -1.78 20.47
N MET B 179 -13.80 -1.00 21.54
CA MET B 179 -13.19 0.32 21.61
C MET B 179 -11.70 0.27 21.96
N GLN B 180 -11.15 -0.92 22.18
CA GLN B 180 -9.74 -1.04 22.53
C GLN B 180 -8.82 -0.58 21.41
N THR B 181 -9.33 -0.48 20.18
CA THR B 181 -8.50 -0.14 19.04
C THR B 181 -9.34 0.58 17.99
N ASP B 182 -8.65 1.36 17.17
CA ASP B 182 -9.27 1.96 15.99
C ASP B 182 -9.02 1.06 14.78
N TYR B 183 -9.95 1.11 13.83
CA TYR B 183 -10.00 0.14 12.74
C TYR B 183 -9.63 0.84 11.43
N SER B 184 -8.46 0.49 10.90
CA SER B 184 -7.98 1.04 9.63
C SER B 184 -7.80 -0.09 8.63
N CYS B 185 -8.42 0.05 7.46
CA CYS B 185 -8.28 -0.92 6.39
C CYS B 185 -6.97 -0.72 5.67
N ASN B 186 -6.30 -1.83 5.33
CA ASN B 186 -5.04 -1.81 4.62
C ASN B 186 -5.15 -2.73 3.41
N ALA B 187 -4.62 -2.27 2.28
CA ALA B 187 -4.61 -3.03 1.05
C ALA B 187 -3.16 -3.26 0.63
N ARG B 188 -2.79 -4.52 0.45
CA ARG B 188 -1.46 -4.92 0.02
C ARG B 188 -1.53 -5.34 -1.44
N PHE B 189 -0.68 -4.76 -2.27
CA PHE B 189 -0.73 -5.00 -3.71
C PHE B 189 0.31 -6.05 -4.11
N HIS B 190 -0.04 -6.85 -5.12
CA HIS B 190 0.64 -8.12 -5.33
C HIS B 190 2.06 -7.94 -5.86
N PHE B 191 2.24 -7.13 -6.89
CA PHE B 191 3.54 -7.07 -7.54
C PHE B 191 4.53 -6.19 -6.80
N THR B 192 4.06 -5.12 -6.15
CA THR B 192 4.95 -4.18 -5.49
C THR B 192 5.03 -4.38 -3.98
N HIS B 193 4.14 -5.19 -3.40
CA HIS B 193 4.06 -5.37 -1.95
C HIS B 193 3.86 -4.04 -1.23
N THR B 194 3.19 -3.11 -1.90
CA THR B 194 2.89 -1.80 -1.34
C THR B 194 1.58 -1.86 -0.57
N ILE B 195 1.55 -1.22 0.59
CA ILE B 195 0.37 -1.15 1.44
C ILE B 195 -0.20 0.26 1.36
N GLN B 196 -1.51 0.35 1.15
CA GLN B 196 -2.25 1.59 1.16
C GLN B 196 -3.24 1.55 2.32
N GLN B 197 -3.27 2.60 3.13
CA GLN B 197 -4.00 2.61 4.39
C GLN B 197 -5.15 3.60 4.32
N LYS B 198 -6.36 3.12 4.56
CA LYS B 198 -7.51 3.98 4.74
C LYS B 198 -7.38 4.75 6.06
N ASN B 199 -8.07 5.89 6.14
CA ASN B 199 -8.16 6.59 7.40
C ASN B 199 -8.82 5.69 8.44
N PRO B 200 -8.39 5.76 9.70
CA PRO B 200 -8.91 4.83 10.70
C PRO B 200 -10.29 5.22 11.22
N PHE B 201 -11.11 4.21 11.49
CA PHE B 201 -12.40 4.38 12.13
C PHE B 201 -12.24 4.41 13.65
N THR B 202 -13.01 5.27 14.30
CA THR B 202 -13.06 5.33 15.75
C THR B 202 -14.49 5.02 16.19
N LEU B 203 -14.63 4.14 17.18
CA LEU B 203 -15.93 3.73 17.67
C LEU B 203 -16.27 4.42 18.97
N LYS B 204 -17.58 4.62 19.19
CA LYS B 204 -18.11 5.12 20.45
C LYS B 204 -19.36 4.32 20.74
N VAL B 205 -19.28 3.42 21.71
CA VAL B 205 -20.39 2.53 22.05
C VAL B 205 -21.20 3.15 23.18
N LEU B 206 -22.50 2.89 23.16
CA LEU B 206 -23.43 3.40 24.16
C LEU B 206 -24.07 2.23 24.88
N THR B 207 -24.08 2.29 26.21
CA THR B 207 -24.60 1.21 27.02
C THR B 207 -26.13 1.23 27.01
N ASN B 208 -26.72 0.07 27.33
CA ASN B 208 -28.17 -0.08 27.37
C ASN B 208 -28.77 0.86 28.40
N ASN B 209 -29.67 1.74 27.94
CA ASN B 209 -30.35 2.76 28.76
C ASN B 209 -29.46 3.36 29.84
N VAL B 228 -27.37 -6.97 27.50
CA VAL B 228 -28.35 -6.38 26.60
C VAL B 228 -29.38 -7.44 26.19
N ALA B 229 -30.54 -7.00 25.74
CA ALA B 229 -31.61 -7.91 25.39
C ALA B 229 -31.22 -8.77 24.19
N GLU B 230 -31.69 -10.02 24.20
CA GLU B 230 -31.40 -10.97 23.14
C GLU B 230 -32.13 -10.57 21.86
N ARG B 231 -31.71 -11.19 20.75
CA ARG B 231 -32.28 -10.87 19.46
C ARG B 231 -32.13 -12.05 18.51
N THR B 232 -33.10 -12.20 17.62
CA THR B 232 -33.05 -13.24 16.60
C THR B 232 -31.97 -12.91 15.57
N PRO B 233 -31.38 -13.92 14.93
CA PRO B 233 -30.38 -13.66 13.89
C PRO B 233 -30.97 -12.87 12.73
N SER B 234 -30.10 -12.10 12.09
CA SER B 234 -30.46 -11.34 10.90
C SER B 234 -29.23 -11.27 10.00
N PHE B 235 -29.45 -11.40 8.69
CA PHE B 235 -28.34 -11.42 7.75
C PHE B 235 -27.87 -10.00 7.43
N MET B 236 -26.56 -9.82 7.40
CA MET B 236 -25.95 -8.51 7.19
C MET B 236 -25.49 -8.31 5.74
N TYR B 237 -24.72 -9.25 5.20
CA TYR B 237 -24.14 -9.07 3.87
C TYR B 237 -25.12 -9.45 2.76
N PRO B 238 -25.63 -10.70 2.70
CA PRO B 238 -26.54 -11.04 1.59
C PRO B 238 -27.97 -10.63 1.88
N GLN B 239 -28.34 -9.43 1.42
CA GLN B 239 -29.67 -8.91 1.68
C GLN B 239 -30.73 -9.73 0.94
N GLY B 240 -31.93 -9.75 1.50
CA GLY B 240 -33.05 -10.48 0.92
C GLY B 240 -33.06 -11.94 1.32
N THR B 241 -34.12 -12.63 0.90
CA THR B 241 -34.26 -14.05 1.20
C THR B 241 -33.35 -14.89 0.33
N SER B 242 -33.24 -14.56 -0.96
CA SER B 242 -32.45 -15.32 -1.90
C SER B 242 -31.46 -14.41 -2.61
N SER B 243 -30.52 -15.02 -3.32
CA SER B 243 -29.54 -14.31 -4.12
C SER B 243 -29.02 -15.26 -5.19
N SER B 244 -28.28 -14.70 -6.15
CA SER B 244 -27.72 -15.48 -7.24
C SER B 244 -26.25 -15.14 -7.41
N GLN B 245 -25.50 -16.12 -7.93
CA GLN B 245 -24.10 -15.93 -8.28
C GLN B 245 -23.79 -16.71 -9.55
N MET B 246 -22.88 -16.16 -10.34
CA MET B 246 -22.43 -16.79 -11.59
C MET B 246 -20.93 -16.92 -11.54
N VAL B 247 -20.44 -18.14 -11.71
CA VAL B 247 -19.01 -18.44 -11.66
C VAL B 247 -18.64 -19.28 -12.88
N LEU B 248 -17.48 -19.01 -13.45
CA LEU B 248 -17.03 -19.74 -14.63
C LEU B 248 -16.41 -21.07 -14.25
N ARG B 249 -16.47 -22.02 -15.19
CA ARG B 249 -15.91 -23.34 -14.99
C ARG B 249 -14.40 -23.24 -14.73
N GLY B 250 -13.94 -24.00 -13.75
CA GLY B 250 -12.53 -24.00 -13.38
C GLY B 250 -12.11 -22.90 -12.43
N MET B 251 -12.97 -21.91 -12.18
CA MET B 251 -12.67 -20.84 -11.24
C MET B 251 -13.13 -21.22 -9.84
N ASP B 252 -12.75 -20.40 -8.87
CA ASP B 252 -13.10 -20.64 -7.48
C ASP B 252 -14.45 -19.97 -7.16
N LEU B 253 -15.35 -20.74 -6.58
CA LEU B 253 -16.64 -20.24 -6.13
C LEU B 253 -16.56 -19.91 -4.66
N LEU B 254 -16.93 -18.68 -4.30
CA LEU B 254 -16.81 -18.18 -2.93
C LEU B 254 -18.16 -17.63 -2.49
N LEU B 255 -18.87 -18.38 -1.64
CA LEU B 255 -20.12 -17.92 -1.06
C LEU B 255 -19.90 -17.45 0.36
N GLU B 256 -20.73 -16.51 0.79
CA GLU B 256 -20.57 -15.89 2.10
C GLU B 256 -21.93 -15.69 2.76
N CYS B 257 -21.96 -15.88 4.08
CA CYS B 257 -23.14 -15.58 4.90
C CYS B 257 -22.67 -14.94 6.19
N ILE B 258 -23.12 -13.71 6.44
CA ILE B 258 -22.80 -12.97 7.65
C ILE B 258 -24.10 -12.72 8.40
N ALA B 259 -24.12 -13.09 9.68
CA ALA B 259 -25.32 -12.99 10.51
C ALA B 259 -25.08 -12.01 11.66
N SER B 260 -26.18 -11.45 12.16
CA SER B 260 -26.14 -10.51 13.27
C SER B 260 -27.11 -10.98 14.34
N GLY B 261 -26.61 -11.14 15.56
CA GLY B 261 -27.43 -11.53 16.68
C GLY B 261 -26.72 -11.28 18.00
N VAL B 262 -27.48 -10.95 19.05
CA VAL B 262 -26.88 -10.73 20.37
C VAL B 262 -26.12 -11.96 20.84
N PRO B 263 -26.66 -13.19 20.77
CA PRO B 263 -25.79 -14.35 20.86
C PRO B 263 -25.21 -14.67 19.49
N THR B 264 -23.89 -14.64 19.37
CA THR B 264 -23.21 -14.71 18.09
C THR B 264 -23.67 -15.93 17.29
N PRO B 265 -24.32 -15.74 16.14
CA PRO B 265 -24.85 -16.89 15.40
C PRO B 265 -23.73 -17.72 14.78
N ASP B 266 -24.07 -18.97 14.47
CA ASP B 266 -23.17 -19.91 13.84
C ASP B 266 -23.74 -20.27 12.46
N ILE B 267 -22.92 -20.13 11.43
CA ILE B 267 -23.36 -20.33 10.05
C ILE B 267 -23.03 -21.76 9.64
N ALA B 268 -24.05 -22.48 9.18
CA ALA B 268 -23.89 -23.84 8.68
C ALA B 268 -24.37 -23.91 7.24
N TRP B 269 -23.59 -24.55 6.38
CA TRP B 269 -23.87 -24.59 4.95
C TRP B 269 -24.46 -25.93 4.54
N TYR B 270 -25.42 -25.90 3.62
CA TYR B 270 -26.00 -27.10 3.03
C TYR B 270 -26.33 -26.83 1.58
N LYS B 271 -26.56 -27.91 0.84
CA LYS B 271 -26.90 -27.83 -0.58
C LYS B 271 -28.17 -28.62 -0.85
N LYS B 272 -29.05 -28.05 -1.67
CA LYS B 272 -30.24 -28.77 -2.10
C LYS B 272 -29.87 -30.00 -2.91
N GLY B 273 -30.40 -31.16 -2.49
CA GLY B 273 -30.21 -32.38 -3.26
C GLY B 273 -28.77 -32.81 -3.43
N GLY B 274 -27.98 -32.73 -2.36
CA GLY B 274 -26.60 -33.16 -2.43
C GLY B 274 -25.72 -32.60 -1.34
N ASP B 275 -24.67 -33.32 -0.98
CA ASP B 275 -23.69 -32.86 -0.01
C ASP B 275 -22.51 -32.22 -0.74
N LEU B 276 -21.85 -31.30 -0.04
CA LEU B 276 -20.71 -30.60 -0.65
C LEU B 276 -19.60 -31.59 -0.97
N PRO B 277 -18.89 -31.40 -2.08
CA PRO B 277 -17.79 -32.31 -2.43
C PRO B 277 -16.64 -32.16 -1.43
N SER B 278 -16.27 -33.27 -0.80
CA SER B 278 -15.27 -33.21 0.25
C SER B 278 -13.89 -32.86 -0.29
N ASN B 279 -13.60 -33.20 -1.54
CA ASN B 279 -12.27 -32.99 -2.10
C ASN B 279 -12.03 -31.54 -2.54
N LYS B 280 -13.08 -30.78 -2.77
CA LYS B 280 -12.94 -29.42 -3.29
C LYS B 280 -13.49 -28.35 -2.37
N ALA B 281 -14.57 -28.63 -1.63
CA ALA B 281 -15.17 -27.63 -0.78
C ALA B 281 -14.36 -27.45 0.50
N LYS B 282 -14.24 -26.20 0.94
CA LYS B 282 -13.54 -25.85 2.16
C LYS B 282 -14.28 -24.72 2.85
N PHE B 283 -14.25 -24.74 4.17
CA PHE B 283 -14.84 -23.67 4.98
C PHE B 283 -13.76 -22.71 5.43
N GLU B 284 -14.05 -21.41 5.30
CA GLU B 284 -13.13 -20.35 5.68
C GLU B 284 -13.92 -19.29 6.43
N ASN B 285 -13.17 -18.39 7.08
CA ASN B 285 -13.75 -17.24 7.78
C ASN B 285 -14.77 -17.69 8.84
N PHE B 286 -14.36 -18.65 9.66
CA PHE B 286 -15.16 -19.12 10.80
C PHE B 286 -16.51 -19.66 10.33
N ASN B 287 -16.48 -20.48 9.28
CA ASN B 287 -17.67 -21.08 8.67
C ASN B 287 -18.62 -20.05 8.08
N LYS B 288 -18.15 -18.80 7.90
CA LYS B 288 -18.95 -17.79 7.22
C LYS B 288 -18.64 -17.71 5.73
N ALA B 289 -17.71 -18.52 5.24
CA ALA B 289 -17.35 -18.54 3.83
C ALA B 289 -17.19 -19.98 3.37
N LEU B 290 -17.74 -20.28 2.20
CA LEU B 290 -17.64 -21.60 1.59
C LEU B 290 -16.99 -21.48 0.23
N ARG B 291 -15.91 -22.24 0.00
CA ARG B 291 -15.12 -22.12 -1.21
C ARG B 291 -15.06 -23.47 -1.92
N ILE B 292 -15.48 -23.48 -3.18
CA ILE B 292 -15.31 -24.62 -4.07
C ILE B 292 -14.18 -24.29 -5.04
N THR B 293 -13.21 -25.20 -5.15
CA THR B 293 -11.98 -24.87 -5.89
C THR B 293 -12.17 -24.97 -7.40
N ASN B 294 -12.35 -26.18 -7.92
CA ASN B 294 -12.40 -26.43 -9.36
C ASN B 294 -13.86 -26.74 -9.73
N VAL B 295 -14.65 -25.67 -9.87
CA VAL B 295 -16.08 -25.85 -10.11
C VAL B 295 -16.32 -26.44 -11.49
N SER B 296 -17.43 -27.15 -11.62
CA SER B 296 -17.85 -27.76 -12.88
C SER B 296 -19.37 -27.66 -12.98
N GLU B 297 -19.91 -28.16 -14.09
CA GLU B 297 -21.36 -28.13 -14.29
C GLU B 297 -22.10 -28.84 -13.17
N GLU B 298 -21.45 -29.83 -12.55
CA GLU B 298 -22.10 -30.59 -11.48
C GLU B 298 -22.26 -29.77 -10.21
N ASP B 299 -21.39 -28.77 -9.99
CA ASP B 299 -21.45 -27.95 -8.80
C ASP B 299 -22.59 -26.94 -8.80
N SER B 300 -23.21 -26.69 -9.96
CA SER B 300 -24.33 -25.76 -10.01
C SER B 300 -25.51 -26.29 -9.19
N GLY B 301 -26.28 -25.37 -8.63
CA GLY B 301 -27.44 -25.76 -7.85
C GLY B 301 -27.96 -24.70 -6.90
N GLU B 302 -28.44 -25.13 -5.74
CA GLU B 302 -28.99 -24.23 -4.72
C GLU B 302 -28.28 -24.51 -3.41
N TYR B 303 -27.51 -23.54 -2.93
CA TYR B 303 -26.78 -23.65 -1.67
C TYR B 303 -27.43 -22.72 -0.66
N PHE B 304 -27.85 -23.26 0.48
CA PHE B 304 -28.40 -22.40 1.52
C PHE B 304 -27.53 -22.45 2.77
N CYS B 305 -27.67 -21.43 3.59
CA CYS B 305 -26.93 -21.29 4.83
C CYS B 305 -27.89 -20.94 5.96
N LEU B 306 -27.70 -21.60 7.09
CA LEU B 306 -28.51 -21.38 8.29
C LEU B 306 -27.67 -20.65 9.33
N ALA B 307 -28.23 -19.56 9.85
CA ALA B 307 -27.58 -18.79 10.92
C ALA B 307 -28.18 -19.24 12.24
N SER B 308 -27.76 -20.42 12.69
CA SER B 308 -28.33 -21.00 13.90
C SER B 308 -27.90 -20.22 15.13
N ASN B 309 -28.83 -20.07 16.07
CA ASN B 309 -28.60 -19.28 17.28
C ASN B 309 -29.49 -19.81 18.38
N LYS B 310 -29.13 -19.47 19.63
CA LYS B 310 -29.91 -19.90 20.78
C LYS B 310 -31.35 -19.41 20.71
N MET B 311 -31.57 -18.22 20.13
CA MET B 311 -32.92 -17.67 20.05
C MET B 311 -33.69 -18.26 18.87
N GLY B 312 -33.13 -18.16 17.67
CA GLY B 312 -33.80 -18.67 16.49
C GLY B 312 -32.80 -19.00 15.41
N SER B 313 -33.33 -19.41 14.26
CA SER B 313 -32.51 -19.78 13.11
C SER B 313 -33.24 -19.39 11.83
N ILE B 314 -32.54 -18.68 10.95
CA ILE B 314 -33.08 -18.28 9.67
C ILE B 314 -32.15 -18.78 8.57
N ARG B 315 -32.74 -18.95 7.38
CA ARG B 315 -32.04 -19.52 6.23
C ARG B 315 -31.93 -18.49 5.12
N HIS B 316 -30.82 -18.52 4.40
CA HIS B 316 -30.64 -17.72 3.19
C HIS B 316 -30.18 -18.63 2.06
N THR B 317 -30.85 -18.53 0.92
CA THR B 317 -30.59 -19.41 -0.22
C THR B 317 -29.84 -18.65 -1.31
N ILE B 318 -29.01 -19.38 -2.06
CA ILE B 318 -28.17 -18.82 -3.11
C ILE B 318 -28.26 -19.74 -4.32
N SER B 319 -28.68 -19.20 -5.46
CA SER B 319 -28.76 -19.96 -6.70
C SER B 319 -27.43 -19.81 -7.43
N VAL B 320 -26.68 -20.90 -7.54
CA VAL B 320 -25.37 -20.90 -8.17
C VAL B 320 -25.51 -21.52 -9.56
N ARG B 321 -25.27 -20.71 -10.59
CA ARG B 321 -25.22 -21.16 -11.96
C ARG B 321 -23.76 -21.15 -12.42
N VAL B 322 -23.34 -22.22 -13.09
CA VAL B 322 -21.96 -22.38 -13.52
C VAL B 322 -21.93 -22.33 -15.04
N LYS B 323 -21.37 -21.26 -15.58
CA LYS B 323 -21.11 -21.13 -17.01
C LYS B 323 -19.67 -21.52 -17.29
N ALA B 324 -19.33 -21.58 -18.57
CA ALA B 324 -18.00 -22.03 -18.98
C ALA B 324 -17.53 -21.25 -20.21
N ALA B 325 -16.27 -20.84 -20.18
CA ALA B 325 -15.61 -20.34 -21.37
C ALA B 325 -15.25 -21.51 -22.28
N PRO B 326 -15.17 -21.28 -23.59
CA PRO B 326 -14.99 -22.40 -24.51
C PRO B 326 -13.68 -23.14 -24.30
N TYR B 327 -13.73 -24.46 -24.50
CA TYR B 327 -12.57 -25.33 -24.40
C TYR B 327 -12.65 -26.38 -25.50
N TRP B 328 -11.50 -26.75 -26.04
CA TRP B 328 -11.46 -27.57 -27.25
C TRP B 328 -12.01 -28.96 -27.00
N LEU B 329 -12.91 -29.41 -27.88
CA LEU B 329 -13.22 -30.82 -28.02
C LEU B 329 -12.46 -31.44 -29.18
N ASP B 330 -12.42 -30.75 -30.32
CA ASP B 330 -11.56 -31.09 -31.44
C ASP B 330 -10.95 -29.80 -31.96
N GLU B 331 -9.67 -29.60 -31.67
CA GLU B 331 -8.95 -28.40 -32.11
C GLU B 331 -8.51 -28.57 -33.56
N PRO B 332 -8.65 -27.54 -34.39
CA PRO B 332 -8.25 -27.67 -35.80
C PRO B 332 -6.76 -27.92 -35.93
N LYS B 333 -6.42 -28.95 -36.71
CA LYS B 333 -5.05 -29.34 -36.97
C LYS B 333 -4.67 -28.99 -38.41
N ASN B 334 -3.38 -28.75 -38.63
CA ASN B 334 -2.89 -28.43 -39.96
C ASN B 334 -3.33 -29.49 -40.96
N LEU B 335 -3.58 -29.05 -42.19
CA LEU B 335 -3.95 -29.94 -43.28
C LEU B 335 -2.72 -30.17 -44.16
N ILE B 336 -2.18 -31.38 -44.12
CA ILE B 336 -1.07 -31.77 -44.98
C ILE B 336 -1.67 -32.51 -46.16
N LEU B 337 -1.60 -31.92 -47.35
CA LEU B 337 -2.29 -32.45 -48.52
C LEU B 337 -1.34 -32.47 -49.71
N ALA B 338 -1.61 -33.40 -50.61
CA ALA B 338 -1.06 -33.46 -51.94
C ALA B 338 -2.07 -32.88 -52.93
N PRO B 339 -1.61 -32.37 -54.07
CA PRO B 339 -2.54 -31.76 -55.03
C PRO B 339 -3.64 -32.74 -55.45
N GLY B 340 -4.89 -32.28 -55.35
CA GLY B 340 -6.04 -33.09 -55.71
C GLY B 340 -6.65 -33.87 -54.58
N GLU B 341 -6.07 -33.85 -53.39
CA GLU B 341 -6.55 -34.63 -52.26
C GLU B 341 -7.54 -33.81 -51.44
N ASP B 342 -8.52 -34.49 -50.88
CA ASP B 342 -9.58 -33.86 -50.11
C ASP B 342 -9.26 -33.90 -48.62
N GLY B 343 -9.55 -32.80 -47.93
CA GLY B 343 -9.35 -32.71 -46.50
C GLY B 343 -10.40 -31.82 -45.89
N ARG B 344 -10.31 -31.62 -44.57
CA ARG B 344 -11.24 -30.74 -43.89
C ARG B 344 -10.62 -30.20 -42.62
N LEU B 345 -11.03 -28.98 -42.27
CA LEU B 345 -10.70 -28.34 -41.00
C LEU B 345 -11.93 -28.35 -40.12
N VAL B 346 -11.78 -28.90 -38.91
CA VAL B 346 -12.87 -29.01 -37.94
C VAL B 346 -12.48 -28.23 -36.70
N CYS B 347 -13.39 -27.36 -36.24
CA CYS B 347 -13.14 -26.48 -35.11
C CYS B 347 -14.33 -26.57 -34.16
N ARG B 348 -14.22 -27.41 -33.13
CA ARG B 348 -15.31 -27.65 -32.19
C ARG B 348 -14.85 -27.35 -30.77
N ALA B 349 -15.49 -26.35 -30.16
CA ALA B 349 -15.28 -26.04 -28.76
C ALA B 349 -16.59 -26.25 -28.01
N ASN B 350 -16.47 -26.48 -26.70
CA ASN B 350 -17.61 -26.63 -25.82
C ASN B 350 -17.62 -25.48 -24.82
N GLY B 351 -18.82 -25.14 -24.35
CA GLY B 351 -18.94 -24.07 -23.39
C GLY B 351 -20.39 -23.75 -23.13
N ASN B 352 -20.60 -22.90 -22.13
CA ASN B 352 -21.93 -22.42 -21.76
C ASN B 352 -21.86 -20.91 -21.63
N PRO B 353 -22.48 -20.13 -22.53
CA PRO B 353 -23.30 -20.60 -23.67
C PRO B 353 -22.48 -21.25 -24.77
N LYS B 354 -23.16 -21.86 -25.75
CA LYS B 354 -22.47 -22.53 -26.84
C LYS B 354 -21.65 -21.53 -27.65
N PRO B 355 -20.37 -21.80 -27.91
CA PRO B 355 -19.51 -20.80 -28.58
C PRO B 355 -19.83 -20.69 -30.07
N THR B 356 -20.00 -19.45 -30.52
CA THR B 356 -20.14 -19.17 -31.94
C THR B 356 -18.78 -19.26 -32.62
N VAL B 357 -18.74 -19.90 -33.78
CA VAL B 357 -17.52 -20.09 -34.55
C VAL B 357 -17.43 -18.99 -35.60
N GLN B 358 -16.26 -18.36 -35.71
CA GLN B 358 -15.98 -17.39 -36.76
C GLN B 358 -14.69 -17.78 -37.45
N TRP B 359 -14.74 -17.91 -38.77
CA TRP B 359 -13.60 -18.33 -39.57
C TRP B 359 -12.94 -17.12 -40.22
N MET B 360 -11.61 -17.15 -40.30
CA MET B 360 -10.83 -16.14 -40.99
C MET B 360 -9.77 -16.83 -41.83
N VAL B 361 -9.33 -16.15 -42.88
CA VAL B 361 -8.26 -16.64 -43.74
C VAL B 361 -7.17 -15.57 -43.77
N ASN B 362 -5.99 -15.93 -43.25
CA ASN B 362 -4.84 -15.03 -43.18
C ASN B 362 -5.18 -13.73 -42.45
N GLY B 363 -6.04 -13.81 -41.44
CA GLY B 363 -6.44 -12.64 -40.67
C GLY B 363 -7.56 -11.83 -41.30
N GLU B 364 -8.14 -12.29 -42.41
CA GLU B 364 -9.25 -11.63 -43.06
C GLU B 364 -10.52 -12.45 -42.91
N PRO B 365 -11.65 -11.81 -42.61
CA PRO B 365 -12.90 -12.57 -42.44
C PRO B 365 -13.22 -13.41 -43.67
N LEU B 366 -13.77 -14.59 -43.42
CA LEU B 366 -14.03 -15.56 -44.49
C LEU B 366 -15.07 -15.04 -45.49
N GLN B 367 -16.04 -14.26 -45.02
CA GLN B 367 -17.10 -13.77 -45.90
C GLN B 367 -16.55 -12.89 -47.01
N SER B 368 -15.42 -12.21 -46.77
CA SER B 368 -14.82 -11.32 -47.74
C SER B 368 -13.45 -11.78 -48.21
N ALA B 369 -13.08 -13.02 -47.95
CA ALA B 369 -11.80 -13.54 -48.39
C ALA B 369 -11.81 -13.75 -49.91
N PRO B 370 -10.63 -13.83 -50.53
CA PRO B 370 -10.56 -14.23 -51.93
C PRO B 370 -11.24 -15.57 -52.14
N PRO B 371 -12.13 -15.68 -53.12
CA PRO B 371 -12.91 -16.90 -53.27
C PRO B 371 -12.04 -18.08 -53.67
N ASN B 372 -12.40 -19.26 -53.15
CA ASN B 372 -11.73 -20.51 -53.50
C ASN B 372 -12.80 -21.51 -53.87
N PRO B 373 -12.82 -22.04 -55.09
CA PRO B 373 -13.85 -23.01 -55.46
C PRO B 373 -13.73 -24.33 -54.71
N ASN B 374 -12.51 -24.74 -54.35
CA ASN B 374 -12.32 -25.99 -53.63
C ASN B 374 -12.83 -25.91 -52.19
N ARG B 375 -13.02 -24.70 -51.67
CA ARG B 375 -13.33 -24.49 -50.26
C ARG B 375 -14.83 -24.32 -50.08
N GLU B 376 -15.44 -25.19 -49.27
CA GLU B 376 -16.85 -25.10 -48.93
C GLU B 376 -16.97 -25.03 -47.41
N VAL B 377 -17.63 -24.00 -46.89
CA VAL B 377 -17.76 -23.80 -45.45
C VAL B 377 -19.18 -24.15 -45.04
N ALA B 378 -19.31 -24.79 -43.88
CA ALA B 378 -20.62 -25.17 -43.35
C ALA B 378 -20.49 -25.22 -41.83
N GLY B 379 -21.18 -24.30 -41.15
CA GLY B 379 -21.14 -24.24 -39.71
C GLY B 379 -19.76 -24.06 -39.14
N ASP B 380 -19.21 -25.12 -38.54
CA ASP B 380 -17.89 -25.09 -37.94
C ASP B 380 -16.86 -25.90 -38.73
N THR B 381 -17.18 -26.27 -39.97
CA THR B 381 -16.31 -27.15 -40.75
C THR B 381 -16.01 -26.53 -42.11
N ILE B 382 -14.77 -26.66 -42.55
CA ILE B 382 -14.36 -26.26 -43.89
C ILE B 382 -13.90 -27.50 -44.63
N ILE B 383 -14.39 -27.69 -45.86
CA ILE B 383 -14.07 -28.84 -46.68
C ILE B 383 -13.29 -28.37 -47.90
N PHE B 384 -12.21 -29.10 -48.22
CA PHE B 384 -11.40 -28.86 -49.40
C PHE B 384 -11.45 -30.10 -50.27
N ARG B 385 -12.06 -29.98 -51.46
CA ARG B 385 -12.15 -31.07 -52.41
C ARG B 385 -11.28 -30.74 -53.62
N ASP B 386 -10.43 -31.69 -54.01
CA ASP B 386 -9.45 -31.49 -55.07
C ASP B 386 -8.65 -30.21 -54.84
N THR B 387 -7.95 -30.19 -53.69
CA THR B 387 -7.15 -29.04 -53.33
C THR B 387 -5.96 -28.90 -54.26
N GLN B 388 -5.64 -27.66 -54.62
CA GLN B 388 -4.51 -27.38 -55.50
C GLN B 388 -3.52 -26.46 -54.77
N ILE B 389 -2.50 -26.00 -55.53
CA ILE B 389 -1.44 -25.18 -54.94
C ILE B 389 -2.01 -23.88 -54.40
N SER B 390 -3.12 -23.40 -54.98
CA SER B 390 -3.83 -22.28 -54.39
C SER B 390 -4.44 -22.70 -53.05
N SER B 391 -5.06 -21.74 -52.37
CA SER B 391 -5.65 -21.96 -51.04
C SER B 391 -4.65 -22.47 -50.03
N ARG B 392 -3.35 -22.36 -50.34
CA ARG B 392 -2.30 -22.58 -49.34
C ARG B 392 -2.26 -21.36 -48.43
N ALA B 393 -2.96 -21.44 -47.30
CA ALA B 393 -3.04 -20.31 -46.40
C ALA B 393 -3.34 -20.81 -44.99
N VAL B 394 -3.11 -19.93 -44.02
CA VAL B 394 -3.42 -20.23 -42.62
C VAL B 394 -4.84 -19.78 -42.34
N TYR B 395 -5.69 -20.72 -41.97
CA TYR B 395 -7.03 -20.40 -41.51
C TYR B 395 -7.03 -20.25 -40.00
N GLN B 396 -7.83 -19.31 -39.51
CA GLN B 396 -7.99 -19.07 -38.08
C GLN B 396 -9.42 -19.35 -37.69
N CYS B 397 -9.60 -19.99 -36.55
CA CYS B 397 -10.91 -20.23 -35.98
C CYS B 397 -11.01 -19.51 -34.64
N ASN B 398 -12.06 -18.71 -34.47
CA ASN B 398 -12.34 -18.02 -33.22
C ASN B 398 -13.69 -18.52 -32.71
N THR B 399 -13.66 -19.34 -31.67
CA THR B 399 -14.87 -19.82 -31.02
C THR B 399 -15.08 -19.00 -29.75
N SER B 400 -16.17 -18.26 -29.69
CA SER B 400 -16.33 -17.27 -28.64
C SER B 400 -17.71 -17.32 -28.01
N ASN B 401 -17.78 -16.95 -26.74
CA ASN B 401 -19.03 -16.65 -26.05
C ASN B 401 -18.78 -15.49 -25.10
N GLU B 402 -19.85 -15.04 -24.45
CA GLU B 402 -19.79 -13.89 -23.56
C GLU B 402 -18.65 -13.98 -22.55
N HIS B 403 -18.22 -15.21 -22.22
CA HIS B 403 -17.26 -15.41 -21.15
C HIS B 403 -15.83 -15.65 -21.63
N GLY B 404 -15.60 -15.74 -22.94
CA GLY B 404 -14.25 -15.94 -23.42
C GLY B 404 -14.22 -16.52 -24.81
N TYR B 405 -13.01 -16.57 -25.37
CA TYR B 405 -12.81 -17.04 -26.73
C TYR B 405 -11.64 -18.01 -26.80
N LEU B 406 -11.56 -18.71 -27.92
CA LEU B 406 -10.45 -19.58 -28.25
C LEU B 406 -10.08 -19.35 -29.71
N LEU B 407 -8.82 -19.03 -29.94
CA LEU B 407 -8.29 -18.72 -31.28
C LEU B 407 -7.29 -19.79 -31.67
N ALA B 408 -7.47 -20.38 -32.85
CA ALA B 408 -6.62 -21.46 -33.32
C ALA B 408 -6.17 -21.18 -34.75
N ASN B 409 -4.92 -21.51 -35.03
CA ASN B 409 -4.34 -21.39 -36.36
C ASN B 409 -4.11 -22.78 -36.94
N ALA B 410 -4.49 -22.97 -38.20
CA ALA B 410 -4.25 -24.23 -38.90
C ALA B 410 -4.03 -23.90 -40.36
N PHE B 411 -2.87 -24.26 -40.90
CA PHE B 411 -2.58 -23.96 -42.29
C PHE B 411 -2.85 -25.17 -43.18
N VAL B 412 -3.12 -24.89 -44.44
CA VAL B 412 -3.26 -25.91 -45.47
C VAL B 412 -2.00 -25.87 -46.32
N SER B 413 -1.29 -27.00 -46.38
CA SER B 413 -0.02 -27.09 -47.09
C SER B 413 -0.14 -28.18 -48.16
N VAL B 414 -0.14 -27.76 -49.42
CA VAL B 414 -0.18 -28.66 -50.57
C VAL B 414 1.25 -28.74 -51.11
N LEU B 415 1.87 -29.91 -51.01
CA LEU B 415 3.25 -30.10 -51.42
C LEU B 415 3.39 -31.45 -52.10
N ASP B 416 4.61 -31.72 -52.61
CA ASP B 416 4.91 -32.95 -53.33
C ASP B 416 6.34 -33.36 -52.98
N VAL B 417 6.48 -34.16 -51.92
CA VAL B 417 7.77 -34.66 -51.46
C VAL B 417 7.62 -36.13 -51.07
N PRO B 418 8.59 -36.98 -51.39
CA PRO B 418 8.50 -38.40 -51.01
C PRO B 418 8.56 -38.55 -49.50
N PRO B 419 8.18 -39.72 -48.97
CA PRO B 419 8.17 -39.89 -47.51
C PRO B 419 9.57 -39.88 -46.93
N ARG B 420 9.70 -39.29 -45.74
CA ARG B 420 10.98 -39.07 -45.09
C ARG B 420 10.98 -39.74 -43.73
N MET B 421 12.18 -40.12 -43.27
CA MET B 421 12.36 -40.67 -41.93
C MET B 421 12.99 -39.61 -41.03
N LEU B 422 12.38 -39.37 -39.87
CA LEU B 422 12.76 -38.28 -38.99
C LEU B 422 13.65 -38.71 -37.84
N SER B 423 13.75 -40.00 -37.55
CA SER B 423 14.53 -40.51 -36.44
C SER B 423 15.82 -41.14 -36.93
N ALA B 424 16.69 -41.48 -35.99
CA ALA B 424 17.97 -42.09 -36.31
C ALA B 424 17.77 -43.49 -36.87
N ARG B 425 18.78 -43.95 -37.61
CA ARG B 425 18.73 -45.25 -38.28
C ARG B 425 19.30 -46.34 -37.39
N ASN B 426 18.64 -47.49 -37.38
CA ASN B 426 19.07 -48.68 -36.66
C ASN B 426 19.29 -48.38 -35.18
N GLN B 427 18.24 -47.90 -34.53
CA GLN B 427 18.34 -47.62 -33.10
C GLN B 427 18.38 -48.94 -32.32
N LEU B 428 18.73 -48.83 -31.04
CA LEU B 428 18.81 -49.98 -30.15
C LEU B 428 18.00 -49.70 -28.90
N ILE B 429 17.10 -50.63 -28.55
CA ILE B 429 16.28 -50.48 -27.35
C ILE B 429 16.33 -51.79 -26.58
N ARG B 430 16.65 -51.69 -25.28
CA ARG B 430 16.69 -52.82 -24.37
C ARG B 430 15.49 -52.77 -23.44
N VAL B 431 14.95 -53.94 -23.09
CA VAL B 431 13.77 -54.00 -22.25
C VAL B 431 13.77 -55.34 -21.53
N ILE B 432 13.25 -55.35 -20.30
CA ILE B 432 13.17 -56.60 -19.54
C ILE B 432 11.90 -57.34 -19.95
N LEU B 433 11.83 -58.63 -19.59
CA LEU B 433 10.88 -59.57 -20.15
C LEU B 433 9.45 -59.06 -20.19
N TYR B 434 8.77 -58.96 -19.06
CA TYR B 434 7.34 -58.74 -19.04
C TYR B 434 6.94 -57.26 -19.14
N ASN B 435 7.90 -56.35 -19.28
CA ASN B 435 7.57 -54.94 -19.40
C ASN B 435 6.87 -54.66 -20.73
N ARG B 436 6.22 -53.51 -20.80
CA ARG B 436 5.75 -52.97 -22.07
C ARG B 436 6.81 -52.04 -22.64
N THR B 437 6.73 -51.80 -23.95
CA THR B 437 7.73 -50.96 -24.59
C THR B 437 7.11 -50.25 -25.78
N ARG B 438 7.84 -49.26 -26.29
CA ARG B 438 7.38 -48.43 -27.40
C ARG B 438 8.56 -48.12 -28.31
N LEU B 439 8.44 -48.50 -29.58
CA LEU B 439 9.43 -48.19 -30.60
C LEU B 439 8.97 -46.94 -31.36
N ASP B 440 9.84 -45.94 -31.43
CA ASP B 440 9.52 -44.67 -32.06
C ASP B 440 10.00 -44.67 -33.50
N CYS B 441 9.14 -44.22 -34.42
CA CYS B 441 9.47 -44.15 -35.84
C CYS B 441 8.68 -43.01 -36.46
N PRO B 442 9.03 -41.76 -36.14
CA PRO B 442 8.34 -40.62 -36.76
C PRO B 442 8.70 -40.47 -38.23
N PHE B 443 7.74 -39.97 -39.01
CA PHE B 443 7.86 -39.94 -40.45
C PHE B 443 7.14 -38.70 -40.98
N PHE B 444 7.29 -38.47 -42.28
CA PHE B 444 6.57 -37.40 -42.95
C PHE B 444 6.53 -37.70 -44.45
N GLY B 445 5.43 -37.27 -45.08
CA GLY B 445 5.26 -37.41 -46.51
C GLY B 445 4.24 -36.42 -47.02
N SER B 446 4.36 -36.08 -48.31
CA SER B 446 3.49 -35.04 -48.88
C SER B 446 2.01 -35.43 -48.82
N PRO B 447 1.57 -36.57 -49.39
CA PRO B 447 0.35 -37.18 -48.85
C PRO B 447 0.74 -38.07 -47.68
N ILE B 448 0.03 -37.97 -46.56
CA ILE B 448 0.41 -38.64 -45.33
C ILE B 448 0.62 -40.12 -45.60
N PRO B 449 1.85 -40.62 -45.49
CA PRO B 449 2.11 -42.02 -45.84
C PRO B 449 1.59 -42.97 -44.77
N THR B 450 1.17 -44.15 -45.20
CA THR B 450 0.78 -45.19 -44.26
C THR B 450 2.02 -45.90 -43.77
N LEU B 451 2.05 -46.18 -42.47
CA LEU B 451 3.21 -46.82 -41.84
C LEU B 451 2.84 -48.19 -41.31
N ARG B 452 3.73 -49.15 -41.52
CA ARG B 452 3.51 -50.52 -41.08
C ARG B 452 4.81 -51.10 -40.53
N TRP B 453 4.67 -51.93 -39.49
CA TRP B 453 5.81 -52.55 -38.82
C TRP B 453 5.92 -54.02 -39.21
N PHE B 454 7.16 -54.49 -39.34
CA PHE B 454 7.43 -55.89 -39.62
C PHE B 454 8.59 -56.33 -38.73
N LYS B 455 8.68 -57.64 -38.50
CA LYS B 455 9.69 -58.21 -37.64
C LYS B 455 10.41 -59.34 -38.38
N ASN B 456 11.74 -59.25 -38.44
CA ASN B 456 12.59 -60.32 -38.98
C ASN B 456 12.19 -60.69 -40.41
N GLY B 457 11.87 -59.67 -41.22
CA GLY B 457 11.56 -59.90 -42.61
C GLY B 457 10.26 -60.65 -42.87
N GLN B 458 9.32 -60.59 -41.94
CA GLN B 458 8.03 -61.22 -42.15
C GLN B 458 7.13 -60.32 -42.99
N GLY B 459 6.38 -60.94 -43.91
CA GLY B 459 5.43 -60.18 -44.71
C GLY B 459 4.21 -59.73 -43.94
N SER B 460 3.95 -60.33 -42.78
CA SER B 460 2.81 -59.95 -41.95
C SER B 460 3.15 -58.70 -41.16
N ASN B 461 2.33 -57.67 -41.30
CA ASN B 461 2.54 -56.43 -40.56
C ASN B 461 2.05 -56.59 -39.12
N LEU B 462 2.74 -55.94 -38.19
CA LEU B 462 2.50 -56.10 -36.77
C LEU B 462 1.35 -55.20 -36.34
N ASP B 463 0.21 -55.81 -36.05
CA ASP B 463 -0.95 -55.10 -35.55
C ASP B 463 -1.93 -56.11 -34.98
N GLY B 464 -2.81 -55.63 -34.11
CA GLY B 464 -3.80 -56.48 -33.49
C GLY B 464 -3.45 -56.78 -32.03
N GLY B 465 -3.42 -58.06 -31.68
CA GLY B 465 -3.12 -58.42 -30.31
C GLY B 465 -1.67 -58.12 -29.95
N ASN B 466 -1.48 -57.64 -28.72
CA ASN B 466 -0.16 -57.36 -28.13
C ASN B 466 0.56 -56.20 -28.80
N TYR B 467 0.08 -55.76 -29.97
CA TYR B 467 0.70 -54.67 -30.70
C TYR B 467 -0.30 -53.54 -30.90
N HIS B 468 0.20 -52.30 -30.84
CA HIS B 468 -0.65 -51.15 -31.15
C HIS B 468 0.17 -50.11 -31.90
N VAL B 469 -0.42 -49.52 -32.94
CA VAL B 469 0.25 -48.53 -33.77
C VAL B 469 -0.42 -47.18 -33.54
N TYR B 470 0.38 -46.18 -33.19
CA TYR B 470 -0.11 -44.83 -32.97
C TYR B 470 -0.04 -44.02 -34.26
N GLU B 471 -0.73 -42.88 -34.26
CA GLU B 471 -0.80 -42.05 -35.46
C GLU B 471 0.57 -41.53 -35.87
N ASN B 472 1.44 -41.25 -34.90
CA ASN B 472 2.77 -40.73 -35.19
C ASN B 472 3.76 -41.81 -35.60
N GLY B 473 3.30 -43.06 -35.76
CA GLY B 473 4.14 -44.13 -36.26
C GLY B 473 4.74 -45.03 -35.20
N SER B 474 4.63 -44.66 -33.92
CA SER B 474 5.21 -45.47 -32.86
C SER B 474 4.41 -46.75 -32.64
N LEU B 475 5.10 -47.79 -32.20
CA LEU B 475 4.50 -49.10 -31.97
C LEU B 475 4.69 -49.48 -30.50
N GLU B 476 3.60 -49.78 -29.82
CA GLU B 476 3.63 -50.23 -28.44
C GLU B 476 3.41 -51.73 -28.37
N ILE B 477 4.32 -52.42 -27.68
CA ILE B 477 4.16 -53.83 -27.34
C ILE B 477 3.76 -53.88 -25.87
N LYS B 478 2.57 -54.42 -25.60
CA LYS B 478 1.96 -54.29 -24.29
C LYS B 478 2.54 -55.26 -23.27
N MET B 479 2.85 -56.49 -23.69
CA MET B 479 3.44 -57.48 -22.79
C MET B 479 4.45 -58.28 -23.61
N ILE B 480 5.73 -58.11 -23.30
CA ILE B 480 6.80 -58.60 -24.15
C ILE B 480 7.10 -60.06 -23.80
N ARG B 481 7.21 -60.89 -24.83
CA ARG B 481 7.70 -62.25 -24.70
C ARG B 481 9.16 -62.30 -25.12
N LYS B 482 9.82 -63.42 -24.78
CA LYS B 482 11.21 -63.58 -25.21
C LYS B 482 11.30 -63.71 -26.72
N GLU B 483 10.22 -64.18 -27.36
CA GLU B 483 10.19 -64.28 -28.81
C GLU B 483 10.14 -62.90 -29.48
N ASP B 484 9.73 -61.86 -28.75
CA ASP B 484 9.61 -60.52 -29.30
C ASP B 484 10.96 -59.85 -29.56
N GLN B 485 12.06 -60.48 -29.18
CA GLN B 485 13.37 -59.91 -29.45
C GLN B 485 13.70 -60.01 -30.94
N GLY B 486 14.40 -59.00 -31.45
CA GLY B 486 14.88 -59.04 -32.81
C GLY B 486 14.82 -57.68 -33.48
N ILE B 487 14.90 -57.69 -34.80
CA ILE B 487 14.95 -56.46 -35.59
C ILE B 487 13.55 -56.12 -36.06
N TYR B 488 13.15 -54.86 -35.85
CA TYR B 488 11.87 -54.35 -36.29
C TYR B 488 12.10 -53.29 -37.36
N THR B 489 11.35 -53.41 -38.47
CA THR B 489 11.42 -52.45 -39.56
C THR B 489 10.09 -51.72 -39.66
N CYS B 490 10.14 -50.40 -39.63
CA CYS B 490 8.97 -49.59 -39.92
C CYS B 490 9.10 -49.02 -41.33
N VAL B 491 8.04 -49.15 -42.12
CA VAL B 491 8.01 -48.70 -43.50
C VAL B 491 6.86 -47.71 -43.66
N ALA B 492 7.18 -46.53 -44.18
CA ALA B 492 6.19 -45.50 -44.49
C ALA B 492 6.10 -45.36 -46.00
N THR B 493 4.89 -45.36 -46.54
CA THR B 493 4.72 -45.41 -47.98
C THR B 493 3.57 -44.51 -48.42
N ASN B 494 3.79 -43.80 -49.53
CA ASN B 494 2.75 -43.08 -50.25
C ASN B 494 2.98 -43.29 -51.74
N ILE B 495 2.09 -42.71 -52.55
CA ILE B 495 2.19 -42.88 -54.00
C ILE B 495 3.53 -42.40 -54.55
N LEU B 496 4.19 -41.46 -53.87
CA LEU B 496 5.46 -40.93 -54.34
C LEU B 496 6.65 -41.81 -54.00
N GLY B 497 6.48 -42.83 -53.17
CA GLY B 497 7.56 -43.72 -52.81
C GLY B 497 7.45 -44.13 -51.35
N LYS B 498 8.51 -44.78 -50.86
CA LYS B 498 8.51 -45.29 -49.50
C LYS B 498 9.88 -45.06 -48.85
N ALA B 499 9.88 -45.14 -47.51
CA ALA B 499 11.09 -45.05 -46.71
C ALA B 499 11.01 -46.07 -45.58
N GLU B 500 12.17 -46.49 -45.08
CA GLU B 500 12.25 -47.54 -44.08
C GLU B 500 13.16 -47.10 -42.94
N ASN B 501 12.98 -47.77 -41.79
CA ASN B 501 13.82 -47.51 -40.63
C ASN B 501 13.87 -48.77 -39.76
N GLN B 502 14.99 -48.92 -39.03
CA GLN B 502 15.30 -50.15 -38.31
C GLN B 502 15.54 -49.85 -36.83
N VAL B 503 14.99 -50.71 -35.96
CA VAL B 503 15.21 -50.63 -34.52
C VAL B 503 15.33 -52.04 -33.97
N ARG B 504 16.40 -52.28 -33.20
CA ARG B 504 16.69 -53.59 -32.64
C ARG B 504 16.23 -53.65 -31.19
N LEU B 505 15.30 -54.56 -30.91
CA LEU B 505 14.73 -54.74 -29.58
C LEU B 505 15.39 -55.95 -28.92
N GLU B 506 15.93 -55.74 -27.72
CA GLU B 506 16.64 -56.78 -26.99
C GLU B 506 15.94 -57.06 -25.67
N VAL B 507 15.47 -58.29 -25.51
CA VAL B 507 14.79 -58.73 -24.29
C VAL B 507 15.84 -59.26 -23.31
N LYS B 508 15.90 -58.66 -22.14
CA LYS B 508 16.77 -59.09 -21.06
C LYS B 508 15.99 -59.92 -20.06
N ASP B 509 16.71 -60.75 -19.31
CA ASP B 509 16.06 -61.58 -18.30
C ASP B 509 15.64 -60.72 -17.12
N PRO B 510 14.46 -60.97 -16.54
CA PRO B 510 13.99 -60.14 -15.44
C PRO B 510 14.80 -60.37 -14.18
N THR B 511 14.92 -59.33 -13.36
CA THR B 511 15.54 -59.44 -12.05
C THR B 511 14.47 -59.87 -11.06
N ARG B 512 14.55 -61.12 -10.60
CA ARG B 512 13.56 -61.70 -9.71
C ARG B 512 14.24 -62.17 -8.43
N ILE B 513 13.66 -61.82 -7.28
CA ILE B 513 14.17 -62.26 -5.99
C ILE B 513 13.56 -63.63 -5.72
N TYR B 514 14.37 -64.68 -5.85
CA TYR B 514 13.84 -66.03 -5.70
C TYR B 514 13.97 -66.56 -4.27
N ARG B 515 14.68 -65.85 -3.40
CA ARG B 515 14.71 -66.15 -1.98
C ARG B 515 14.50 -64.83 -1.24
N MET B 516 13.30 -64.62 -0.73
CA MET B 516 12.91 -63.38 -0.09
C MET B 516 13.04 -63.48 1.42
N PRO B 517 13.21 -62.35 2.11
CA PRO B 517 13.26 -62.39 3.58
C PRO B 517 11.89 -62.70 4.17
N GLU B 518 11.89 -63.57 5.18
CA GLU B 518 10.67 -64.04 5.81
C GLU B 518 10.41 -63.29 7.11
N ASP B 519 9.13 -63.05 7.40
CA ASP B 519 8.76 -62.42 8.65
C ASP B 519 9.14 -63.32 9.81
N GLN B 520 9.57 -62.73 10.92
CA GLN B 520 9.96 -63.53 12.07
C GLN B 520 9.81 -62.76 13.37
N VAL B 521 9.68 -63.51 14.45
CA VAL B 521 9.53 -63.00 15.80
C VAL B 521 10.72 -63.49 16.61
N ALA B 522 11.53 -62.55 17.11
CA ALA B 522 12.76 -62.87 17.80
C ALA B 522 12.78 -62.23 19.18
N LYS B 523 13.40 -62.92 20.13
CA LYS B 523 13.62 -62.35 21.45
C LYS B 523 14.92 -61.57 21.47
N ARG B 524 14.98 -60.57 22.34
CA ARG B 524 16.12 -59.66 22.38
C ARG B 524 17.42 -60.42 22.59
N GLY B 525 18.46 -60.01 21.86
CA GLY B 525 19.76 -60.62 21.95
C GLY B 525 20.08 -61.62 20.86
N THR B 526 19.06 -62.11 20.15
CA THR B 526 19.27 -63.10 19.11
C THR B 526 19.85 -62.46 17.85
N THR B 527 20.32 -63.31 16.95
CA THR B 527 20.82 -62.90 15.65
C THR B 527 19.82 -63.35 14.59
N VAL B 528 19.31 -62.41 13.80
CA VAL B 528 18.31 -62.69 12.78
C VAL B 528 18.93 -62.51 11.41
N GLN B 529 18.56 -63.37 10.48
CA GLN B 529 19.06 -63.31 9.11
C GLN B 529 17.89 -63.18 8.15
N LEU B 530 17.97 -62.19 7.26
CA LEU B 530 16.98 -61.98 6.21
C LEU B 530 17.68 -62.21 4.87
N GLU B 531 17.33 -63.30 4.21
CA GLU B 531 17.98 -63.67 2.96
C GLU B 531 17.32 -62.96 1.78
N CYS B 532 18.16 -62.55 0.81
CA CYS B 532 17.65 -61.87 -0.39
C CYS B 532 18.56 -62.30 -1.56
N ARG B 533 18.16 -63.40 -2.21
CA ARG B 533 18.87 -63.91 -3.37
C ARG B 533 18.11 -63.53 -4.64
N VAL B 534 18.82 -62.94 -5.60
CA VAL B 534 18.23 -62.36 -6.80
C VAL B 534 18.89 -62.97 -8.03
N LYS B 535 18.08 -63.33 -9.02
CA LYS B 535 18.56 -63.66 -10.35
C LYS B 535 18.31 -62.48 -11.28
N HIS B 536 19.23 -62.29 -12.23
CA HIS B 536 19.14 -61.16 -13.14
C HIS B 536 19.89 -61.51 -14.43
N ASP B 537 19.74 -60.65 -15.42
CA ASP B 537 20.46 -60.84 -16.67
C ASP B 537 21.95 -60.62 -16.44
N PRO B 538 22.81 -61.56 -16.86
CA PRO B 538 24.25 -61.42 -16.57
C PRO B 538 24.86 -60.13 -17.12
N SER B 539 24.37 -59.65 -18.26
CA SER B 539 24.89 -58.41 -18.85
C SER B 539 24.11 -57.21 -18.29
N LEU B 540 24.10 -57.09 -16.97
CA LEU B 540 23.43 -56.01 -16.28
C LEU B 540 24.08 -55.82 -14.92
N LYS B 541 24.18 -54.56 -14.49
CA LYS B 541 24.73 -54.23 -13.18
C LYS B 541 23.59 -54.24 -12.16
N LEU B 542 23.57 -55.25 -11.30
CA LEU B 542 22.56 -55.36 -10.27
C LEU B 542 23.04 -54.71 -8.99
N THR B 543 22.19 -53.89 -8.37
CA THR B 543 22.49 -53.29 -7.08
C THR B 543 21.36 -53.58 -6.11
N VAL B 544 21.71 -54.04 -4.91
CA VAL B 544 20.74 -54.39 -3.89
C VAL B 544 20.95 -53.48 -2.69
N SER B 545 19.85 -52.97 -2.13
CA SER B 545 19.89 -52.14 -0.94
C SER B 545 18.76 -52.54 -0.02
N TRP B 546 18.83 -52.06 1.22
CA TRP B 546 17.84 -52.40 2.24
C TRP B 546 17.21 -51.12 2.79
N LEU B 547 15.95 -51.24 3.17
CA LEU B 547 15.18 -50.13 3.74
C LEU B 547 14.60 -50.58 5.08
N LYS B 548 14.92 -49.84 6.13
CA LYS B 548 14.31 -50.05 7.44
C LYS B 548 13.01 -49.25 7.51
N ASP B 549 11.94 -49.91 7.92
CA ASP B 549 10.58 -49.38 7.77
C ASP B 549 10.30 -49.09 6.30
N ASP B 550 10.49 -47.85 5.87
CA ASP B 550 10.38 -47.51 4.46
C ASP B 550 11.43 -46.51 4.01
N GLU B 551 12.45 -46.24 4.83
CA GLU B 551 13.55 -45.35 4.53
C GLU B 551 14.86 -46.11 4.41
N PRO B 552 15.82 -45.63 3.63
CA PRO B 552 17.07 -46.37 3.43
C PRO B 552 17.77 -46.67 4.74
N LEU B 553 18.23 -47.93 4.86
CA LEU B 553 18.87 -48.41 6.07
C LEU B 553 20.37 -48.16 6.02
N TYR B 554 20.90 -47.52 7.06
CA TYR B 554 22.33 -47.31 7.17
C TYR B 554 23.00 -48.55 7.75
N ILE B 555 24.02 -49.05 7.06
CA ILE B 555 24.75 -50.21 7.56
C ILE B 555 25.64 -49.76 8.72
N GLY B 556 25.52 -50.43 9.85
CA GLY B 556 26.28 -50.05 11.03
C GLY B 556 26.88 -51.25 11.76
N ASN B 557 27.42 -51.00 12.94
CA ASN B 557 27.98 -52.07 13.75
C ASN B 557 26.90 -53.08 14.10
N ARG B 558 27.31 -54.34 14.26
CA ARG B 558 26.48 -55.51 14.54
C ARG B 558 25.51 -55.85 13.39
N MET B 559 25.56 -55.11 12.29
CA MET B 559 24.82 -55.45 11.08
C MET B 559 25.79 -55.88 10.00
N LYS B 560 25.58 -57.06 9.42
CA LYS B 560 26.44 -57.62 8.39
C LYS B 560 25.64 -57.79 7.11
N LYS B 561 26.06 -57.10 6.05
CA LYS B 561 25.37 -57.15 4.77
C LYS B 561 26.16 -58.07 3.85
N GLU B 562 25.77 -59.34 3.81
CA GLU B 562 26.32 -60.28 2.85
C GLU B 562 25.67 -60.05 1.49
N ASP B 563 26.29 -60.62 0.45
CA ASP B 563 25.74 -60.46 -0.89
C ASP B 563 24.38 -61.14 -1.03
N ASP B 564 24.12 -62.16 -0.24
CA ASP B 564 22.88 -62.91 -0.33
C ASP B 564 21.93 -62.70 0.84
N SER B 565 22.37 -62.02 1.90
CA SER B 565 21.54 -61.86 3.09
C SER B 565 21.95 -60.62 3.85
N LEU B 566 21.18 -60.33 4.90
CA LEU B 566 21.47 -59.28 5.87
C LEU B 566 21.24 -59.85 7.26
N THR B 567 22.28 -59.86 8.07
CA THR B 567 22.21 -60.41 9.43
C THR B 567 22.32 -59.28 10.45
N ILE B 568 21.52 -59.37 11.50
CA ILE B 568 21.50 -58.40 12.59
C ILE B 568 21.79 -59.15 13.88
N PHE B 569 22.81 -58.72 14.60
CA PHE B 569 23.21 -59.33 15.86
C PHE B 569 22.66 -58.52 17.03
N GLY B 570 22.25 -59.22 18.08
CA GLY B 570 21.73 -58.57 19.26
C GLY B 570 20.55 -57.67 18.97
N VAL B 571 19.46 -58.25 18.45
CA VAL B 571 18.29 -57.46 18.13
C VAL B 571 17.67 -56.93 19.41
N ALA B 572 17.03 -55.76 19.31
CA ALA B 572 16.31 -55.16 20.43
C ALA B 572 15.08 -54.48 19.85
N GLU B 573 14.47 -53.59 20.64
CA GLU B 573 13.22 -52.98 20.22
C GLU B 573 13.40 -52.05 19.02
N ARG B 574 14.60 -51.48 18.85
CA ARG B 574 14.80 -50.53 17.75
C ARG B 574 14.77 -51.23 16.40
N ASP B 575 15.28 -52.46 16.33
CA ASP B 575 15.31 -53.19 15.07
C ASP B 575 13.95 -53.69 14.63
N GLN B 576 12.93 -53.60 15.49
CA GLN B 576 11.60 -54.08 15.14
C GLN B 576 10.99 -53.20 14.06
N GLY B 577 10.35 -53.84 13.09
CA GLY B 577 9.71 -53.12 12.01
C GLY B 577 9.80 -53.90 10.71
N SER B 578 9.56 -53.19 9.61
CA SER B 578 9.53 -53.79 8.28
C SER B 578 10.84 -53.52 7.56
N TYR B 579 11.42 -54.58 7.00
CA TYR B 579 12.65 -54.50 6.22
C TYR B 579 12.33 -54.80 4.75
N THR B 580 12.86 -53.97 3.85
CA THR B 580 12.57 -54.08 2.42
C THR B 580 13.88 -54.24 1.65
N CYS B 581 14.03 -55.40 1.01
CA CYS B 581 15.13 -55.63 0.07
C CYS B 581 14.73 -55.12 -1.30
N MET B 582 15.58 -54.28 -1.88
CA MET B 582 15.34 -53.68 -3.20
C MET B 582 16.48 -54.07 -4.13
N ALA B 583 16.17 -54.80 -5.18
CA ALA B 583 17.14 -55.22 -6.19
C ALA B 583 16.80 -54.51 -7.49
N SER B 584 17.74 -53.71 -8.00
CA SER B 584 17.46 -52.88 -9.16
C SER B 584 18.60 -52.96 -10.18
N THR B 585 18.21 -53.01 -11.46
CA THR B 585 19.07 -52.79 -12.60
C THR B 585 18.50 -51.62 -13.39
N GLU B 586 19.31 -51.15 -14.37
CA GLU B 586 18.96 -49.94 -15.10
C GLU B 586 17.55 -50.00 -15.69
N LEU B 587 17.02 -51.19 -15.91
CA LEU B 587 15.72 -51.36 -16.55
C LEU B 587 14.69 -52.05 -15.66
N ASP B 588 15.05 -52.44 -14.44
CA ASP B 588 14.15 -53.28 -13.66
C ASP B 588 14.33 -53.03 -12.18
N GLN B 589 13.29 -53.37 -11.42
CA GLN B 589 13.29 -53.20 -9.98
C GLN B 589 12.42 -54.28 -9.34
N ASP B 590 12.83 -54.74 -8.17
CA ASP B 590 12.08 -55.75 -7.44
C ASP B 590 12.18 -55.48 -5.95
N LEU B 591 11.06 -55.62 -5.26
CA LEU B 591 10.95 -55.33 -3.83
C LEU B 591 10.50 -56.56 -3.07
N ALA B 592 11.05 -56.74 -1.88
CA ALA B 592 10.64 -57.77 -0.93
C ALA B 592 10.49 -57.14 0.43
N LYS B 593 9.36 -57.39 1.09
CA LYS B 593 9.08 -56.76 2.38
C LYS B 593 8.79 -57.83 3.43
N ALA B 594 9.54 -57.79 4.53
CA ALA B 594 9.36 -58.71 5.64
C ALA B 594 9.18 -57.92 6.92
N TYR B 595 8.62 -58.56 7.94
CA TYR B 595 8.39 -57.92 9.22
C TYR B 595 9.13 -58.67 10.31
N LEU B 596 9.81 -57.92 11.19
CA LEU B 596 10.56 -58.47 12.31
C LEU B 596 9.99 -57.90 13.60
N THR B 597 9.44 -58.76 14.43
CA THR B 597 9.00 -58.37 15.76
C THR B 597 10.03 -58.80 16.79
N VAL B 598 10.17 -58.01 17.84
CA VAL B 598 11.13 -58.28 18.92
C VAL B 598 10.35 -58.33 20.22
N LEU B 599 10.38 -59.49 20.87
CA LEU B 599 9.62 -59.70 22.10
C LEU B 599 10.21 -58.86 23.24
N ALA B 600 9.43 -58.79 24.32
CA ALA B 600 9.85 -58.14 25.55
C ALA B 600 9.89 -59.17 26.68
N ASP B 601 10.67 -58.87 27.70
CA ASP B 601 10.82 -59.78 28.84
C ASP B 601 9.89 -59.36 29.98
C1 NAG C . 16.76 36.21 -0.34
C2 NAG C . 15.96 35.46 -1.40
C3 NAG C . 16.39 33.99 -1.43
C4 NAG C . 17.90 33.87 -1.58
C5 NAG C . 18.61 34.72 -0.52
C6 NAG C . 20.11 34.76 -0.71
C7 NAG C . 13.71 36.24 -2.00
C8 NAG C . 12.27 36.25 -1.61
N2 NAG C . 14.53 35.58 -1.17
O3 NAG C . 15.74 33.34 -2.50
O4 NAG C . 18.28 32.51 -1.42
O5 NAG C . 18.15 36.07 -0.59
O6 NAG C . 20.47 35.59 -1.80
O7 NAG C . 14.12 36.79 -3.02
C1 NAG C . 18.81 32.04 -2.68
C2 NAG C . 19.63 30.78 -2.43
C3 NAG C . 20.19 30.26 -3.74
C4 NAG C . 19.07 30.08 -4.77
C5 NAG C . 18.21 31.33 -4.88
C6 NAG C . 16.98 31.13 -5.74
C7 NAG C . 20.61 30.75 -0.18
C8 NAG C . 21.82 31.08 0.66
N2 NAG C . 20.71 31.04 -1.48
O3 NAG C . 20.85 29.01 -3.52
O4 NAG C . 19.66 29.82 -6.04
O5 NAG C . 17.75 31.75 -3.60
O6 NAG C . 16.17 30.09 -5.22
O7 NAG C . 19.60 30.25 0.31
C1 BMA C . 19.41 28.46 -6.45
C2 BMA C . 19.39 28.45 -7.98
C3 BMA C . 19.23 27.03 -8.49
C4 BMA C . 20.24 26.07 -7.83
C5 BMA C . 20.22 26.21 -6.29
C6 BMA C . 21.32 25.41 -5.64
O2 BMA C . 20.62 28.92 -8.50
O3 BMA C . 19.38 26.98 -9.91
O4 BMA C . 19.93 24.72 -8.18
O5 BMA C . 20.41 27.59 -5.95
O6 BMA C . 21.28 25.66 -4.23
C1 MAN C . 18.23 26.35 -10.48
C2 MAN C . 18.65 25.78 -11.85
C3 MAN C . 19.01 26.96 -12.76
C4 MAN C . 17.84 27.95 -12.85
C5 MAN C . 17.41 28.42 -11.45
C6 MAN C . 16.14 29.24 -11.48
O2 MAN C . 17.55 25.13 -12.48
O3 MAN C . 19.40 26.51 -14.06
O4 MAN C . 18.23 29.09 -13.61
O5 MAN C . 17.16 27.26 -10.61
O6 MAN C . 15.63 29.35 -10.15
C1 MAN C . 17.70 23.69 -12.39
C2 MAN C . 16.66 23.07 -13.36
C3 MAN C . 15.26 23.32 -12.83
C4 MAN C . 15.11 22.78 -11.39
C5 MAN C . 16.18 23.43 -10.49
C6 MAN C . 16.19 22.86 -9.09
O2 MAN C . 16.80 21.65 -13.42
O3 MAN C . 14.26 22.74 -13.67
O4 MAN C . 13.83 23.09 -10.89
O5 MAN C . 17.50 23.22 -11.06
O6 MAN C . 17.23 23.52 -8.35
C1 MAN C . 21.26 24.38 -3.56
C2 MAN C . 20.39 24.54 -2.28
C3 MAN C . 21.15 25.20 -1.11
C4 MAN C . 22.62 24.74 -1.01
C5 MAN C . 23.30 24.80 -2.38
C6 MAN C . 24.73 24.29 -2.34
O2 MAN C . 19.96 23.26 -1.77
O3 MAN C . 20.50 24.92 0.12
O4 MAN C . 23.34 25.58 -0.11
O5 MAN C . 22.58 23.96 -3.27
O6 MAN C . 25.27 24.33 -3.66
C1 MAN C . 20.25 26.11 0.87
C2 MAN C . 20.22 25.69 2.35
C3 MAN C . 19.06 24.72 2.55
C4 MAN C . 17.74 25.32 2.05
C5 MAN C . 17.88 25.81 0.60
C6 MAN C . 16.67 26.59 0.10
O2 MAN C . 19.95 26.80 3.20
O3 MAN C . 18.94 24.32 3.91
O4 MAN C . 16.71 24.35 2.12
O5 MAN C . 19.03 26.69 0.49
O6 MAN C . 16.94 27.06 -1.21
C1 NAG D . -15.97 35.09 32.78
C2 NAG D . -17.01 34.06 33.20
C3 NAG D . -16.84 32.77 32.39
C4 NAG D . -16.84 33.06 30.89
C5 NAG D . -15.81 34.14 30.56
C6 NAG D . -15.85 34.58 29.12
C7 NAG D . -15.91 33.33 35.28
C8 NAG D . -16.08 33.13 36.76
N2 NAG D . -16.97 33.80 34.63
O3 NAG D . -17.89 31.86 32.71
O4 NAG D . -16.55 31.88 30.17
O5 NAG D . -16.05 35.32 31.36
O6 NAG D . -17.18 34.78 28.67
O7 NAG D . -14.86 33.06 34.72
C1 NAG D . -17.62 31.58 29.25
C2 NAG D . -17.36 30.24 28.54
C3 NAG D . -18.50 29.92 27.59
C4 NAG D . -19.84 29.97 28.32
C5 NAG D . -20.01 31.31 29.04
C6 NAG D . -21.26 31.37 29.89
C7 NAG D . -15.46 29.16 27.41
C8 NAG D . -14.16 29.37 26.70
N2 NAG D . -16.10 30.26 27.83
O3 NAG D . -18.31 28.63 27.01
O4 NAG D . -20.91 29.79 27.41
O5 NAG D . -18.89 31.52 29.92
O6 NAG D . -21.13 30.57 31.06
O7 NAG D . -15.92 28.03 27.61
C1 BMA D . -21.38 28.42 27.49
C2 BMA D . -22.91 28.41 27.35
C3 BMA D . -23.40 26.97 27.35
C4 BMA D . -22.65 26.12 26.30
C5 BMA D . -21.13 26.24 26.53
C6 BMA D . -20.31 25.49 25.50
O2 BMA D . -23.30 28.97 26.11
O3 BMA D . -24.81 26.88 27.16
O4 BMA D . -23.04 24.76 26.38
O5 BMA D . -20.77 27.62 26.47
O6 BMA D . -18.93 25.57 25.88
C1 MAN D . -25.43 26.48 28.41
C2 MAN D . -26.92 26.17 28.12
C3 MAN D . -27.70 27.47 27.88
C4 MAN D . -27.47 28.46 29.02
C5 MAN D . -25.97 28.73 29.18
C6 MAN D . -25.66 29.66 30.34
O2 MAN D . -27.56 25.58 29.26
O3 MAN D . -29.08 27.24 27.69
O4 MAN D . -28.15 29.68 28.75
O5 MAN D . -25.28 27.49 29.41
O6 MAN D . -26.57 30.75 30.31
C1 NAG E . -5.56 44.17 21.01
C2 NAG E . -6.67 43.26 20.49
C3 NAG E . -7.11 42.29 21.59
C4 NAG E . -5.91 41.55 22.18
C5 NAG E . -4.85 42.55 22.62
C6 NAG E . -3.58 41.90 23.12
C7 NAG E . -8.19 44.02 18.72
C8 NAG E . -9.37 44.88 18.40
N2 NAG E . -7.80 44.03 20.01
O3 NAG E . -8.04 41.36 21.05
O4 NAG E . -6.34 40.78 23.30
O5 NAG E . -4.47 43.38 21.51
O6 NAG E . -3.32 40.68 22.43
O7 NAG E . -7.61 43.36 17.87
C1 NAG E . -6.24 39.38 22.97
C2 NAG E . -6.45 38.57 24.26
C3 NAG E . -6.36 37.08 23.95
C4 NAG E . -7.33 36.71 22.83
C5 NAG E . -7.12 37.62 21.62
C6 NAG E . -8.16 37.40 20.54
C7 NAG E . -5.79 39.59 26.39
C8 NAG E . -4.67 39.86 27.34
N2 NAG E . -5.47 38.93 25.27
O3 NAG E . -6.68 36.34 25.13
O4 NAG E . -7.08 35.36 22.44
O5 NAG E . -7.21 39.00 22.01
O6 NAG E . -9.48 37.50 21.07
O7 NAG E . -6.95 39.93 26.64
C1 BMA E . -8.22 34.53 22.75
C2 BMA E . -8.31 33.47 21.64
C3 BMA E . -9.41 32.47 21.97
C4 BMA E . -9.27 31.92 23.39
C5 BMA E . -9.20 33.08 24.40
C6 BMA E . -9.03 32.62 25.84
O2 BMA E . -7.10 32.74 21.53
O3 BMA E . -9.43 31.39 21.04
O4 BMA E . -10.37 31.07 23.71
O5 BMA E . -8.09 33.92 24.04
O6 BMA E . -7.99 31.66 25.88
C1 NAG F . -12.59 -13.65 -30.99
C2 NAG F . -11.66 -12.45 -30.86
C3 NAG F . -11.97 -11.67 -29.59
C4 NAG F . -13.45 -11.32 -29.50
C5 NAG F . -14.29 -12.57 -29.69
C6 NAG F . -15.77 -12.28 -29.75
C7 NAG F . -9.45 -12.64 -31.91
C8 NAG F . -8.05 -13.14 -31.75
N2 NAG F . -10.27 -12.86 -30.88
O3 NAG F . -11.19 -10.47 -29.56
O4 NAG F . -13.74 -10.77 -28.22
O5 NAG F . -13.95 -13.21 -30.92
O6 NAG F . -16.16 -11.80 -31.03
O7 NAG F . -9.82 -12.07 -32.92
C1 NAG F . -14.14 -9.39 -28.36
C2 NAG F . -15.11 -9.07 -27.21
C3 NAG F . -15.48 -7.58 -27.22
C4 NAG F . -14.22 -6.72 -27.24
C5 NAG F . -13.34 -7.13 -28.42
C6 NAG F . -12.04 -6.38 -28.49
C7 NAG F . -17.15 -10.11 -26.31
C8 NAG F . -18.34 -10.97 -26.61
N2 NAG F . -16.31 -9.88 -27.33
O3 NAG F . -16.24 -7.28 -26.06
O4 NAG F . -14.59 -5.35 -27.36
O5 NAG F . -13.02 -8.52 -28.29
O6 NAG F . -11.16 -6.78 -27.46
O7 NAG F . -16.96 -9.63 -25.20
C1 BMA F . -14.05 -4.59 -26.25
C2 BMA F . -13.89 -3.14 -26.73
C3 BMA F . -13.40 -2.26 -25.57
C4 BMA F . -14.29 -2.42 -24.34
C5 BMA F . -14.40 -3.91 -23.96
C6 BMA F . -15.32 -4.14 -22.79
O2 BMA F . -15.14 -2.60 -27.14
O3 BMA F . -13.36 -0.90 -25.95
O4 BMA F . -13.74 -1.71 -23.24
O5 BMA F . -14.91 -4.65 -25.10
O6 BMA F . -15.35 -5.52 -22.53
C1 MAN F . -12.00 -0.43 -25.84
C2 MAN F . -12.05 1.10 -25.89
C3 MAN F . -12.54 1.52 -27.29
C4 MAN F . -11.65 0.92 -28.39
C5 MAN F . -11.60 -0.61 -28.24
C6 MAN F . -10.63 -1.27 -29.19
O2 MAN F . -10.73 1.65 -25.76
O3 MAN F . -12.60 2.95 -27.43
O4 MAN F . -12.18 1.25 -29.66
O5 MAN F . -11.20 -0.96 -26.88
O6 MAN F . -10.64 -2.68 -28.95
C1 MAN F . -10.75 2.76 -24.84
C2 MAN F . -9.96 3.89 -25.53
C3 MAN F . -8.51 3.47 -25.67
C4 MAN F . -7.92 3.08 -24.31
C5 MAN F . -8.77 1.99 -23.64
C6 MAN F . -8.33 1.70 -22.22
O2 MAN F . -9.96 5.07 -24.73
O3 MAN F . -7.72 4.50 -26.28
O4 MAN F . -6.60 2.60 -24.48
O5 MAN F . -10.16 2.41 -23.59
O6 MAN F . -9.36 0.95 -21.57
C1 MAN F . -15.98 -5.74 -21.25
C2 MAN F . -15.44 -7.09 -20.74
C3 MAN F . -15.95 -8.24 -21.61
C4 MAN F . -17.47 -8.13 -21.91
C5 MAN F . -17.85 -6.72 -22.38
C6 MAN F . -19.35 -6.53 -22.50
O2 MAN F . -15.92 -7.36 -19.42
O3 MAN F . -15.70 -9.48 -20.98
O4 MAN F . -17.80 -9.06 -22.94
O5 MAN F . -17.38 -5.77 -21.40
O6 MAN F . -19.59 -5.22 -23.01
C1 MAN F . -14.93 -10.33 -21.85
C2 MAN F . -15.26 -11.76 -21.46
C3 MAN F . -14.82 -11.99 -20.02
C4 MAN F . -13.34 -11.61 -19.84
C5 MAN F . -13.09 -10.18 -20.34
C6 MAN F . -11.62 -9.79 -20.34
O2 MAN F . -14.54 -12.70 -22.25
O3 MAN F . -15.05 -13.33 -19.60
O4 MAN F . -12.98 -11.71 -18.46
O5 MAN F . -13.56 -10.06 -21.69
O6 MAN F . -11.49 -8.55 -21.05
C1 NAG G . 9.74 -50.87 -17.53
C2 NAG G . 9.90 -51.18 -16.04
C3 NAG G . 10.13 -49.88 -15.24
C4 NAG G . 11.24 -49.05 -15.85
C5 NAG G . 10.94 -48.80 -17.32
C6 NAG G . 11.99 -48.01 -18.05
C7 NAG G . 8.76 -53.17 -15.18
C8 NAG G . 10.06 -53.87 -15.32
N2 NAG G . 8.74 -51.88 -15.53
O3 NAG G . 10.47 -50.23 -13.90
O4 NAG G . 11.34 -47.80 -15.15
O5 NAG G . 10.83 -50.06 -17.99
O6 NAG G . 13.09 -48.83 -18.42
O7 NAG G . 7.75 -53.74 -14.77
C1 NAG G . 12.69 -47.58 -14.73
C2 NAG G . 12.91 -46.06 -14.64
C3 NAG G . 14.33 -45.76 -14.17
C4 NAG G . 14.63 -46.49 -12.88
C5 NAG G . 14.35 -47.99 -13.04
C6 NAG G . 14.53 -48.76 -11.76
C7 NAG G . 11.45 -44.89 -16.22
C8 NAG G . 11.34 -44.27 -17.58
N2 NAG G . 12.64 -45.42 -15.91
O3 NAG G . 14.48 -44.35 -13.99
O4 NAG G . 16.00 -46.31 -12.52
O5 NAG G . 12.99 -48.19 -13.46
O6 NAG G . 13.36 -48.71 -10.95
O7 NAG G . 10.51 -44.92 -15.44
C1 BMA G . 16.05 -45.50 -11.32
C2 BMA G . 17.51 -45.40 -10.91
C3 BMA G . 17.66 -44.53 -9.66
C4 BMA G . 16.92 -43.18 -9.83
C5 BMA G . 15.48 -43.37 -10.38
C6 BMA G . 14.83 -42.06 -10.77
O2 BMA G . 18.29 -44.78 -11.93
O3 BMA G . 19.03 -44.28 -9.32
O4 BMA G . 16.86 -42.49 -8.58
O5 BMA G . 15.53 -44.19 -11.56
O6 BMA G . 15.74 -41.35 -11.61
C1 MAN G . 19.73 -45.43 -8.76
C2 MAN G . 20.77 -45.89 -9.83
C3 MAN G . 20.62 -47.38 -10.09
C4 MAN G . 20.63 -48.13 -8.76
C5 MAN G . 19.39 -47.74 -7.94
C6 MAN G . 19.65 -47.66 -6.44
O2 MAN G . 22.12 -45.70 -9.37
O3 MAN G . 21.64 -47.87 -10.95
O4 MAN G . 20.61 -49.53 -9.01
O5 MAN G . 18.83 -46.47 -8.37
O6 MAN G . 18.48 -47.18 -5.80
C1 MAN G . 15.01 -40.45 -12.49
C2 MAN G . 15.98 -39.97 -13.60
C3 MAN G . 16.96 -38.91 -13.06
C4 MAN G . 16.27 -37.85 -12.19
C5 MAN G . 15.42 -38.53 -11.11
C6 MAN G . 14.66 -37.55 -10.24
O2 MAN G . 15.28 -39.34 -14.68
O3 MAN G . 17.67 -38.27 -14.13
O4 MAN G . 17.25 -37.03 -11.57
O5 MAN G . 14.46 -39.38 -11.74
O6 MAN G . 13.89 -38.28 -9.30
C1 NAG H . 4.20 -40.91 -30.43
C2 NAG H . 5.33 -40.24 -29.65
C3 NAG H . 5.49 -40.87 -28.27
C4 NAG H . 4.16 -40.91 -27.53
C5 NAG H . 3.10 -41.57 -28.40
C6 NAG H . 1.72 -41.56 -27.77
C7 NAG H . 7.10 -39.28 -31.06
C8 NAG H . 8.39 -39.54 -31.78
N2 NAG H . 6.58 -40.31 -30.40
O3 NAG H . 6.44 -40.12 -27.52
O4 NAG H . 4.31 -41.65 -26.32
O5 NAG H . 2.99 -40.87 -29.65
O6 NAG H . 1.30 -40.25 -27.44
O7 NAG H . 6.54 -38.18 -31.09
C1 NAG H . 4.26 -40.78 -25.16
C2 NAG H . 3.99 -41.64 -23.93
C3 NAG H . 3.96 -40.76 -22.68
C4 NAG H . 5.22 -39.91 -22.59
C5 NAG H . 5.46 -39.15 -23.89
C6 NAG H . 6.78 -38.39 -23.90
C7 NAG H . 2.71 -43.71 -24.25
C8 NAG H . 1.35 -44.31 -24.36
N2 NAG H . 2.76 -42.38 -24.07
O3 NAG H . 3.84 -41.59 -21.54
O4 NAG H . 5.09 -38.97 -21.52
O5 NAG H . 5.48 -40.05 -25.00
O6 NAG H . 7.88 -39.28 -24.01
O7 NAG H . 3.74 -44.38 -24.32
C1 BMA H . 5.89 -39.35 -20.38
C2 BMA H . 6.71 -38.11 -19.95
C3 BMA H . 7.47 -38.43 -18.65
C4 BMA H . 6.54 -39.00 -17.58
C5 BMA H . 5.79 -40.22 -18.13
C6 BMA H . 4.80 -40.79 -17.14
O2 BMA H . 5.86 -37.01 -19.66
O3 BMA H . 8.14 -37.27 -18.16
O4 BMA H . 7.29 -39.37 -16.44
O5 BMA H . 5.06 -39.82 -19.31
O6 BMA H . 4.61 -42.17 -17.44
#